data_1SMB
# 
_entry.id   1SMB 
# 
_audit_conform.dict_name       mmcif_pdbx.dic 
_audit_conform.dict_version    5.403 
_audit_conform.dict_location   http://mmcif.pdb.org/dictionaries/ascii/mmcif_pdbx.dic 
# 
loop_
_database_2.database_id 
_database_2.database_code 
_database_2.pdbx_database_accession 
_database_2.pdbx_DOI 
PDB   1SMB         pdb_00001smb 10.2210/pdb1smb/pdb 
RCSB  RCSB021826   ?            ?                   
WWPDB D_1000021826 ?            ?                   
# 
loop_
_pdbx_audit_revision_history.ordinal 
_pdbx_audit_revision_history.data_content_type 
_pdbx_audit_revision_history.major_revision 
_pdbx_audit_revision_history.minor_revision 
_pdbx_audit_revision_history.revision_date 
_pdbx_audit_revision_history.part_number 
1 'Structure model' 1 0 2004-09-14 ? 
2 'Structure model' 1 1 2008-04-29 ? 
3 'Structure model' 1 2 2011-07-13 ? 
4 'Structure model' 1 3 2025-03-26 ? 
# 
_pdbx_audit_revision_details.ordinal             1 
_pdbx_audit_revision_details.revision_ordinal    1 
_pdbx_audit_revision_details.data_content_type   'Structure model' 
_pdbx_audit_revision_details.provider            repository 
_pdbx_audit_revision_details.type                'Initial release' 
_pdbx_audit_revision_details.description         ? 
_pdbx_audit_revision_details.details             ? 
# 
loop_
_pdbx_audit_revision_group.ordinal 
_pdbx_audit_revision_group.revision_ordinal 
_pdbx_audit_revision_group.data_content_type 
_pdbx_audit_revision_group.group 
1 2 'Structure model' 'Version format compliance' 
2 3 'Structure model' 'Version format compliance' 
3 4 'Structure model' 'Data collection'           
4 4 'Structure model' 'Database references'       
5 4 'Structure model' 'Derived calculations'      
6 4 'Structure model' 'Structure summary'         
# 
loop_
_pdbx_audit_revision_category.ordinal 
_pdbx_audit_revision_category.revision_ordinal 
_pdbx_audit_revision_category.data_content_type 
_pdbx_audit_revision_category.category 
1 4 'Structure model' chem_comp_atom            
2 4 'Structure model' chem_comp_bond            
3 4 'Structure model' database_2                
4 4 'Structure model' pdbx_entry_details        
5 4 'Structure model' pdbx_modification_feature 
6 4 'Structure model' struct_conn               
7 4 'Structure model' struct_ref_seq_dif        
# 
loop_
_pdbx_audit_revision_item.ordinal 
_pdbx_audit_revision_item.revision_ordinal 
_pdbx_audit_revision_item.data_content_type 
_pdbx_audit_revision_item.item 
1 4 'Structure model' '_database_2.pdbx_DOI'                
2 4 'Structure model' '_database_2.pdbx_database_accession' 
3 4 'Structure model' '_struct_conn.pdbx_leaving_atom_flag' 
4 4 'Structure model' '_struct_ref_seq_dif.details'         
# 
_pdbx_database_status.status_code                     REL 
_pdbx_database_status.entry_id                        1SMB 
_pdbx_database_status.recvd_initial_deposition_date   2004-03-08 
_pdbx_database_status.deposit_site                    RCSB 
_pdbx_database_status.process_site                    RCSB 
_pdbx_database_status.status_code_sf                  REL 
_pdbx_database_status.SG_entry                        . 
_pdbx_database_status.pdb_format_compatible           Y 
_pdbx_database_status.status_code_mr                  ? 
_pdbx_database_status.status_code_cs                  ? 
_pdbx_database_status.status_code_nmr_data            ? 
_pdbx_database_status.methods_development_category    ? 
# 
loop_
_audit_author.name 
_audit_author.pdbx_ordinal 
'Serrano, R.L.' 1 
'Kuhn, A.'      2 
'Hendricks, A.' 3 
'Helms, J.B.'   4 
'Sinning, I.'   5 
'Groves, M.R.'  6 
# 
loop_
_citation.id 
_citation.title 
_citation.journal_abbrev 
_citation.journal_volume 
_citation.page_first 
_citation.page_last 
_citation.year 
_citation.journal_id_ASTM 
_citation.country 
_citation.journal_id_ISSN 
_citation.journal_id_CSD 
_citation.book_publisher 
_citation.pdbx_database_id_PubMed 
_citation.pdbx_database_id_DOI 
primary 
;Structural analysis of the human Golgi-associated plant pathogenesis related protein GAPR-1 implicates dimerization as a regulatory mechanism
;
J.Mol.Biol.                339 173 183 2004 JMOBAK UK 0022-2836 0070 ? 15123429 10.1016/j.jmb.2004.03.015 
1       'Crystallization of a Golgi-associated PR-1-related protein (GAPR-1) that localizes to lipid-enriched microdomains' 
'Acta Crystallogr.,Sect.D' 60  730 732 2004 ABCRE6 DK 0907-4449 0766 ? ?        10.1107/S0907444904002136 
# 
loop_
_citation_author.citation_id 
_citation_author.name 
_citation_author.ordinal 
_citation_author.identifier_ORCID 
primary 'Serrano, R.L.' 1  ? 
primary 'Kuhn, A.'      2  ? 
primary 'Hendricks, A.' 3  ? 
primary 'Helms, J.B.'   4  ? 
primary 'Sinning, I.'   5  ? 
primary 'Groves, M.R.'  6  ? 
1       'Groves, M.R.'  7  ? 
1       'Kuhn, A.'      8  ? 
1       'Hendricks, A.' 9  ? 
1       'Radke, S.'     10 ? 
1       'Serrano, R.L.' 11 ? 
1       'Helms, J.B.'   12 ? 
1       'Sinning, I.'   13 ? 
# 
loop_
_entity.id 
_entity.type 
_entity.src_method 
_entity.pdbx_description 
_entity.formula_weight 
_entity.pdbx_number_of_molecules 
_entity.pdbx_ec 
_entity.pdbx_mutation 
_entity.pdbx_fragment 
_entity.details 
1 polymer man '17kD fetal brain protein' 17340.311 1   ? ? ? ? 
2 water   nat water                      18.015    127 ? ? ? ? 
# 
_entity_name_com.entity_id   1 
_entity_name_com.name        GAPR-1 
# 
_entity_poly.entity_id                      1 
_entity_poly.type                           'polypeptide(L)' 
_entity_poly.nstd_linkage                   no 
_entity_poly.nstd_monomer                   yes 
_entity_poly.pdbx_seq_one_letter_code       
;MGKSASKQFHNEVLKAHNEYRQKHGVPPLKL(OCS)KNLNREAQQYSEALASTRILKHSPESSRGQ(OCS)GENLAWASY
DQTGKEVADRWYSEIKNYNFQQPGFTSGTGHFTAMVWKNTKKMGVGKASASDGSSFVVARYFPAGNVVNEGFFEENVLPP
KK
;
_entity_poly.pdbx_seq_one_letter_code_can   
;MGKSASKQFHNEVLKAHNEYRQKHGVPPLKLCKNLNREAQQYSEALASTRILKHSPESSRGQCGENLAWASYDQTGKEVA
DRWYSEIKNYNFQQPGFTSGTGHFTAMVWKNTKKMGVGKASASDGSSFVVARYFPAGNVVNEGFFEENVLPPKK
;
_entity_poly.pdbx_strand_id                 A 
_entity_poly.pdbx_target_identifier         ? 
# 
_pdbx_entity_nonpoly.entity_id   2 
_pdbx_entity_nonpoly.name        water 
_pdbx_entity_nonpoly.comp_id     HOH 
# 
loop_
_entity_poly_seq.entity_id 
_entity_poly_seq.num 
_entity_poly_seq.mon_id 
_entity_poly_seq.hetero 
1 1   MET n 
1 2   GLY n 
1 3   LYS n 
1 4   SER n 
1 5   ALA n 
1 6   SER n 
1 7   LYS n 
1 8   GLN n 
1 9   PHE n 
1 10  HIS n 
1 11  ASN n 
1 12  GLU n 
1 13  VAL n 
1 14  LEU n 
1 15  LYS n 
1 16  ALA n 
1 17  HIS n 
1 18  ASN n 
1 19  GLU n 
1 20  TYR n 
1 21  ARG n 
1 22  GLN n 
1 23  LYS n 
1 24  HIS n 
1 25  GLY n 
1 26  VAL n 
1 27  PRO n 
1 28  PRO n 
1 29  LEU n 
1 30  LYS n 
1 31  LEU n 
1 32  OCS n 
1 33  LYS n 
1 34  ASN n 
1 35  LEU n 
1 36  ASN n 
1 37  ARG n 
1 38  GLU n 
1 39  ALA n 
1 40  GLN n 
1 41  GLN n 
1 42  TYR n 
1 43  SER n 
1 44  GLU n 
1 45  ALA n 
1 46  LEU n 
1 47  ALA n 
1 48  SER n 
1 49  THR n 
1 50  ARG n 
1 51  ILE n 
1 52  LEU n 
1 53  LYS n 
1 54  HIS n 
1 55  SER n 
1 56  PRO n 
1 57  GLU n 
1 58  SER n 
1 59  SER n 
1 60  ARG n 
1 61  GLY n 
1 62  GLN n 
1 63  OCS n 
1 64  GLY n 
1 65  GLU n 
1 66  ASN n 
1 67  LEU n 
1 68  ALA n 
1 69  TRP n 
1 70  ALA n 
1 71  SER n 
1 72  TYR n 
1 73  ASP n 
1 74  GLN n 
1 75  THR n 
1 76  GLY n 
1 77  LYS n 
1 78  GLU n 
1 79  VAL n 
1 80  ALA n 
1 81  ASP n 
1 82  ARG n 
1 83  TRP n 
1 84  TYR n 
1 85  SER n 
1 86  GLU n 
1 87  ILE n 
1 88  LYS n 
1 89  ASN n 
1 90  TYR n 
1 91  ASN n 
1 92  PHE n 
1 93  GLN n 
1 94  GLN n 
1 95  PRO n 
1 96  GLY n 
1 97  PHE n 
1 98  THR n 
1 99  SER n 
1 100 GLY n 
1 101 THR n 
1 102 GLY n 
1 103 HIS n 
1 104 PHE n 
1 105 THR n 
1 106 ALA n 
1 107 MET n 
1 108 VAL n 
1 109 TRP n 
1 110 LYS n 
1 111 ASN n 
1 112 THR n 
1 113 LYS n 
1 114 LYS n 
1 115 MET n 
1 116 GLY n 
1 117 VAL n 
1 118 GLY n 
1 119 LYS n 
1 120 ALA n 
1 121 SER n 
1 122 ALA n 
1 123 SER n 
1 124 ASP n 
1 125 GLY n 
1 126 SER n 
1 127 SER n 
1 128 PHE n 
1 129 VAL n 
1 130 VAL n 
1 131 ALA n 
1 132 ARG n 
1 133 TYR n 
1 134 PHE n 
1 135 PRO n 
1 136 ALA n 
1 137 GLY n 
1 138 ASN n 
1 139 VAL n 
1 140 VAL n 
1 141 ASN n 
1 142 GLU n 
1 143 GLY n 
1 144 PHE n 
1 145 PHE n 
1 146 GLU n 
1 147 GLU n 
1 148 ASN n 
1 149 VAL n 
1 150 LEU n 
1 151 PRO n 
1 152 PRO n 
1 153 LYS n 
1 154 LYS n 
# 
_entity_src_gen.entity_id                          1 
_entity_src_gen.pdbx_src_id                        1 
_entity_src_gen.pdbx_alt_source_flag               sample 
_entity_src_gen.pdbx_seq_type                      ? 
_entity_src_gen.pdbx_beg_seq_num                   ? 
_entity_src_gen.pdbx_end_seq_num                   ? 
_entity_src_gen.gene_src_common_name               human 
_entity_src_gen.gene_src_genus                     Homo 
_entity_src_gen.pdbx_gene_src_gene                 CAC12812 
_entity_src_gen.gene_src_species                   ? 
_entity_src_gen.gene_src_strain                    ? 
_entity_src_gen.gene_src_tissue                    ? 
_entity_src_gen.gene_src_tissue_fraction           ? 
_entity_src_gen.gene_src_details                   ? 
_entity_src_gen.pdbx_gene_src_fragment             ? 
_entity_src_gen.pdbx_gene_src_scientific_name      'Homo sapiens' 
_entity_src_gen.pdbx_gene_src_ncbi_taxonomy_id     9606 
_entity_src_gen.pdbx_gene_src_variant              ? 
_entity_src_gen.pdbx_gene_src_cell_line            ? 
_entity_src_gen.pdbx_gene_src_atcc                 ? 
_entity_src_gen.pdbx_gene_src_organ                ? 
_entity_src_gen.pdbx_gene_src_organelle            ? 
_entity_src_gen.pdbx_gene_src_cell                 ? 
_entity_src_gen.pdbx_gene_src_cellular_location    ? 
_entity_src_gen.host_org_common_name               ? 
_entity_src_gen.pdbx_host_org_scientific_name      'Escherichia coli' 
_entity_src_gen.pdbx_host_org_ncbi_taxonomy_id     562 
_entity_src_gen.host_org_genus                     Escherichia 
_entity_src_gen.pdbx_host_org_gene                 ? 
_entity_src_gen.pdbx_host_org_organ                ? 
_entity_src_gen.host_org_species                   ? 
_entity_src_gen.pdbx_host_org_tissue               ? 
_entity_src_gen.pdbx_host_org_tissue_fraction      ? 
_entity_src_gen.pdbx_host_org_strain               'BL21 [DE3]' 
_entity_src_gen.pdbx_host_org_variant              ? 
_entity_src_gen.pdbx_host_org_cell_line            ? 
_entity_src_gen.pdbx_host_org_atcc                 ? 
_entity_src_gen.pdbx_host_org_culture_collection   ? 
_entity_src_gen.pdbx_host_org_cell                 ? 
_entity_src_gen.pdbx_host_org_organelle            ? 
_entity_src_gen.pdbx_host_org_cellular_location    ? 
_entity_src_gen.pdbx_host_org_vector_type          PLASMID 
_entity_src_gen.pdbx_host_org_vector               ? 
_entity_src_gen.host_org_details                   ? 
_entity_src_gen.expression_system_id               ? 
_entity_src_gen.plasmid_name                       pQE60 
_entity_src_gen.plasmid_details                    ? 
_entity_src_gen.pdbx_description                   ? 
# 
loop_
_chem_comp.id 
_chem_comp.type 
_chem_comp.mon_nstd_flag 
_chem_comp.name 
_chem_comp.pdbx_synonyms 
_chem_comp.formula 
_chem_comp.formula_weight 
ALA 'L-peptide linking' y ALANINE                 ? 'C3 H7 N O2'     89.093  
ARG 'L-peptide linking' y ARGININE                ? 'C6 H15 N4 O2 1' 175.209 
ASN 'L-peptide linking' y ASPARAGINE              ? 'C4 H8 N2 O3'    132.118 
ASP 'L-peptide linking' y 'ASPARTIC ACID'         ? 'C4 H7 N O4'     133.103 
CYS 'L-peptide linking' y CYSTEINE                ? 'C3 H7 N O2 S'   121.158 
GLN 'L-peptide linking' y GLUTAMINE               ? 'C5 H10 N2 O3'   146.144 
GLU 'L-peptide linking' y 'GLUTAMIC ACID'         ? 'C5 H9 N O4'     147.129 
GLY 'peptide linking'   y GLYCINE                 ? 'C2 H5 N O2'     75.067  
HIS 'L-peptide linking' y HISTIDINE               ? 'C6 H10 N3 O2 1' 156.162 
HOH non-polymer         . WATER                   ? 'H2 O'           18.015  
ILE 'L-peptide linking' y ISOLEUCINE              ? 'C6 H13 N O2'    131.173 
LEU 'L-peptide linking' y LEUCINE                 ? 'C6 H13 N O2'    131.173 
LYS 'L-peptide linking' y LYSINE                  ? 'C6 H15 N2 O2 1' 147.195 
MET 'L-peptide linking' y METHIONINE              ? 'C5 H11 N O2 S'  149.211 
OCS 'L-peptide linking' n 'CYSTEINESULFONIC ACID' ? 'C3 H7 N O5 S'   169.156 
PHE 'L-peptide linking' y PHENYLALANINE           ? 'C9 H11 N O2'    165.189 
PRO 'L-peptide linking' y PROLINE                 ? 'C5 H9 N O2'     115.130 
SER 'L-peptide linking' y SERINE                  ? 'C3 H7 N O3'     105.093 
THR 'L-peptide linking' y THREONINE               ? 'C4 H9 N O3'     119.119 
TRP 'L-peptide linking' y TRYPTOPHAN              ? 'C11 H12 N2 O2'  204.225 
TYR 'L-peptide linking' y TYROSINE                ? 'C9 H11 N O3'    181.189 
VAL 'L-peptide linking' y VALINE                  ? 'C5 H11 N O2'    117.146 
# 
loop_
_pdbx_poly_seq_scheme.asym_id 
_pdbx_poly_seq_scheme.entity_id 
_pdbx_poly_seq_scheme.seq_id 
_pdbx_poly_seq_scheme.mon_id 
_pdbx_poly_seq_scheme.ndb_seq_num 
_pdbx_poly_seq_scheme.pdb_seq_num 
_pdbx_poly_seq_scheme.auth_seq_num 
_pdbx_poly_seq_scheme.pdb_mon_id 
_pdbx_poly_seq_scheme.auth_mon_id 
_pdbx_poly_seq_scheme.pdb_strand_id 
_pdbx_poly_seq_scheme.pdb_ins_code 
_pdbx_poly_seq_scheme.hetero 
A 1 1   MET 1   1   ?   ?   ?   A . n 
A 1 2   GLY 2   2   ?   ?   ?   A . n 
A 1 3   LYS 3   3   ?   ?   ?   A . n 
A 1 4   SER 4   4   4   SER SER A . n 
A 1 5   ALA 5   5   5   ALA ALA A . n 
A 1 6   SER 6   6   6   SER SER A . n 
A 1 7   LYS 7   7   7   LYS LYS A . n 
A 1 8   GLN 8   8   8   GLN GLN A . n 
A 1 9   PHE 9   9   9   PHE PHE A . n 
A 1 10  HIS 10  10  10  HIS HIS A . n 
A 1 11  ASN 11  11  11  ASN ASN A . n 
A 1 12  GLU 12  12  12  GLU GLU A . n 
A 1 13  VAL 13  13  13  VAL VAL A . n 
A 1 14  LEU 14  14  14  LEU LEU A . n 
A 1 15  LYS 15  15  15  LYS LYS A . n 
A 1 16  ALA 16  16  16  ALA ALA A . n 
A 1 17  HIS 17  17  17  HIS HIS A . n 
A 1 18  ASN 18  18  18  ASN ASN A . n 
A 1 19  GLU 19  19  19  GLU GLU A . n 
A 1 20  TYR 20  20  20  TYR TYR A . n 
A 1 21  ARG 21  21  21  ARG ARG A . n 
A 1 22  GLN 22  22  22  GLN GLN A . n 
A 1 23  LYS 23  23  23  LYS LYS A . n 
A 1 24  HIS 24  24  24  HIS HIS A . n 
A 1 25  GLY 25  25  25  GLY GLY A . n 
A 1 26  VAL 26  26  26  VAL VAL A . n 
A 1 27  PRO 27  27  27  PRO PRO A . n 
A 1 28  PRO 28  28  28  PRO PRO A . n 
A 1 29  LEU 29  29  29  LEU LEU A . n 
A 1 30  LYS 30  30  30  LYS LYS A . n 
A 1 31  LEU 31  31  31  LEU LEU A . n 
A 1 32  OCS 32  32  32  OCS OCS A . n 
A 1 33  LYS 33  33  33  LYS LYS A . n 
A 1 34  ASN 34  34  34  ASN ASN A . n 
A 1 35  LEU 35  35  35  LEU LEU A . n 
A 1 36  ASN 36  36  36  ASN ASN A . n 
A 1 37  ARG 37  37  37  ARG ARG A . n 
A 1 38  GLU 38  38  38  GLU GLU A . n 
A 1 39  ALA 39  39  39  ALA ALA A . n 
A 1 40  GLN 40  40  40  GLN GLN A . n 
A 1 41  GLN 41  41  41  GLN GLN A . n 
A 1 42  TYR 42  42  42  TYR TYR A . n 
A 1 43  SER 43  43  43  SER SER A . n 
A 1 44  GLU 44  44  44  GLU GLU A . n 
A 1 45  ALA 45  45  45  ALA ALA A . n 
A 1 46  LEU 46  46  46  LEU LEU A . n 
A 1 47  ALA 47  47  47  ALA ALA A . n 
A 1 48  SER 48  48  48  SER SER A . n 
A 1 49  THR 49  49  49  THR THR A . n 
A 1 50  ARG 50  50  50  ARG ARG A . n 
A 1 51  ILE 51  51  51  ILE ILE A . n 
A 1 52  LEU 52  52  52  LEU LEU A . n 
A 1 53  LYS 53  53  53  LYS LYS A . n 
A 1 54  HIS 54  54  54  HIS HIS A . n 
A 1 55  SER 55  55  55  SER SER A . n 
A 1 56  PRO 56  56  56  PRO PRO A . n 
A 1 57  GLU 57  57  57  GLU GLU A . n 
A 1 58  SER 58  58  58  SER SER A . n 
A 1 59  SER 59  59  59  SER SER A . n 
A 1 60  ARG 60  60  60  ARG ARG A . n 
A 1 61  GLY 61  61  61  GLY GLY A . n 
A 1 62  GLN 62  62  62  GLN GLN A . n 
A 1 63  OCS 63  63  63  OCS OCS A . n 
A 1 64  GLY 64  64  64  GLY GLY A . n 
A 1 65  GLU 65  65  65  GLU GLU A . n 
A 1 66  ASN 66  66  66  ASN ASN A . n 
A 1 67  LEU 67  67  67  LEU LEU A . n 
A 1 68  ALA 68  68  68  ALA ALA A . n 
A 1 69  TRP 69  69  69  TRP TRP A . n 
A 1 70  ALA 70  70  70  ALA ALA A . n 
A 1 71  SER 71  71  71  SER SER A . n 
A 1 72  TYR 72  72  72  TYR TYR A . n 
A 1 73  ASP 73  73  73  ASP ASP A . n 
A 1 74  GLN 74  74  74  GLN GLN A . n 
A 1 75  THR 75  75  75  THR THR A . n 
A 1 76  GLY 76  76  76  GLY GLY A . n 
A 1 77  LYS 77  77  77  LYS LYS A . n 
A 1 78  GLU 78  78  78  GLU GLU A . n 
A 1 79  VAL 79  79  79  VAL VAL A . n 
A 1 80  ALA 80  80  80  ALA ALA A . n 
A 1 81  ASP 81  81  81  ASP ASP A . n 
A 1 82  ARG 82  82  82  ARG ARG A . n 
A 1 83  TRP 83  83  83  TRP TRP A . n 
A 1 84  TYR 84  84  84  TYR TYR A . n 
A 1 85  SER 85  85  85  SER SER A . n 
A 1 86  GLU 86  86  86  GLU GLU A . n 
A 1 87  ILE 87  87  87  ILE ILE A . n 
A 1 88  LYS 88  88  88  LYS LYS A . n 
A 1 89  ASN 89  89  89  ASN ASN A . n 
A 1 90  TYR 90  90  90  TYR TYR A . n 
A 1 91  ASN 91  91  91  ASN ASN A . n 
A 1 92  PHE 92  92  92  PHE PHE A . n 
A 1 93  GLN 93  93  93  GLN GLN A . n 
A 1 94  GLN 94  94  94  GLN GLN A . n 
A 1 95  PRO 95  95  95  PRO PRO A . n 
A 1 96  GLY 96  96  96  GLY GLY A . n 
A 1 97  PHE 97  97  97  PHE PHE A . n 
A 1 98  THR 98  98  98  THR THR A . n 
A 1 99  SER 99  99  99  SER SER A . n 
A 1 100 GLY 100 100 100 GLY GLY A . n 
A 1 101 THR 101 101 101 THR THR A . n 
A 1 102 GLY 102 102 102 GLY GLY A . n 
A 1 103 HIS 103 103 103 HIS HIS A . n 
A 1 104 PHE 104 104 104 PHE PHE A . n 
A 1 105 THR 105 105 105 THR THR A . n 
A 1 106 ALA 106 106 106 ALA ALA A . n 
A 1 107 MET 107 107 107 MET MET A . n 
A 1 108 VAL 108 108 108 VAL VAL A . n 
A 1 109 TRP 109 109 109 TRP TRP A . n 
A 1 110 LYS 110 110 110 LYS LYS A . n 
A 1 111 ASN 111 111 111 ASN ASN A . n 
A 1 112 THR 112 112 112 THR THR A . n 
A 1 113 LYS 113 113 113 LYS LYS A . n 
A 1 114 LYS 114 114 114 LYS LYS A . n 
A 1 115 MET 115 115 115 MET MET A . n 
A 1 116 GLY 116 116 116 GLY GLY A . n 
A 1 117 VAL 117 117 117 VAL VAL A . n 
A 1 118 GLY 118 118 118 GLY GLY A . n 
A 1 119 LYS 119 119 119 LYS LYS A . n 
A 1 120 ALA 120 120 120 ALA ALA A . n 
A 1 121 SER 121 121 121 SER SER A . n 
A 1 122 ALA 122 122 122 ALA ALA A . n 
A 1 123 SER 123 123 123 SER SER A . n 
A 1 124 ASP 124 124 124 ASP ASP A . n 
A 1 125 GLY 125 125 125 GLY GLY A . n 
A 1 126 SER 126 126 126 SER SER A . n 
A 1 127 SER 127 127 127 SER SER A . n 
A 1 128 PHE 128 128 128 PHE PHE A . n 
A 1 129 VAL 129 129 129 VAL VAL A . n 
A 1 130 VAL 130 130 130 VAL VAL A . n 
A 1 131 ALA 131 131 131 ALA ALA A . n 
A 1 132 ARG 132 132 132 ARG ARG A . n 
A 1 133 TYR 133 133 133 TYR TYR A . n 
A 1 134 PHE 134 134 134 PHE PHE A . n 
A 1 135 PRO 135 135 135 PRO PRO A . n 
A 1 136 ALA 136 136 136 ALA ALA A . n 
A 1 137 GLY 137 137 137 GLY GLY A . n 
A 1 138 ASN 138 138 138 ASN ASN A . n 
A 1 139 VAL 139 139 139 VAL VAL A . n 
A 1 140 VAL 140 140 140 VAL VAL A . n 
A 1 141 ASN 141 141 141 ASN ASN A . n 
A 1 142 GLU 142 142 142 GLU GLU A . n 
A 1 143 GLY 143 143 143 GLY GLY A . n 
A 1 144 PHE 144 144 144 PHE PHE A . n 
A 1 145 PHE 145 145 145 PHE PHE A . n 
A 1 146 GLU 146 146 146 GLU GLU A . n 
A 1 147 GLU 147 147 147 GLU GLU A . n 
A 1 148 ASN 148 148 148 ASN ASN A . n 
A 1 149 VAL 149 149 149 VAL VAL A . n 
A 1 150 LEU 150 150 150 LEU LEU A . n 
A 1 151 PRO 151 151 151 PRO PRO A . n 
A 1 152 PRO 152 152 152 PRO PRO A . n 
A 1 153 LYS 153 153 ?   ?   ?   A . n 
A 1 154 LYS 154 154 ?   ?   ?   A . n 
# 
loop_
_pdbx_nonpoly_scheme.asym_id 
_pdbx_nonpoly_scheme.entity_id 
_pdbx_nonpoly_scheme.mon_id 
_pdbx_nonpoly_scheme.ndb_seq_num 
_pdbx_nonpoly_scheme.pdb_seq_num 
_pdbx_nonpoly_scheme.auth_seq_num 
_pdbx_nonpoly_scheme.pdb_mon_id 
_pdbx_nonpoly_scheme.auth_mon_id 
_pdbx_nonpoly_scheme.pdb_strand_id 
_pdbx_nonpoly_scheme.pdb_ins_code 
B 2 HOH 1   155 1   HOH HOH A . 
B 2 HOH 2   156 2   HOH HOH A . 
B 2 HOH 3   157 3   HOH HOH A . 
B 2 HOH 4   158 4   HOH HOH A . 
B 2 HOH 5   159 5   HOH HOH A . 
B 2 HOH 6   160 6   HOH HOH A . 
B 2 HOH 7   161 7   HOH HOH A . 
B 2 HOH 8   162 8   HOH HOH A . 
B 2 HOH 9   163 9   HOH HOH A . 
B 2 HOH 10  164 10  HOH HOH A . 
B 2 HOH 11  165 11  HOH HOH A . 
B 2 HOH 12  166 12  HOH HOH A . 
B 2 HOH 13  167 13  HOH HOH A . 
B 2 HOH 14  168 14  HOH HOH A . 
B 2 HOH 15  169 15  HOH HOH A . 
B 2 HOH 16  170 16  HOH HOH A . 
B 2 HOH 17  171 17  HOH HOH A . 
B 2 HOH 18  172 18  HOH HOH A . 
B 2 HOH 19  173 19  HOH HOH A . 
B 2 HOH 20  174 20  HOH HOH A . 
B 2 HOH 21  175 21  HOH HOH A . 
B 2 HOH 22  176 22  HOH HOH A . 
B 2 HOH 23  177 23  HOH HOH A . 
B 2 HOH 24  178 24  HOH HOH A . 
B 2 HOH 25  179 25  HOH HOH A . 
B 2 HOH 26  180 26  HOH HOH A . 
B 2 HOH 27  181 27  HOH HOH A . 
B 2 HOH 28  182 28  HOH HOH A . 
B 2 HOH 29  183 29  HOH HOH A . 
B 2 HOH 30  184 30  HOH HOH A . 
B 2 HOH 31  185 31  HOH HOH A . 
B 2 HOH 32  186 32  HOH HOH A . 
B 2 HOH 33  187 33  HOH HOH A . 
B 2 HOH 34  188 35  HOH HOH A . 
B 2 HOH 35  189 36  HOH HOH A . 
B 2 HOH 36  190 37  HOH HOH A . 
B 2 HOH 37  191 38  HOH HOH A . 
B 2 HOH 38  192 39  HOH HOH A . 
B 2 HOH 39  193 40  HOH HOH A . 
B 2 HOH 40  194 41  HOH HOH A . 
B 2 HOH 41  195 43  HOH HOH A . 
B 2 HOH 42  196 46  HOH HOH A . 
B 2 HOH 43  197 47  HOH HOH A . 
B 2 HOH 44  198 48  HOH HOH A . 
B 2 HOH 45  199 49  HOH HOH A . 
B 2 HOH 46  200 50  HOH HOH A . 
B 2 HOH 47  201 51  HOH HOH A . 
B 2 HOH 48  202 52  HOH HOH A . 
B 2 HOH 49  203 53  HOH HOH A . 
B 2 HOH 50  204 54  HOH HOH A . 
B 2 HOH 51  205 55  HOH HOH A . 
B 2 HOH 52  206 56  HOH HOH A . 
B 2 HOH 53  207 58  HOH HOH A . 
B 2 HOH 54  208 59  HOH HOH A . 
B 2 HOH 55  209 60  HOH HOH A . 
B 2 HOH 56  210 61  HOH HOH A . 
B 2 HOH 57  211 62  HOH HOH A . 
B 2 HOH 58  212 63  HOH HOH A . 
B 2 HOH 59  213 64  HOH HOH A . 
B 2 HOH 60  214 65  HOH HOH A . 
B 2 HOH 61  215 66  HOH HOH A . 
B 2 HOH 62  216 67  HOH HOH A . 
B 2 HOH 63  217 68  HOH HOH A . 
B 2 HOH 64  218 71  HOH HOH A . 
B 2 HOH 65  219 72  HOH HOH A . 
B 2 HOH 66  220 73  HOH HOH A . 
B 2 HOH 67  221 74  HOH HOH A . 
B 2 HOH 68  222 75  HOH HOH A . 
B 2 HOH 69  223 76  HOH HOH A . 
B 2 HOH 70  224 77  HOH HOH A . 
B 2 HOH 71  225 78  HOH HOH A . 
B 2 HOH 72  226 79  HOH HOH A . 
B 2 HOH 73  227 80  HOH HOH A . 
B 2 HOH 74  228 81  HOH HOH A . 
B 2 HOH 75  229 82  HOH HOH A . 
B 2 HOH 76  230 84  HOH HOH A . 
B 2 HOH 77  231 86  HOH HOH A . 
B 2 HOH 78  232 87  HOH HOH A . 
B 2 HOH 79  233 88  HOH HOH A . 
B 2 HOH 80  234 89  HOH HOH A . 
B 2 HOH 81  235 90  HOH HOH A . 
B 2 HOH 82  236 91  HOH HOH A . 
B 2 HOH 83  237 92  HOH HOH A . 
B 2 HOH 84  238 93  HOH HOH A . 
B 2 HOH 85  239 94  HOH HOH A . 
B 2 HOH 86  240 95  HOH HOH A . 
B 2 HOH 87  241 96  HOH HOH A . 
B 2 HOH 88  242 97  HOH HOH A . 
B 2 HOH 89  243 98  HOH HOH A . 
B 2 HOH 90  244 99  HOH HOH A . 
B 2 HOH 91  245 100 HOH HOH A . 
B 2 HOH 92  246 101 HOH HOH A . 
B 2 HOH 93  247 102 HOH HOH A . 
B 2 HOH 94  248 103 HOH HOH A . 
B 2 HOH 95  249 104 HOH HOH A . 
B 2 HOH 96  250 105 HOH HOH A . 
B 2 HOH 97  251 106 HOH HOH A . 
B 2 HOH 98  252 107 HOH HOH A . 
B 2 HOH 99  253 108 HOH HOH A . 
B 2 HOH 100 254 109 HOH HOH A . 
B 2 HOH 101 255 112 HOH HOH A . 
B 2 HOH 102 256 114 HOH HOH A . 
B 2 HOH 103 257 116 HOH HOH A . 
B 2 HOH 104 258 118 HOH HOH A . 
B 2 HOH 105 259 121 HOH HOH A . 
B 2 HOH 106 260 122 HOH HOH A . 
B 2 HOH 107 261 123 HOH HOH A . 
B 2 HOH 108 262 126 HOH HOH A . 
B 2 HOH 109 263 128 HOH HOH A . 
B 2 HOH 110 264 129 HOH HOH A . 
B 2 HOH 111 265 130 HOH HOH A . 
B 2 HOH 112 266 131 HOH HOH A . 
B 2 HOH 113 267 132 HOH HOH A . 
B 2 HOH 114 268 133 HOH HOH A . 
B 2 HOH 115 269 134 HOH HOH A . 
B 2 HOH 116 270 136 HOH HOH A . 
B 2 HOH 117 271 137 HOH HOH A . 
B 2 HOH 118 272 138 HOH HOH A . 
B 2 HOH 119 273 139 HOH HOH A . 
B 2 HOH 120 274 140 HOH HOH A . 
B 2 HOH 121 275 143 HOH HOH A . 
B 2 HOH 122 276 145 HOH HOH A . 
B 2 HOH 123 277 146 HOH HOH A . 
B 2 HOH 124 278 147 HOH HOH A . 
B 2 HOH 125 279 149 HOH HOH A . 
B 2 HOH 126 280 150 HOH HOH A . 
B 2 HOH 127 281 151 HOH HOH A . 
# 
loop_
_software.name 
_software.classification 
_software.version 
_software.citation_id 
_software.pdbx_ordinal 
CNS    refinement       1.1       ? 1 
MOSFLM 'data reduction' .         ? 2 
CCP4   'data scaling'   '(SCALA)' ? 3 
SHARP  phasing          .         ? 4 
# 
_cell.entry_id           1SMB 
_cell.length_a           73.662 
_cell.length_b           73.662 
_cell.length_c           63.363 
_cell.angle_alpha        90.00 
_cell.angle_beta         90.00 
_cell.angle_gamma        120.00 
_cell.Z_PDB              6 
_cell.pdbx_unique_axis   ? 
# 
_symmetry.entry_id                         1SMB 
_symmetry.space_group_name_H-M             'P 31 2 1' 
_symmetry.pdbx_full_space_group_name_H-M   ? 
_symmetry.cell_setting                     ? 
_symmetry.Int_Tables_number                152 
_symmetry.space_group_name_Hall            ? 
# 
_exptl.entry_id          1SMB 
_exptl.method            'X-RAY DIFFRACTION' 
_exptl.crystals_number   1 
# 
_exptl_crystal.id                    1 
_exptl_crystal.density_meas          ? 
_exptl_crystal.density_percent_sol   57.02 
_exptl_crystal.description           ? 
_exptl_crystal.density_Matthews      2.86 
_exptl_crystal.F_000                 ? 
_exptl_crystal.preparation           ? 
# 
_exptl_crystal_grow.crystal_id      1 
_exptl_crystal_grow.method          'VAPOR DIFFUSION, HANGING DROP' 
_exptl_crystal_grow.temp            293 
_exptl_crystal_grow.temp_details    ? 
_exptl_crystal_grow.pH              7 
_exptl_crystal_grow.pdbx_details    
'20% (v/v) PEG 8000, 100mM Bis-Tris, 200mM magnesium acetate, pH 7, VAPOR DIFFUSION, HANGING DROP, temperature 293K' 
_exptl_crystal_grow.pdbx_pH_range   . 
# 
_diffrn.id                     1 
_diffrn.ambient_temp           100 
_diffrn.ambient_temp_details   ? 
_diffrn.crystal_id             1 
# 
_diffrn_detector.diffrn_id              1 
_diffrn_detector.detector               CCD 
_diffrn_detector.type                   'ADSC QUANTUM 4' 
_diffrn_detector.pdbx_collection_date   2000-10-01 
_diffrn_detector.details                mirrors 
# 
_diffrn_radiation.diffrn_id                        1 
_diffrn_radiation.wavelength_id                    1 
_diffrn_radiation.pdbx_monochromatic_or_laue_m_l   M 
_diffrn_radiation.monochromator                    'Si 111 CHANNEL' 
_diffrn_radiation.pdbx_diffrn_protocol             'SINGLE WAVELENGTH' 
_diffrn_radiation.pdbx_scattering_type             x-ray 
# 
_diffrn_radiation_wavelength.id           1 
_diffrn_radiation_wavelength.wavelength   0.8 
_diffrn_radiation_wavelength.wt           1.0 
# 
_diffrn_source.diffrn_id                   1 
_diffrn_source.source                      SYNCHROTRON 
_diffrn_source.type                        'ESRF BEAMLINE ID14-4' 
_diffrn_source.pdbx_synchrotron_site       ESRF 
_diffrn_source.pdbx_synchrotron_beamline   ID14-4 
_diffrn_source.pdbx_wavelength             ? 
_diffrn_source.pdbx_wavelength_list        0.8 
# 
_reflns.entry_id                     1SMB 
_reflns.observed_criterion_sigma_I   1.0 
_reflns.observed_criterion_sigma_F   1.0 
_reflns.d_resolution_low             28.513 
_reflns.d_resolution_high            1.55 
_reflns.number_obs                   28674 
_reflns.number_all                   ? 
_reflns.percent_possible_obs         98.4 
_reflns.pdbx_Rmerge_I_obs            0.077 
_reflns.pdbx_Rsym_value              0.07 
_reflns.pdbx_netI_over_sigmaI        6.2 
_reflns.B_iso_Wilson_estimate        19.3 
_reflns.pdbx_redundancy              6.6 
_reflns.R_free_details               ? 
_reflns.limit_h_max                  ? 
_reflns.limit_h_min                  ? 
_reflns.limit_k_max                  ? 
_reflns.limit_k_min                  ? 
_reflns.limit_l_max                  ? 
_reflns.limit_l_min                  ? 
_reflns.observed_criterion_F_max     ? 
_reflns.observed_criterion_F_min     ? 
_reflns.pdbx_chi_squared             ? 
_reflns.pdbx_scaling_rejects         ? 
_reflns.pdbx_diffrn_id               1 
_reflns.pdbx_ordinal                 1 
# 
_reflns_shell.d_res_high             1.55 
_reflns_shell.d_res_low              1.63 
_reflns_shell.percent_possible_all   98.4 
_reflns_shell.Rmerge_I_obs           0.278 
_reflns_shell.pdbx_Rsym_value        0.251 
_reflns_shell.meanI_over_sigI_obs    2.5 
_reflns_shell.pdbx_redundancy        6.1 
_reflns_shell.percent_possible_obs   ? 
_reflns_shell.number_unique_all      25557 
_reflns_shell.number_measured_all    ? 
_reflns_shell.number_measured_obs    ? 
_reflns_shell.number_unique_obs      ? 
_reflns_shell.pdbx_chi_squared       ? 
_reflns_shell.pdbx_diffrn_id         ? 
_reflns_shell.pdbx_ordinal           1 
# 
_refine.entry_id                                 1SMB 
_refine.ls_number_reflns_obs                     28660 
_refine.ls_number_reflns_all                     28660 
_refine.pdbx_ls_sigma_I                          0.0 
_refine.pdbx_ls_sigma_F                          0.0 
_refine.pdbx_data_cutoff_high_absF               1169585.27 
_refine.pdbx_data_cutoff_low_absF                0.000000 
_refine.pdbx_data_cutoff_high_rms_absF           ? 
_refine.ls_d_res_low                             28.49 
_refine.ls_d_res_high                            1.55 
_refine.ls_percent_reflns_obs                    97.9 
_refine.ls_R_factor_obs                          ? 
_refine.ls_R_factor_all                          ? 
_refine.ls_R_factor_R_work                       0.1881 
_refine.ls_R_factor_R_free                       0.1968 
_refine.ls_R_factor_R_free_error                 0.005 
_refine.ls_R_factor_R_free_error_details         ? 
_refine.ls_percent_reflns_R_free                 5.1 
_refine.ls_number_reflns_R_free                  1456 
_refine.ls_number_parameters                     ? 
_refine.ls_number_restraints                     ? 
_refine.occupancy_min                            ? 
_refine.occupancy_max                            ? 
_refine.correlation_coeff_Fo_to_Fc               ? 
_refine.correlation_coeff_Fo_to_Fc_free          ? 
_refine.B_iso_mean                               19.6 
_refine.aniso_B[1][1]                            -0.17 
_refine.aniso_B[2][2]                            -0.17 
_refine.aniso_B[3][3]                            0.34 
_refine.aniso_B[1][2]                            0.08 
_refine.aniso_B[1][3]                            0.00 
_refine.aniso_B[2][3]                            0.00 
_refine.solvent_model_details                    'FLAT MODEL' 
_refine.solvent_model_param_ksol                 0.410696 
_refine.solvent_model_param_bsol                 46.3246 
_refine.pdbx_solvent_vdw_probe_radii             ? 
_refine.pdbx_solvent_ion_probe_radii             ? 
_refine.pdbx_solvent_shrinkage_radii             ? 
_refine.pdbx_ls_cross_valid_method               THROUGHOUT 
_refine.details                                  'BULK SOLVENT MODEL USED' 
_refine.pdbx_starting_model                      ? 
_refine.pdbx_method_to_determine_struct          SIRAS 
_refine.pdbx_isotropic_thermal_model             RESTRAINED 
_refine.pdbx_stereochemistry_target_values       'Engh & Huber' 
_refine.pdbx_stereochem_target_val_spec_case     ? 
_refine.pdbx_R_Free_selection_details            RANDOM 
_refine.pdbx_overall_ESU_R                       ? 
_refine.pdbx_overall_ESU_R_Free                  ? 
_refine.overall_SU_ML                            ? 
_refine.overall_SU_B                             ? 
_refine.ls_redundancy_reflns_obs                 ? 
_refine.B_iso_min                                ? 
_refine.B_iso_max                                ? 
_refine.overall_SU_R_Cruickshank_DPI             ? 
_refine.overall_SU_R_free                        ? 
_refine.ls_wR_factor_R_free                      ? 
_refine.ls_wR_factor_R_work                      ? 
_refine.overall_FOM_free_R_set                   ? 
_refine.overall_FOM_work_R_set                   ? 
_refine.pdbx_refine_id                           'X-RAY DIFFRACTION' 
_refine.pdbx_diffrn_id                           1 
_refine.pdbx_TLS_residual_ADP_flag               ? 
_refine.pdbx_overall_phase_error                 ? 
_refine.pdbx_overall_SU_R_free_Cruickshank_DPI   ? 
_refine.pdbx_overall_SU_R_Blow_DPI               ? 
_refine.pdbx_overall_SU_R_free_Blow_DPI          ? 
# 
_refine_analyze.entry_id                        1SMB 
_refine_analyze.Luzzati_coordinate_error_obs    0.16 
_refine_analyze.Luzzati_sigma_a_obs             0.11 
_refine_analyze.Luzzati_d_res_low_obs           5.00 
_refine_analyze.Luzzati_coordinate_error_free   0.18 
_refine_analyze.Luzzati_sigma_a_free            0.14 
_refine_analyze.Luzzati_d_res_low_free          ? 
_refine_analyze.number_disordered_residues      ? 
_refine_analyze.occupancy_sum_hydrogen          ? 
_refine_analyze.occupancy_sum_non_hydrogen      ? 
_refine_analyze.pdbx_Luzzati_d_res_high_obs     ? 
_refine_analyze.pdbx_refine_id                  'X-RAY DIFFRACTION' 
# 
_refine_hist.pdbx_refine_id                   'X-RAY DIFFRACTION' 
_refine_hist.cycle_id                         LAST 
_refine_hist.pdbx_number_atoms_protein        1322 
_refine_hist.pdbx_number_atoms_nucleic_acid   0 
_refine_hist.pdbx_number_atoms_ligand         0 
_refine_hist.number_atoms_solvent             127 
_refine_hist.number_atoms_total               1449 
_refine_hist.d_res_high                       1.55 
_refine_hist.d_res_low                        28.49 
# 
loop_
_refine_ls_restr.type 
_refine_ls_restr.dev_ideal 
_refine_ls_restr.dev_ideal_target 
_refine_ls_restr.weight 
_refine_ls_restr.number 
_refine_ls_restr.pdbx_refine_id 
_refine_ls_restr.pdbx_restraint_function 
c_bond_d           0.004 ? ? ? 'X-RAY DIFFRACTION' ? 
c_angle_deg        1.2   ? ? ? 'X-RAY DIFFRACTION' ? 
c_dihedral_angle_d 22.1  ? ? ? 'X-RAY DIFFRACTION' ? 
c_improper_angle_d 1.13  ? ? ? 'X-RAY DIFFRACTION' ? 
# 
_refine_ls_shell.pdbx_total_number_of_bins_used   6 
_refine_ls_shell.d_res_high                       1.55 
_refine_ls_shell.d_res_low                        1.65 
_refine_ls_shell.number_reflns_R_work             4505 
_refine_ls_shell.R_factor_R_work                  0.22 
_refine_ls_shell.percent_reflns_obs               98.9 
_refine_ls_shell.R_factor_R_free                  0.26 
_refine_ls_shell.R_factor_R_free_error            0.017 
_refine_ls_shell.percent_reflns_R_free            5.1 
_refine_ls_shell.number_reflns_R_free             242 
_refine_ls_shell.number_reflns_obs                4170 
_refine_ls_shell.redundancy_reflns_obs            ? 
_refine_ls_shell.number_reflns_all                ? 
_refine_ls_shell.pdbx_refine_id                   'X-RAY DIFFRACTION' 
_refine_ls_shell.R_factor_all                     ? 
# 
loop_
_pdbx_xplor_file.serial_no 
_pdbx_xplor_file.param_file 
_pdbx_xplor_file.topol_file 
_pdbx_xplor_file.pdbx_refine_id 
1 PROTEIN.PARAM PROTEIN.TOP 'X-RAY DIFFRACTION' 
2 WATER.PARAM   WATER.TOP   'X-RAY DIFFRACTION' 
# 
_struct.entry_id                  1SMB 
_struct.title                     'Crystal Structure of Golgi-Associated PR-1 protein' 
_struct.pdbx_model_details        ? 
_struct.pdbx_CASP_flag            ? 
_struct.pdbx_model_type_details   ? 
# 
_struct_keywords.entry_id        1SMB 
_struct_keywords.pdbx_keywords   'UNKNOWN FUNCTION' 
_struct_keywords.text            'ALPHA-BETA-ALPHA, UNKNOWN FUNCTION' 
# 
loop_
_struct_asym.id 
_struct_asym.pdbx_blank_PDB_chainid_flag 
_struct_asym.pdbx_modified 
_struct_asym.entity_id 
_struct_asym.details 
A N N 1 ? 
B N N 2 ? 
# 
_struct_ref.id                         1 
_struct_ref.db_name                    UNP 
_struct_ref.db_code                    GAPR1_HUMAN 
_struct_ref.pdbx_db_accession          Q9H4G4 
_struct_ref.entity_id                  1 
_struct_ref.pdbx_seq_one_letter_code   
;MGKSASKQFHNEVLKAHNEYRQKHGVPPLKLCKNLNREAQQYSEALASTRILKHSPESSRGQCGENLAWASYDQTGKEVA
DRWYSEIKNYNFQQPGFTSGTGHFTAMVWKNTKKMGVGKASASDGSSFVVARYFPAGNVVNEGFFEENVLPPKK
;
_struct_ref.pdbx_align_begin           1 
_struct_ref.pdbx_db_isoform            ? 
# 
_struct_ref_seq.align_id                      1 
_struct_ref_seq.ref_id                        1 
_struct_ref_seq.pdbx_PDB_id_code              1SMB 
_struct_ref_seq.pdbx_strand_id                A 
_struct_ref_seq.seq_align_beg                 1 
_struct_ref_seq.pdbx_seq_align_beg_ins_code   ? 
_struct_ref_seq.seq_align_end                 154 
_struct_ref_seq.pdbx_seq_align_end_ins_code   ? 
_struct_ref_seq.pdbx_db_accession             Q9H4G4 
_struct_ref_seq.db_align_beg                  1 
_struct_ref_seq.pdbx_db_align_beg_ins_code    ? 
_struct_ref_seq.db_align_end                  154 
_struct_ref_seq.pdbx_db_align_end_ins_code    ? 
_struct_ref_seq.pdbx_auth_seq_align_beg       1 
_struct_ref_seq.pdbx_auth_seq_align_end       154 
# 
loop_
_struct_ref_seq_dif.align_id 
_struct_ref_seq_dif.pdbx_pdb_id_code 
_struct_ref_seq_dif.mon_id 
_struct_ref_seq_dif.pdbx_pdb_strand_id 
_struct_ref_seq_dif.seq_num 
_struct_ref_seq_dif.pdbx_pdb_ins_code 
_struct_ref_seq_dif.pdbx_seq_db_name 
_struct_ref_seq_dif.pdbx_seq_db_accession_code 
_struct_ref_seq_dif.db_mon_id 
_struct_ref_seq_dif.pdbx_seq_db_seq_num 
_struct_ref_seq_dif.details 
_struct_ref_seq_dif.pdbx_auth_seq_num 
_struct_ref_seq_dif.pdbx_ordinal 
1 1SMB OCS A 32 ? UNP Q9H4G4 CYS 32 'modified residue' 32 1 
1 1SMB OCS A 63 ? UNP Q9H4G4 CYS 63 'modified residue' 63 2 
# 
_pdbx_struct_assembly.id                   1 
_pdbx_struct_assembly.details              author_defined_assembly 
_pdbx_struct_assembly.method_details       ? 
_pdbx_struct_assembly.oligomeric_details   monomeric 
_pdbx_struct_assembly.oligomeric_count     1 
# 
_pdbx_struct_assembly_gen.assembly_id       1 
_pdbx_struct_assembly_gen.oper_expression   1 
_pdbx_struct_assembly_gen.asym_id_list      A,B 
# 
_pdbx_struct_oper_list.id                   1 
_pdbx_struct_oper_list.type                 'identity operation' 
_pdbx_struct_oper_list.name                 1_555 
_pdbx_struct_oper_list.symmetry_operation   x,y,z 
_pdbx_struct_oper_list.matrix[1][1]         1.0000000000 
_pdbx_struct_oper_list.matrix[1][2]         0.0000000000 
_pdbx_struct_oper_list.matrix[1][3]         0.0000000000 
_pdbx_struct_oper_list.vector[1]            0.0000000000 
_pdbx_struct_oper_list.matrix[2][1]         0.0000000000 
_pdbx_struct_oper_list.matrix[2][2]         1.0000000000 
_pdbx_struct_oper_list.matrix[2][3]         0.0000000000 
_pdbx_struct_oper_list.vector[2]            0.0000000000 
_pdbx_struct_oper_list.matrix[3][1]         0.0000000000 
_pdbx_struct_oper_list.matrix[3][2]         0.0000000000 
_pdbx_struct_oper_list.matrix[3][3]         1.0000000000 
_pdbx_struct_oper_list.vector[3]            0.0000000000 
# 
_struct_biol.id                    1 
_struct_biol.details               
;MONOMER IN ASYMMETRIC UNIT 
POSSIBLE DIMER IN SOLUTION  
(SEE CITATION)
;
_struct_biol.pdbx_parent_biol_id   ? 
# 
loop_
_struct_conf.conf_type_id 
_struct_conf.id 
_struct_conf.pdbx_PDB_helix_id 
_struct_conf.beg_label_comp_id 
_struct_conf.beg_label_asym_id 
_struct_conf.beg_label_seq_id 
_struct_conf.pdbx_beg_PDB_ins_code 
_struct_conf.end_label_comp_id 
_struct_conf.end_label_asym_id 
_struct_conf.end_label_seq_id 
_struct_conf.pdbx_end_PDB_ins_code 
_struct_conf.beg_auth_comp_id 
_struct_conf.beg_auth_asym_id 
_struct_conf.beg_auth_seq_id 
_struct_conf.end_auth_comp_id 
_struct_conf.end_auth_asym_id 
_struct_conf.end_auth_seq_id 
_struct_conf.pdbx_PDB_helix_class 
_struct_conf.details 
_struct_conf.pdbx_PDB_helix_length 
HELX_P HELX_P1 1 SER A 4   ? HIS A 24  ? SER A 4   HIS A 24  1 ? 21 
HELX_P HELX_P2 2 OCS A 32  ? ARG A 50  ? OCS A 32  ARG A 50  1 ? 19 
HELX_P HELX_P3 3 SER A 55  ? ARG A 60  ? SER A 55  ARG A 60  1 ? 6  
HELX_P HELX_P4 4 THR A 75  ? SER A 85  ? THR A 75  SER A 85  1 ? 11 
HELX_P HELX_P5 5 GLU A 86  ? TYR A 90  ? GLU A 86  TYR A 90  5 ? 5  
HELX_P HELX_P6 6 THR A 98  ? GLY A 100 ? THR A 98  GLY A 100 5 ? 3  
HELX_P HELX_P7 7 THR A 101 ? TRP A 109 ? THR A 101 TRP A 109 1 ? 9  
HELX_P HELX_P8 8 GLY A 143 ? VAL A 149 ? GLY A 143 VAL A 149 1 ? 7  
# 
_struct_conf_type.id          HELX_P 
_struct_conf_type.criteria    ? 
_struct_conf_type.reference   ? 
# 
loop_
_struct_conn.id 
_struct_conn.conn_type_id 
_struct_conn.pdbx_leaving_atom_flag 
_struct_conn.pdbx_PDB_id 
_struct_conn.ptnr1_label_asym_id 
_struct_conn.ptnr1_label_comp_id 
_struct_conn.ptnr1_label_seq_id 
_struct_conn.ptnr1_label_atom_id 
_struct_conn.pdbx_ptnr1_label_alt_id 
_struct_conn.pdbx_ptnr1_PDB_ins_code 
_struct_conn.pdbx_ptnr1_standard_comp_id 
_struct_conn.ptnr1_symmetry 
_struct_conn.ptnr2_label_asym_id 
_struct_conn.ptnr2_label_comp_id 
_struct_conn.ptnr2_label_seq_id 
_struct_conn.ptnr2_label_atom_id 
_struct_conn.pdbx_ptnr2_label_alt_id 
_struct_conn.pdbx_ptnr2_PDB_ins_code 
_struct_conn.ptnr1_auth_asym_id 
_struct_conn.ptnr1_auth_comp_id 
_struct_conn.ptnr1_auth_seq_id 
_struct_conn.ptnr2_auth_asym_id 
_struct_conn.ptnr2_auth_comp_id 
_struct_conn.ptnr2_auth_seq_id 
_struct_conn.ptnr2_symmetry 
_struct_conn.pdbx_ptnr3_label_atom_id 
_struct_conn.pdbx_ptnr3_label_seq_id 
_struct_conn.pdbx_ptnr3_label_comp_id 
_struct_conn.pdbx_ptnr3_label_asym_id 
_struct_conn.pdbx_ptnr3_label_alt_id 
_struct_conn.pdbx_ptnr3_PDB_ins_code 
_struct_conn.details 
_struct_conn.pdbx_dist_value 
_struct_conn.pdbx_value_order 
_struct_conn.pdbx_role 
covale1 covale both ? A LEU 31 C ? ? ? 1_555 A OCS 32 N ? ? A LEU 31 A OCS 32 1_555 ? ? ? ? ? ? ? 1.324 ? ? 
covale2 covale both ? A OCS 32 C ? ? ? 1_555 A LYS 33 N ? ? A OCS 32 A LYS 33 1_555 ? ? ? ? ? ? ? 1.332 ? ? 
covale3 covale both ? A GLN 62 C ? ? ? 1_555 A OCS 63 N ? ? A GLN 62 A OCS 63 1_555 ? ? ? ? ? ? ? 1.328 ? ? 
covale4 covale both ? A OCS 63 C ? ? ? 1_555 A GLY 64 N ? ? A OCS 63 A GLY 64 1_555 ? ? ? ? ? ? ? 1.325 ? ? 
# 
_struct_conn_type.id          covale 
_struct_conn_type.criteria    ? 
_struct_conn_type.reference   ? 
# 
loop_
_pdbx_modification_feature.ordinal 
_pdbx_modification_feature.label_comp_id 
_pdbx_modification_feature.label_asym_id 
_pdbx_modification_feature.label_seq_id 
_pdbx_modification_feature.label_alt_id 
_pdbx_modification_feature.modified_residue_label_comp_id 
_pdbx_modification_feature.modified_residue_label_asym_id 
_pdbx_modification_feature.modified_residue_label_seq_id 
_pdbx_modification_feature.modified_residue_label_alt_id 
_pdbx_modification_feature.auth_comp_id 
_pdbx_modification_feature.auth_asym_id 
_pdbx_modification_feature.auth_seq_id 
_pdbx_modification_feature.PDB_ins_code 
_pdbx_modification_feature.symmetry 
_pdbx_modification_feature.modified_residue_auth_comp_id 
_pdbx_modification_feature.modified_residue_auth_asym_id 
_pdbx_modification_feature.modified_residue_auth_seq_id 
_pdbx_modification_feature.modified_residue_PDB_ins_code 
_pdbx_modification_feature.modified_residue_symmetry 
_pdbx_modification_feature.comp_id_linking_atom 
_pdbx_modification_feature.modified_residue_id_linking_atom 
_pdbx_modification_feature.modified_residue_id 
_pdbx_modification_feature.ref_pcm_id 
_pdbx_modification_feature.ref_comp_id 
_pdbx_modification_feature.type 
_pdbx_modification_feature.category 
1 OCS A 32 ? . . . . OCS A 32 ? 1_555 . . . . . . . CYS 1 OCS Oxidation     'Named protein modification' 
2 OCS A 32 ? . . . . OCS A 32 ? 1_555 . . . . . . . CYS 2 OCS Hydroxylation 'Named protein modification' 
3 OCS A 63 ? . . . . OCS A 63 ? 1_555 . . . . . . . CYS 1 OCS Oxidation     'Named protein modification' 
4 OCS A 63 ? . . . . OCS A 63 ? 1_555 . . . . . . . CYS 2 OCS Hydroxylation 'Named protein modification' 
# 
loop_
_struct_mon_prot_cis.pdbx_id 
_struct_mon_prot_cis.label_comp_id 
_struct_mon_prot_cis.label_seq_id 
_struct_mon_prot_cis.label_asym_id 
_struct_mon_prot_cis.label_alt_id 
_struct_mon_prot_cis.pdbx_PDB_ins_code 
_struct_mon_prot_cis.auth_comp_id 
_struct_mon_prot_cis.auth_seq_id 
_struct_mon_prot_cis.auth_asym_id 
_struct_mon_prot_cis.pdbx_label_comp_id_2 
_struct_mon_prot_cis.pdbx_label_seq_id_2 
_struct_mon_prot_cis.pdbx_label_asym_id_2 
_struct_mon_prot_cis.pdbx_PDB_ins_code_2 
_struct_mon_prot_cis.pdbx_auth_comp_id_2 
_struct_mon_prot_cis.pdbx_auth_seq_id_2 
_struct_mon_prot_cis.pdbx_auth_asym_id_2 
_struct_mon_prot_cis.pdbx_PDB_model_num 
_struct_mon_prot_cis.pdbx_omega_angle 
1 PHE 134 A . ? PHE 134 A PRO 135 A ? PRO 135 A 1 -0.22 
2 PHE 134 A . ? PHE 134 A PRO 135 A ? PRO 135 A 1 -0.43 
# 
_struct_sheet.id               A 
_struct_sheet.type             ? 
_struct_sheet.number_strands   4 
_struct_sheet.details          ? 
# 
loop_
_struct_sheet_order.sheet_id 
_struct_sheet_order.range_id_1 
_struct_sheet_order.range_id_2 
_struct_sheet_order.offset 
_struct_sheet_order.sense 
A 1 2 ? parallel      
A 2 3 ? anti-parallel 
A 3 4 ? anti-parallel 
# 
loop_
_struct_sheet_range.sheet_id 
_struct_sheet_range.id 
_struct_sheet_range.beg_label_comp_id 
_struct_sheet_range.beg_label_asym_id 
_struct_sheet_range.beg_label_seq_id 
_struct_sheet_range.pdbx_beg_PDB_ins_code 
_struct_sheet_range.end_label_comp_id 
_struct_sheet_range.end_label_asym_id 
_struct_sheet_range.end_label_seq_id 
_struct_sheet_range.pdbx_end_PDB_ins_code 
_struct_sheet_range.beg_auth_comp_id 
_struct_sheet_range.beg_auth_asym_id 
_struct_sheet_range.beg_auth_seq_id 
_struct_sheet_range.end_auth_comp_id 
_struct_sheet_range.end_auth_asym_id 
_struct_sheet_range.end_auth_seq_id 
A 1 LYS A 30  ? LEU A 31  ? LYS A 30  LEU A 31  
A 2 LYS A 114 ? SER A 121 ? LYS A 114 SER A 121 
A 3 SER A 127 ? PHE A 134 ? SER A 127 PHE A 134 
A 4 GLY A 64  ? ALA A 70  ? GLY A 64  ALA A 70  
# 
loop_
_pdbx_struct_sheet_hbond.sheet_id 
_pdbx_struct_sheet_hbond.range_id_1 
_pdbx_struct_sheet_hbond.range_id_2 
_pdbx_struct_sheet_hbond.range_1_label_atom_id 
_pdbx_struct_sheet_hbond.range_1_label_comp_id 
_pdbx_struct_sheet_hbond.range_1_label_asym_id 
_pdbx_struct_sheet_hbond.range_1_label_seq_id 
_pdbx_struct_sheet_hbond.range_1_PDB_ins_code 
_pdbx_struct_sheet_hbond.range_1_auth_atom_id 
_pdbx_struct_sheet_hbond.range_1_auth_comp_id 
_pdbx_struct_sheet_hbond.range_1_auth_asym_id 
_pdbx_struct_sheet_hbond.range_1_auth_seq_id 
_pdbx_struct_sheet_hbond.range_2_label_atom_id 
_pdbx_struct_sheet_hbond.range_2_label_comp_id 
_pdbx_struct_sheet_hbond.range_2_label_asym_id 
_pdbx_struct_sheet_hbond.range_2_label_seq_id 
_pdbx_struct_sheet_hbond.range_2_PDB_ins_code 
_pdbx_struct_sheet_hbond.range_2_auth_atom_id 
_pdbx_struct_sheet_hbond.range_2_auth_comp_id 
_pdbx_struct_sheet_hbond.range_2_auth_asym_id 
_pdbx_struct_sheet_hbond.range_2_auth_seq_id 
A 1 2 N LYS A 30  ? N LYS A 30  O MET A 115 ? O MET A 115 
A 2 3 N LYS A 114 ? N LYS A 114 O PHE A 134 ? O PHE A 134 
A 3 4 O TYR A 133 ? O TYR A 133 N GLY A 64  ? N GLY A 64  
# 
_pdbx_entry_details.entry_id                   1SMB 
_pdbx_entry_details.compound_details           ? 
_pdbx_entry_details.source_details             ? 
_pdbx_entry_details.nonpolymer_details         ? 
_pdbx_entry_details.sequence_details           ? 
_pdbx_entry_details.has_ligand_of_interest     ? 
_pdbx_entry_details.has_protein_modification   Y 
# 
loop_
_pdbx_struct_mod_residue.id 
_pdbx_struct_mod_residue.label_asym_id 
_pdbx_struct_mod_residue.label_comp_id 
_pdbx_struct_mod_residue.label_seq_id 
_pdbx_struct_mod_residue.auth_asym_id 
_pdbx_struct_mod_residue.auth_comp_id 
_pdbx_struct_mod_residue.auth_seq_id 
_pdbx_struct_mod_residue.PDB_ins_code 
_pdbx_struct_mod_residue.parent_comp_id 
_pdbx_struct_mod_residue.details 
1 A OCS 32 A OCS 32 ? CYS 'CYSTEINESULFONIC ACID' 
2 A OCS 63 A OCS 63 ? CYS 'CYSTEINESULFONIC ACID' 
# 
loop_
_pdbx_unobs_or_zero_occ_residues.id 
_pdbx_unobs_or_zero_occ_residues.PDB_model_num 
_pdbx_unobs_or_zero_occ_residues.polymer_flag 
_pdbx_unobs_or_zero_occ_residues.occupancy_flag 
_pdbx_unobs_or_zero_occ_residues.auth_asym_id 
_pdbx_unobs_or_zero_occ_residues.auth_comp_id 
_pdbx_unobs_or_zero_occ_residues.auth_seq_id 
_pdbx_unobs_or_zero_occ_residues.PDB_ins_code 
_pdbx_unobs_or_zero_occ_residues.label_asym_id 
_pdbx_unobs_or_zero_occ_residues.label_comp_id 
_pdbx_unobs_or_zero_occ_residues.label_seq_id 
1 1 Y 1 A MET 1   ? A MET 1   
2 1 Y 1 A GLY 2   ? A GLY 2   
3 1 Y 1 A LYS 3   ? A LYS 3   
4 1 Y 1 A LYS 153 ? A LYS 153 
5 1 Y 1 A LYS 154 ? A LYS 154 
# 
loop_
_chem_comp_atom.comp_id 
_chem_comp_atom.atom_id 
_chem_comp_atom.type_symbol 
_chem_comp_atom.pdbx_aromatic_flag 
_chem_comp_atom.pdbx_stereo_config 
_chem_comp_atom.pdbx_ordinal 
ALA N    N N N 1   
ALA CA   C N S 2   
ALA C    C N N 3   
ALA O    O N N 4   
ALA CB   C N N 5   
ALA OXT  O N N 6   
ALA H    H N N 7   
ALA H2   H N N 8   
ALA HA   H N N 9   
ALA HB1  H N N 10  
ALA HB2  H N N 11  
ALA HB3  H N N 12  
ALA HXT  H N N 13  
ARG N    N N N 14  
ARG CA   C N S 15  
ARG C    C N N 16  
ARG O    O N N 17  
ARG CB   C N N 18  
ARG CG   C N N 19  
ARG CD   C N N 20  
ARG NE   N N N 21  
ARG CZ   C N N 22  
ARG NH1  N N N 23  
ARG NH2  N N N 24  
ARG OXT  O N N 25  
ARG H    H N N 26  
ARG H2   H N N 27  
ARG HA   H N N 28  
ARG HB2  H N N 29  
ARG HB3  H N N 30  
ARG HG2  H N N 31  
ARG HG3  H N N 32  
ARG HD2  H N N 33  
ARG HD3  H N N 34  
ARG HE   H N N 35  
ARG HH11 H N N 36  
ARG HH12 H N N 37  
ARG HH21 H N N 38  
ARG HH22 H N N 39  
ARG HXT  H N N 40  
ASN N    N N N 41  
ASN CA   C N S 42  
ASN C    C N N 43  
ASN O    O N N 44  
ASN CB   C N N 45  
ASN CG   C N N 46  
ASN OD1  O N N 47  
ASN ND2  N N N 48  
ASN OXT  O N N 49  
ASN H    H N N 50  
ASN H2   H N N 51  
ASN HA   H N N 52  
ASN HB2  H N N 53  
ASN HB3  H N N 54  
ASN HD21 H N N 55  
ASN HD22 H N N 56  
ASN HXT  H N N 57  
ASP N    N N N 58  
ASP CA   C N S 59  
ASP C    C N N 60  
ASP O    O N N 61  
ASP CB   C N N 62  
ASP CG   C N N 63  
ASP OD1  O N N 64  
ASP OD2  O N N 65  
ASP OXT  O N N 66  
ASP H    H N N 67  
ASP H2   H N N 68  
ASP HA   H N N 69  
ASP HB2  H N N 70  
ASP HB3  H N N 71  
ASP HD2  H N N 72  
ASP HXT  H N N 73  
CYS N    N N N 74  
CYS CA   C N R 75  
CYS C    C N N 76  
CYS O    O N N 77  
CYS CB   C N N 78  
CYS SG   S N N 79  
CYS OXT  O N N 80  
CYS H    H N N 81  
CYS H2   H N N 82  
CYS HA   H N N 83  
CYS HB2  H N N 84  
CYS HB3  H N N 85  
CYS HG   H N N 86  
CYS HXT  H N N 87  
GLN N    N N N 88  
GLN CA   C N S 89  
GLN C    C N N 90  
GLN O    O N N 91  
GLN CB   C N N 92  
GLN CG   C N N 93  
GLN CD   C N N 94  
GLN OE1  O N N 95  
GLN NE2  N N N 96  
GLN OXT  O N N 97  
GLN H    H N N 98  
GLN H2   H N N 99  
GLN HA   H N N 100 
GLN HB2  H N N 101 
GLN HB3  H N N 102 
GLN HG2  H N N 103 
GLN HG3  H N N 104 
GLN HE21 H N N 105 
GLN HE22 H N N 106 
GLN HXT  H N N 107 
GLU N    N N N 108 
GLU CA   C N S 109 
GLU C    C N N 110 
GLU O    O N N 111 
GLU CB   C N N 112 
GLU CG   C N N 113 
GLU CD   C N N 114 
GLU OE1  O N N 115 
GLU OE2  O N N 116 
GLU OXT  O N N 117 
GLU H    H N N 118 
GLU H2   H N N 119 
GLU HA   H N N 120 
GLU HB2  H N N 121 
GLU HB3  H N N 122 
GLU HG2  H N N 123 
GLU HG3  H N N 124 
GLU HE2  H N N 125 
GLU HXT  H N N 126 
GLY N    N N N 127 
GLY CA   C N N 128 
GLY C    C N N 129 
GLY O    O N N 130 
GLY OXT  O N N 131 
GLY H    H N N 132 
GLY H2   H N N 133 
GLY HA2  H N N 134 
GLY HA3  H N N 135 
GLY HXT  H N N 136 
HIS N    N N N 137 
HIS CA   C N S 138 
HIS C    C N N 139 
HIS O    O N N 140 
HIS CB   C N N 141 
HIS CG   C Y N 142 
HIS ND1  N Y N 143 
HIS CD2  C Y N 144 
HIS CE1  C Y N 145 
HIS NE2  N Y N 146 
HIS OXT  O N N 147 
HIS H    H N N 148 
HIS H2   H N N 149 
HIS HA   H N N 150 
HIS HB2  H N N 151 
HIS HB3  H N N 152 
HIS HD1  H N N 153 
HIS HD2  H N N 154 
HIS HE1  H N N 155 
HIS HE2  H N N 156 
HIS HXT  H N N 157 
HOH O    O N N 158 
HOH H1   H N N 159 
HOH H2   H N N 160 
ILE N    N N N 161 
ILE CA   C N S 162 
ILE C    C N N 163 
ILE O    O N N 164 
ILE CB   C N S 165 
ILE CG1  C N N 166 
ILE CG2  C N N 167 
ILE CD1  C N N 168 
ILE OXT  O N N 169 
ILE H    H N N 170 
ILE H2   H N N 171 
ILE HA   H N N 172 
ILE HB   H N N 173 
ILE HG12 H N N 174 
ILE HG13 H N N 175 
ILE HG21 H N N 176 
ILE HG22 H N N 177 
ILE HG23 H N N 178 
ILE HD11 H N N 179 
ILE HD12 H N N 180 
ILE HD13 H N N 181 
ILE HXT  H N N 182 
LEU N    N N N 183 
LEU CA   C N S 184 
LEU C    C N N 185 
LEU O    O N N 186 
LEU CB   C N N 187 
LEU CG   C N N 188 
LEU CD1  C N N 189 
LEU CD2  C N N 190 
LEU OXT  O N N 191 
LEU H    H N N 192 
LEU H2   H N N 193 
LEU HA   H N N 194 
LEU HB2  H N N 195 
LEU HB3  H N N 196 
LEU HG   H N N 197 
LEU HD11 H N N 198 
LEU HD12 H N N 199 
LEU HD13 H N N 200 
LEU HD21 H N N 201 
LEU HD22 H N N 202 
LEU HD23 H N N 203 
LEU HXT  H N N 204 
LYS N    N N N 205 
LYS CA   C N S 206 
LYS C    C N N 207 
LYS O    O N N 208 
LYS CB   C N N 209 
LYS CG   C N N 210 
LYS CD   C N N 211 
LYS CE   C N N 212 
LYS NZ   N N N 213 
LYS OXT  O N N 214 
LYS H    H N N 215 
LYS H2   H N N 216 
LYS HA   H N N 217 
LYS HB2  H N N 218 
LYS HB3  H N N 219 
LYS HG2  H N N 220 
LYS HG3  H N N 221 
LYS HD2  H N N 222 
LYS HD3  H N N 223 
LYS HE2  H N N 224 
LYS HE3  H N N 225 
LYS HZ1  H N N 226 
LYS HZ2  H N N 227 
LYS HZ3  H N N 228 
LYS HXT  H N N 229 
MET N    N N N 230 
MET CA   C N S 231 
MET C    C N N 232 
MET O    O N N 233 
MET CB   C N N 234 
MET CG   C N N 235 
MET SD   S N N 236 
MET CE   C N N 237 
MET OXT  O N N 238 
MET H    H N N 239 
MET H2   H N N 240 
MET HA   H N N 241 
MET HB2  H N N 242 
MET HB3  H N N 243 
MET HG2  H N N 244 
MET HG3  H N N 245 
MET HE1  H N N 246 
MET HE2  H N N 247 
MET HE3  H N N 248 
MET HXT  H N N 249 
OCS N    N N N 250 
OCS CA   C N R 251 
OCS CB   C N N 252 
OCS SG   S N N 253 
OCS C    C N N 254 
OCS O    O N N 255 
OCS OXT  O N N 256 
OCS OD1  O N N 257 
OCS OD2  O N N 258 
OCS OD3  O N N 259 
OCS H    H N N 260 
OCS H2   H N N 261 
OCS HA   H N N 262 
OCS HB2  H N N 263 
OCS HB3  H N N 264 
OCS HXT  H N N 265 
OCS HD2  H N N 266 
PHE N    N N N 267 
PHE CA   C N S 268 
PHE C    C N N 269 
PHE O    O N N 270 
PHE CB   C N N 271 
PHE CG   C Y N 272 
PHE CD1  C Y N 273 
PHE CD2  C Y N 274 
PHE CE1  C Y N 275 
PHE CE2  C Y N 276 
PHE CZ   C Y N 277 
PHE OXT  O N N 278 
PHE H    H N N 279 
PHE H2   H N N 280 
PHE HA   H N N 281 
PHE HB2  H N N 282 
PHE HB3  H N N 283 
PHE HD1  H N N 284 
PHE HD2  H N N 285 
PHE HE1  H N N 286 
PHE HE2  H N N 287 
PHE HZ   H N N 288 
PHE HXT  H N N 289 
PRO N    N N N 290 
PRO CA   C N S 291 
PRO C    C N N 292 
PRO O    O N N 293 
PRO CB   C N N 294 
PRO CG   C N N 295 
PRO CD   C N N 296 
PRO OXT  O N N 297 
PRO H    H N N 298 
PRO HA   H N N 299 
PRO HB2  H N N 300 
PRO HB3  H N N 301 
PRO HG2  H N N 302 
PRO HG3  H N N 303 
PRO HD2  H N N 304 
PRO HD3  H N N 305 
PRO HXT  H N N 306 
SER N    N N N 307 
SER CA   C N S 308 
SER C    C N N 309 
SER O    O N N 310 
SER CB   C N N 311 
SER OG   O N N 312 
SER OXT  O N N 313 
SER H    H N N 314 
SER H2   H N N 315 
SER HA   H N N 316 
SER HB2  H N N 317 
SER HB3  H N N 318 
SER HG   H N N 319 
SER HXT  H N N 320 
THR N    N N N 321 
THR CA   C N S 322 
THR C    C N N 323 
THR O    O N N 324 
THR CB   C N R 325 
THR OG1  O N N 326 
THR CG2  C N N 327 
THR OXT  O N N 328 
THR H    H N N 329 
THR H2   H N N 330 
THR HA   H N N 331 
THR HB   H N N 332 
THR HG1  H N N 333 
THR HG21 H N N 334 
THR HG22 H N N 335 
THR HG23 H N N 336 
THR HXT  H N N 337 
TRP N    N N N 338 
TRP CA   C N S 339 
TRP C    C N N 340 
TRP O    O N N 341 
TRP CB   C N N 342 
TRP CG   C Y N 343 
TRP CD1  C Y N 344 
TRP CD2  C Y N 345 
TRP NE1  N Y N 346 
TRP CE2  C Y N 347 
TRP CE3  C Y N 348 
TRP CZ2  C Y N 349 
TRP CZ3  C Y N 350 
TRP CH2  C Y N 351 
TRP OXT  O N N 352 
TRP H    H N N 353 
TRP H2   H N N 354 
TRP HA   H N N 355 
TRP HB2  H N N 356 
TRP HB3  H N N 357 
TRP HD1  H N N 358 
TRP HE1  H N N 359 
TRP HE3  H N N 360 
TRP HZ2  H N N 361 
TRP HZ3  H N N 362 
TRP HH2  H N N 363 
TRP HXT  H N N 364 
TYR N    N N N 365 
TYR CA   C N S 366 
TYR C    C N N 367 
TYR O    O N N 368 
TYR CB   C N N 369 
TYR CG   C Y N 370 
TYR CD1  C Y N 371 
TYR CD2  C Y N 372 
TYR CE1  C Y N 373 
TYR CE2  C Y N 374 
TYR CZ   C Y N 375 
TYR OH   O N N 376 
TYR OXT  O N N 377 
TYR H    H N N 378 
TYR H2   H N N 379 
TYR HA   H N N 380 
TYR HB2  H N N 381 
TYR HB3  H N N 382 
TYR HD1  H N N 383 
TYR HD2  H N N 384 
TYR HE1  H N N 385 
TYR HE2  H N N 386 
TYR HH   H N N 387 
TYR HXT  H N N 388 
VAL N    N N N 389 
VAL CA   C N S 390 
VAL C    C N N 391 
VAL O    O N N 392 
VAL CB   C N N 393 
VAL CG1  C N N 394 
VAL CG2  C N N 395 
VAL OXT  O N N 396 
VAL H    H N N 397 
VAL H2   H N N 398 
VAL HA   H N N 399 
VAL HB   H N N 400 
VAL HG11 H N N 401 
VAL HG12 H N N 402 
VAL HG13 H N N 403 
VAL HG21 H N N 404 
VAL HG22 H N N 405 
VAL HG23 H N N 406 
VAL HXT  H N N 407 
# 
loop_
_chem_comp_bond.comp_id 
_chem_comp_bond.atom_id_1 
_chem_comp_bond.atom_id_2 
_chem_comp_bond.value_order 
_chem_comp_bond.pdbx_aromatic_flag 
_chem_comp_bond.pdbx_stereo_config 
_chem_comp_bond.pdbx_ordinal 
ALA N   CA   sing N N 1   
ALA N   H    sing N N 2   
ALA N   H2   sing N N 3   
ALA CA  C    sing N N 4   
ALA CA  CB   sing N N 5   
ALA CA  HA   sing N N 6   
ALA C   O    doub N N 7   
ALA C   OXT  sing N N 8   
ALA CB  HB1  sing N N 9   
ALA CB  HB2  sing N N 10  
ALA CB  HB3  sing N N 11  
ALA OXT HXT  sing N N 12  
ARG N   CA   sing N N 13  
ARG N   H    sing N N 14  
ARG N   H2   sing N N 15  
ARG CA  C    sing N N 16  
ARG CA  CB   sing N N 17  
ARG CA  HA   sing N N 18  
ARG C   O    doub N N 19  
ARG C   OXT  sing N N 20  
ARG CB  CG   sing N N 21  
ARG CB  HB2  sing N N 22  
ARG CB  HB3  sing N N 23  
ARG CG  CD   sing N N 24  
ARG CG  HG2  sing N N 25  
ARG CG  HG3  sing N N 26  
ARG CD  NE   sing N N 27  
ARG CD  HD2  sing N N 28  
ARG CD  HD3  sing N N 29  
ARG NE  CZ   sing N N 30  
ARG NE  HE   sing N N 31  
ARG CZ  NH1  sing N N 32  
ARG CZ  NH2  doub N N 33  
ARG NH1 HH11 sing N N 34  
ARG NH1 HH12 sing N N 35  
ARG NH2 HH21 sing N N 36  
ARG NH2 HH22 sing N N 37  
ARG OXT HXT  sing N N 38  
ASN N   CA   sing N N 39  
ASN N   H    sing N N 40  
ASN N   H2   sing N N 41  
ASN CA  C    sing N N 42  
ASN CA  CB   sing N N 43  
ASN CA  HA   sing N N 44  
ASN C   O    doub N N 45  
ASN C   OXT  sing N N 46  
ASN CB  CG   sing N N 47  
ASN CB  HB2  sing N N 48  
ASN CB  HB3  sing N N 49  
ASN CG  OD1  doub N N 50  
ASN CG  ND2  sing N N 51  
ASN ND2 HD21 sing N N 52  
ASN ND2 HD22 sing N N 53  
ASN OXT HXT  sing N N 54  
ASP N   CA   sing N N 55  
ASP N   H    sing N N 56  
ASP N   H2   sing N N 57  
ASP CA  C    sing N N 58  
ASP CA  CB   sing N N 59  
ASP CA  HA   sing N N 60  
ASP C   O    doub N N 61  
ASP C   OXT  sing N N 62  
ASP CB  CG   sing N N 63  
ASP CB  HB2  sing N N 64  
ASP CB  HB3  sing N N 65  
ASP CG  OD1  doub N N 66  
ASP CG  OD2  sing N N 67  
ASP OD2 HD2  sing N N 68  
ASP OXT HXT  sing N N 69  
CYS N   CA   sing N N 70  
CYS N   H    sing N N 71  
CYS N   H2   sing N N 72  
CYS CA  C    sing N N 73  
CYS CA  CB   sing N N 74  
CYS CA  HA   sing N N 75  
CYS C   O    doub N N 76  
CYS C   OXT  sing N N 77  
CYS CB  SG   sing N N 78  
CYS CB  HB2  sing N N 79  
CYS CB  HB3  sing N N 80  
CYS SG  HG   sing N N 81  
CYS OXT HXT  sing N N 82  
GLN N   CA   sing N N 83  
GLN N   H    sing N N 84  
GLN N   H2   sing N N 85  
GLN CA  C    sing N N 86  
GLN CA  CB   sing N N 87  
GLN CA  HA   sing N N 88  
GLN C   O    doub N N 89  
GLN C   OXT  sing N N 90  
GLN CB  CG   sing N N 91  
GLN CB  HB2  sing N N 92  
GLN CB  HB3  sing N N 93  
GLN CG  CD   sing N N 94  
GLN CG  HG2  sing N N 95  
GLN CG  HG3  sing N N 96  
GLN CD  OE1  doub N N 97  
GLN CD  NE2  sing N N 98  
GLN NE2 HE21 sing N N 99  
GLN NE2 HE22 sing N N 100 
GLN OXT HXT  sing N N 101 
GLU N   CA   sing N N 102 
GLU N   H    sing N N 103 
GLU N   H2   sing N N 104 
GLU CA  C    sing N N 105 
GLU CA  CB   sing N N 106 
GLU CA  HA   sing N N 107 
GLU C   O    doub N N 108 
GLU C   OXT  sing N N 109 
GLU CB  CG   sing N N 110 
GLU CB  HB2  sing N N 111 
GLU CB  HB3  sing N N 112 
GLU CG  CD   sing N N 113 
GLU CG  HG2  sing N N 114 
GLU CG  HG3  sing N N 115 
GLU CD  OE1  doub N N 116 
GLU CD  OE2  sing N N 117 
GLU OE2 HE2  sing N N 118 
GLU OXT HXT  sing N N 119 
GLY N   CA   sing N N 120 
GLY N   H    sing N N 121 
GLY N   H2   sing N N 122 
GLY CA  C    sing N N 123 
GLY CA  HA2  sing N N 124 
GLY CA  HA3  sing N N 125 
GLY C   O    doub N N 126 
GLY C   OXT  sing N N 127 
GLY OXT HXT  sing N N 128 
HIS N   CA   sing N N 129 
HIS N   H    sing N N 130 
HIS N   H2   sing N N 131 
HIS CA  C    sing N N 132 
HIS CA  CB   sing N N 133 
HIS CA  HA   sing N N 134 
HIS C   O    doub N N 135 
HIS C   OXT  sing N N 136 
HIS CB  CG   sing N N 137 
HIS CB  HB2  sing N N 138 
HIS CB  HB3  sing N N 139 
HIS CG  ND1  sing Y N 140 
HIS CG  CD2  doub Y N 141 
HIS ND1 CE1  doub Y N 142 
HIS ND1 HD1  sing N N 143 
HIS CD2 NE2  sing Y N 144 
HIS CD2 HD2  sing N N 145 
HIS CE1 NE2  sing Y N 146 
HIS CE1 HE1  sing N N 147 
HIS NE2 HE2  sing N N 148 
HIS OXT HXT  sing N N 149 
HOH O   H1   sing N N 150 
HOH O   H2   sing N N 151 
ILE N   CA   sing N N 152 
ILE N   H    sing N N 153 
ILE N   H2   sing N N 154 
ILE CA  C    sing N N 155 
ILE CA  CB   sing N N 156 
ILE CA  HA   sing N N 157 
ILE C   O    doub N N 158 
ILE C   OXT  sing N N 159 
ILE CB  CG1  sing N N 160 
ILE CB  CG2  sing N N 161 
ILE CB  HB   sing N N 162 
ILE CG1 CD1  sing N N 163 
ILE CG1 HG12 sing N N 164 
ILE CG1 HG13 sing N N 165 
ILE CG2 HG21 sing N N 166 
ILE CG2 HG22 sing N N 167 
ILE CG2 HG23 sing N N 168 
ILE CD1 HD11 sing N N 169 
ILE CD1 HD12 sing N N 170 
ILE CD1 HD13 sing N N 171 
ILE OXT HXT  sing N N 172 
LEU N   CA   sing N N 173 
LEU N   H    sing N N 174 
LEU N   H2   sing N N 175 
LEU CA  C    sing N N 176 
LEU CA  CB   sing N N 177 
LEU CA  HA   sing N N 178 
LEU C   O    doub N N 179 
LEU C   OXT  sing N N 180 
LEU CB  CG   sing N N 181 
LEU CB  HB2  sing N N 182 
LEU CB  HB3  sing N N 183 
LEU CG  CD1  sing N N 184 
LEU CG  CD2  sing N N 185 
LEU CG  HG   sing N N 186 
LEU CD1 HD11 sing N N 187 
LEU CD1 HD12 sing N N 188 
LEU CD1 HD13 sing N N 189 
LEU CD2 HD21 sing N N 190 
LEU CD2 HD22 sing N N 191 
LEU CD2 HD23 sing N N 192 
LEU OXT HXT  sing N N 193 
LYS N   CA   sing N N 194 
LYS N   H    sing N N 195 
LYS N   H2   sing N N 196 
LYS CA  C    sing N N 197 
LYS CA  CB   sing N N 198 
LYS CA  HA   sing N N 199 
LYS C   O    doub N N 200 
LYS C   OXT  sing N N 201 
LYS CB  CG   sing N N 202 
LYS CB  HB2  sing N N 203 
LYS CB  HB3  sing N N 204 
LYS CG  CD   sing N N 205 
LYS CG  HG2  sing N N 206 
LYS CG  HG3  sing N N 207 
LYS CD  CE   sing N N 208 
LYS CD  HD2  sing N N 209 
LYS CD  HD3  sing N N 210 
LYS CE  NZ   sing N N 211 
LYS CE  HE2  sing N N 212 
LYS CE  HE3  sing N N 213 
LYS NZ  HZ1  sing N N 214 
LYS NZ  HZ2  sing N N 215 
LYS NZ  HZ3  sing N N 216 
LYS OXT HXT  sing N N 217 
MET N   CA   sing N N 218 
MET N   H    sing N N 219 
MET N   H2   sing N N 220 
MET CA  C    sing N N 221 
MET CA  CB   sing N N 222 
MET CA  HA   sing N N 223 
MET C   O    doub N N 224 
MET C   OXT  sing N N 225 
MET CB  CG   sing N N 226 
MET CB  HB2  sing N N 227 
MET CB  HB3  sing N N 228 
MET CG  SD   sing N N 229 
MET CG  HG2  sing N N 230 
MET CG  HG3  sing N N 231 
MET SD  CE   sing N N 232 
MET CE  HE1  sing N N 233 
MET CE  HE2  sing N N 234 
MET CE  HE3  sing N N 235 
MET OXT HXT  sing N N 236 
OCS N   CA   sing N N 237 
OCS N   H    sing N N 238 
OCS N   H2   sing N N 239 
OCS CA  CB   sing N N 240 
OCS CA  C    sing N N 241 
OCS CA  HA   sing N N 242 
OCS CB  SG   sing N N 243 
OCS CB  HB2  sing N N 244 
OCS CB  HB3  sing N N 245 
OCS SG  OD1  doub N N 246 
OCS SG  OD2  sing N N 247 
OCS SG  OD3  doub N N 248 
OCS C   O    doub N N 249 
OCS C   OXT  sing N N 250 
OCS OXT HXT  sing N N 251 
OCS OD2 HD2  sing N N 252 
PHE N   CA   sing N N 253 
PHE N   H    sing N N 254 
PHE N   H2   sing N N 255 
PHE CA  C    sing N N 256 
PHE CA  CB   sing N N 257 
PHE CA  HA   sing N N 258 
PHE C   O    doub N N 259 
PHE C   OXT  sing N N 260 
PHE CB  CG   sing N N 261 
PHE CB  HB2  sing N N 262 
PHE CB  HB3  sing N N 263 
PHE CG  CD1  doub Y N 264 
PHE CG  CD2  sing Y N 265 
PHE CD1 CE1  sing Y N 266 
PHE CD1 HD1  sing N N 267 
PHE CD2 CE2  doub Y N 268 
PHE CD2 HD2  sing N N 269 
PHE CE1 CZ   doub Y N 270 
PHE CE1 HE1  sing N N 271 
PHE CE2 CZ   sing Y N 272 
PHE CE2 HE2  sing N N 273 
PHE CZ  HZ   sing N N 274 
PHE OXT HXT  sing N N 275 
PRO N   CA   sing N N 276 
PRO N   CD   sing N N 277 
PRO N   H    sing N N 278 
PRO CA  C    sing N N 279 
PRO CA  CB   sing N N 280 
PRO CA  HA   sing N N 281 
PRO C   O    doub N N 282 
PRO C   OXT  sing N N 283 
PRO CB  CG   sing N N 284 
PRO CB  HB2  sing N N 285 
PRO CB  HB3  sing N N 286 
PRO CG  CD   sing N N 287 
PRO CG  HG2  sing N N 288 
PRO CG  HG3  sing N N 289 
PRO CD  HD2  sing N N 290 
PRO CD  HD3  sing N N 291 
PRO OXT HXT  sing N N 292 
SER N   CA   sing N N 293 
SER N   H    sing N N 294 
SER N   H2   sing N N 295 
SER CA  C    sing N N 296 
SER CA  CB   sing N N 297 
SER CA  HA   sing N N 298 
SER C   O    doub N N 299 
SER C   OXT  sing N N 300 
SER CB  OG   sing N N 301 
SER CB  HB2  sing N N 302 
SER CB  HB3  sing N N 303 
SER OG  HG   sing N N 304 
SER OXT HXT  sing N N 305 
THR N   CA   sing N N 306 
THR N   H    sing N N 307 
THR N   H2   sing N N 308 
THR CA  C    sing N N 309 
THR CA  CB   sing N N 310 
THR CA  HA   sing N N 311 
THR C   O    doub N N 312 
THR C   OXT  sing N N 313 
THR CB  OG1  sing N N 314 
THR CB  CG2  sing N N 315 
THR CB  HB   sing N N 316 
THR OG1 HG1  sing N N 317 
THR CG2 HG21 sing N N 318 
THR CG2 HG22 sing N N 319 
THR CG2 HG23 sing N N 320 
THR OXT HXT  sing N N 321 
TRP N   CA   sing N N 322 
TRP N   H    sing N N 323 
TRP N   H2   sing N N 324 
TRP CA  C    sing N N 325 
TRP CA  CB   sing N N 326 
TRP CA  HA   sing N N 327 
TRP C   O    doub N N 328 
TRP C   OXT  sing N N 329 
TRP CB  CG   sing N N 330 
TRP CB  HB2  sing N N 331 
TRP CB  HB3  sing N N 332 
TRP CG  CD1  doub Y N 333 
TRP CG  CD2  sing Y N 334 
TRP CD1 NE1  sing Y N 335 
TRP CD1 HD1  sing N N 336 
TRP CD2 CE2  doub Y N 337 
TRP CD2 CE3  sing Y N 338 
TRP NE1 CE2  sing Y N 339 
TRP NE1 HE1  sing N N 340 
TRP CE2 CZ2  sing Y N 341 
TRP CE3 CZ3  doub Y N 342 
TRP CE3 HE3  sing N N 343 
TRP CZ2 CH2  doub Y N 344 
TRP CZ2 HZ2  sing N N 345 
TRP CZ3 CH2  sing Y N 346 
TRP CZ3 HZ3  sing N N 347 
TRP CH2 HH2  sing N N 348 
TRP OXT HXT  sing N N 349 
TYR N   CA   sing N N 350 
TYR N   H    sing N N 351 
TYR N   H2   sing N N 352 
TYR CA  C    sing N N 353 
TYR CA  CB   sing N N 354 
TYR CA  HA   sing N N 355 
TYR C   O    doub N N 356 
TYR C   OXT  sing N N 357 
TYR CB  CG   sing N N 358 
TYR CB  HB2  sing N N 359 
TYR CB  HB3  sing N N 360 
TYR CG  CD1  doub Y N 361 
TYR CG  CD2  sing Y N 362 
TYR CD1 CE1  sing Y N 363 
TYR CD1 HD1  sing N N 364 
TYR CD2 CE2  doub Y N 365 
TYR CD2 HD2  sing N N 366 
TYR CE1 CZ   doub Y N 367 
TYR CE1 HE1  sing N N 368 
TYR CE2 CZ   sing Y N 369 
TYR CE2 HE2  sing N N 370 
TYR CZ  OH   sing N N 371 
TYR OH  HH   sing N N 372 
TYR OXT HXT  sing N N 373 
VAL N   CA   sing N N 374 
VAL N   H    sing N N 375 
VAL N   H2   sing N N 376 
VAL CA  C    sing N N 377 
VAL CA  CB   sing N N 378 
VAL CA  HA   sing N N 379 
VAL C   O    doub N N 380 
VAL C   OXT  sing N N 381 
VAL CB  CG1  sing N N 382 
VAL CB  CG2  sing N N 383 
VAL CB  HB   sing N N 384 
VAL CG1 HG11 sing N N 385 
VAL CG1 HG12 sing N N 386 
VAL CG1 HG13 sing N N 387 
VAL CG2 HG21 sing N N 388 
VAL CG2 HG22 sing N N 389 
VAL CG2 HG23 sing N N 390 
VAL OXT HXT  sing N N 391 
# 
_atom_sites.entry_id                    1SMB 
_atom_sites.fract_transf_matrix[1][1]   -0.00202654 
_atom_sites.fract_transf_matrix[1][2]   -0.01303097 
_atom_sites.fract_transf_matrix[1][3]   0.00847520 
_atom_sites.fract_transf_matrix[2][1]   -0.01440774 
_atom_sites.fract_transf_matrix[2][2]   -0.00579152 
_atom_sites.fract_transf_matrix[2][3]   0.00214762 
_atom_sites.fract_transf_matrix[3][1]   0.00156463 
_atom_sites.fract_transf_matrix[3][2]   -0.00873251 
_atom_sites.fract_transf_matrix[3][3]   -0.01305246 
_atom_sites.fract_transf_vector[1]      0.402461 
_atom_sites.fract_transf_vector[2]      0.836514 
_atom_sites.fract_transf_vector[3]      0.429346 
# 
loop_
_atom_type.symbol 
C 
N 
O 
S 
# 
loop_
_atom_site.group_PDB 
_atom_site.id 
_atom_site.type_symbol 
_atom_site.label_atom_id 
_atom_site.label_alt_id 
_atom_site.label_comp_id 
_atom_site.label_asym_id 
_atom_site.label_entity_id 
_atom_site.label_seq_id 
_atom_site.pdbx_PDB_ins_code 
_atom_site.Cartn_x 
_atom_site.Cartn_y 
_atom_site.Cartn_z 
_atom_site.occupancy 
_atom_site.B_iso_or_equiv 
_atom_site.pdbx_formal_charge 
_atom_site.auth_seq_id 
_atom_site.auth_comp_id 
_atom_site.auth_asym_id 
_atom_site.auth_atom_id 
_atom_site.pdbx_PDB_model_num 
ATOM   1    N N   . SER A 1 4   ? -4.429  -15.704 -14.233 1.00 48.52 ? 4   SER A N   1 
ATOM   2    C CA  . SER A 1 4   ? -4.718  -16.377 -12.934 1.00 48.03 ? 4   SER A CA  1 
ATOM   3    C C   . SER A 1 4   ? -5.280  -15.393 -11.911 1.00 47.64 ? 4   SER A C   1 
ATOM   4    O O   . SER A 1 4   ? -5.386  -14.194 -12.179 1.00 47.49 ? 4   SER A O   1 
ATOM   5    C CB  . SER A 1 4   ? -3.451  -17.040 -12.381 1.00 48.26 ? 4   SER A CB  1 
ATOM   6    O OG  . SER A 1 4   ? -2.442  -16.082 -12.109 1.00 49.01 ? 4   SER A OG  1 
ATOM   7    N N   . ALA A 1 5   ? -5.636  -15.914 -10.739 1.00 46.85 ? 5   ALA A N   1 
ATOM   8    C CA  . ALA A 1 5   ? -6.192  -15.104 -9.658  1.00 45.53 ? 5   ALA A CA  1 
ATOM   9    C C   . ALA A 1 5   ? -5.184  -14.080 -9.142  1.00 44.49 ? 5   ALA A C   1 
ATOM   10   O O   . ALA A 1 5   ? -5.528  -12.915 -8.929  1.00 42.79 ? 5   ALA A O   1 
ATOM   11   C CB  . ALA A 1 5   ? -6.661  -16.002 -8.520  1.00 46.00 ? 5   ALA A CB  1 
ATOM   12   N N   . SER A 1 6   ? -3.943  -14.522 -8.947  1.00 43.70 ? 6   SER A N   1 
ATOM   13   C CA  . SER A 1 6   ? -2.875  -13.655 -8.458  1.00 42.88 ? 6   SER A CA  1 
ATOM   14   C C   . SER A 1 6   ? -2.581  -12.506 -9.417  1.00 41.50 ? 6   SER A C   1 
ATOM   15   O O   . SER A 1 6   ? -2.465  -11.356 -8.991  1.00 41.13 ? 6   SER A O   1 
ATOM   16   C CB  . SER A 1 6   ? -1.597  -14.462 -8.210  1.00 43.87 ? 6   SER A CB  1 
ATOM   17   O OG  . SER A 1 6   ? -1.749  -15.335 -7.103  1.00 46.15 ? 6   SER A OG  1 
ATOM   18   N N   . LYS A 1 7   ? -2.471  -12.820 -10.708 1.00 39.65 ? 7   LYS A N   1 
ATOM   19   C CA  . LYS A 1 7   ? -2.195  -11.803 -11.721 1.00 37.85 ? 7   LYS A CA  1 
ATOM   20   C C   . LYS A 1 7   ? -3.318  -10.776 -11.804 1.00 34.72 ? 7   LYS A C   1 
ATOM   21   O O   . LYS A 1 7   ? -3.062  -9.574  -11.874 1.00 33.43 ? 7   LYS A O   1 
ATOM   22   C CB  . LYS A 1 7   ? -1.967  -12.442 -13.095 1.00 40.33 ? 7   LYS A CB  1 
ATOM   23   C CG  . LYS A 1 7   ? -0.679  -13.249 -13.202 1.00 43.37 ? 7   LYS A CG  1 
ATOM   24   C CD  . LYS A 1 7   ? -0.376  -13.642 -14.645 1.00 45.19 ? 7   LYS A CD  1 
ATOM   25   C CE  . LYS A 1 7   ? -1.467  -14.523 -15.236 1.00 46.76 ? 7   LYS A CE  1 
ATOM   26   N NZ  . LYS A 1 7   ? -1.176  -14.898 -16.650 1.00 48.42 ? 7   LYS A NZ  1 
ATOM   27   N N   . GLN A 1 8   ? -4.559  -11.255 -11.775 1.00 31.58 ? 8   GLN A N   1 
ATOM   28   C CA  . GLN A 1 8   ? -5.723  -10.382 -11.840 1.00 29.09 ? 8   GLN A CA  1 
ATOM   29   C C   . GLN A 1 8   ? -5.743  -9.424  -10.648 1.00 25.29 ? 8   GLN A C   1 
ATOM   30   O O   . GLN A 1 8   ? -5.978  -8.226  -10.815 1.00 23.39 ? 8   GLN A O   1 
ATOM   31   C CB  . GLN A 1 8   ? -7.007  -11.213 -11.873 1.00 31.85 ? 8   GLN A CB  1 
ATOM   32   C CG  . GLN A 1 8   ? -8.277  -10.394 -12.051 1.00 36.18 ? 8   GLN A CG  1 
ATOM   33   C CD  . GLN A 1 8   ? -9.526  -11.255 -12.141 1.00 39.03 ? 8   GLN A CD  1 
ATOM   34   O OE1 . GLN A 1 8   ? -9.527  -12.419 -11.735 1.00 41.22 ? 8   GLN A OE1 1 
ATOM   35   N NE2 . GLN A 1 8   ? -10.598 -10.684 -12.678 1.00 40.12 ? 8   GLN A NE2 1 
ATOM   36   N N   . PHE A 1 9   ? -5.473  -9.954  -9.454  1.00 22.82 ? 9   PHE A N   1 
ATOM   37   C CA  . PHE A 1 9   ? -5.456  -9.141  -8.241  1.00 19.15 ? 9   PHE A CA  1 
ATOM   38   C C   . PHE A 1 9   ? -4.385  -8.056  -8.332  1.00 18.36 ? 9   PHE A C   1 
ATOM   39   O O   . PHE A 1 9   ? -4.652  -6.897  -8.024  1.00 17.78 ? 9   PHE A O   1 
ATOM   40   C CB  . PHE A 1 9   ? -5.220  -10.005 -6.997  1.00 19.26 ? 9   PHE A CB  1 
ATOM   41   C CG  . PHE A 1 9   ? -5.217  -9.222  -5.713  1.00 18.60 ? 9   PHE A CG  1 
ATOM   42   C CD1 . PHE A 1 9   ? -6.405  -8.729  -5.184  1.00 16.96 ? 9   PHE A CD1 1 
ATOM   43   C CD2 . PHE A 1 9   ? -4.025  -8.947  -5.050  1.00 17.96 ? 9   PHE A CD2 1 
ATOM   44   C CE1 . PHE A 1 9   ? -6.405  -7.972  -4.015  1.00 17.67 ? 9   PHE A CE1 1 
ATOM   45   C CE2 . PHE A 1 9   ? -4.019  -8.191  -3.879  1.00 17.43 ? 9   PHE A CE2 1 
ATOM   46   C CZ  . PHE A 1 9   ? -5.211  -7.703  -3.364  1.00 17.23 ? 9   PHE A CZ  1 
ATOM   47   N N   . HIS A 1 10  ? -3.182  -8.445  -8.753  1.00 18.02 ? 10  HIS A N   1 
ATOM   48   C CA  . HIS A 1 10  ? -2.065  -7.510  -8.905  1.00 20.01 ? 10  HIS A CA  1 
ATOM   49   C C   . HIS A 1 10  ? -2.439  -6.375  -9.844  1.00 19.45 ? 10  HIS A C   1 
ATOM   50   O O   . HIS A 1 10  ? -2.214  -5.202  -9.543  1.00 17.83 ? 10  HIS A O   1 
ATOM   51   C CB  . HIS A 1 10  ? -0.844  -8.209  -9.506  1.00 23.96 ? 10  HIS A CB  1 
ATOM   52   C CG  . HIS A 1 10  ? -0.184  -9.190  -8.592  1.00 27.07 ? 10  HIS A CG  1 
ATOM   53   N ND1 . HIS A 1 10  ? 0.844   -10.008 -9.006  1.00 30.45 ? 10  HIS A ND1 1 
ATOM   54   C CD2 . HIS A 1 10  ? -0.397  -9.482  -7.288  1.00 30.01 ? 10  HIS A CD2 1 
ATOM   55   C CE1 . HIS A 1 10  ? 1.237   -10.763 -7.995  1.00 31.82 ? 10  HIS A CE1 1 
ATOM   56   N NE2 . HIS A 1 10  ? 0.500   -10.463 -6.942  1.00 31.37 ? 10  HIS A NE2 1 
ATOM   57   N N   . ASN A 1 11  ? -2.970  -6.748  -11.004 1.00 18.75 ? 11  ASN A N   1 
ATOM   58   C CA  . ASN A 1 11  ? -3.365  -5.786  -12.024 1.00 19.11 ? 11  ASN A CA  1 
ATOM   59   C C   . ASN A 1 11  ? -4.444  -4.829  -11.542 1.00 18.33 ? 11  ASN A C   1 
ATOM   60   O O   . ASN A 1 11  ? -4.406  -3.642  -11.862 1.00 18.12 ? 11  ASN A O   1 
ATOM   61   C CB  . ASN A 1 11  ? -3.832  -6.509  -13.292 1.00 20.99 ? 11  ASN A CB  1 
ATOM   62   C CG  . ASN A 1 11  ? -2.709  -7.275  -13.983 1.00 23.39 ? 11  ASN A CG  1 
ATOM   63   O OD1 . ASN A 1 11  ? -2.957  -8.039  -14.918 1.00 27.68 ? 11  ASN A OD1 1 
ATOM   64   N ND2 . ASN A 1 11  ? -1.475  -7.076  -13.529 1.00 23.05 ? 11  ASN A ND2 1 
ATOM   65   N N   . GLU A 1 12  ? -5.402  -5.342  -10.772 1.00 17.82 ? 12  GLU A N   1 
ATOM   66   C CA  . GLU A 1 12  ? -6.481  -4.509  -10.251 1.00 17.53 ? 12  GLU A CA  1 
ATOM   67   C C   . GLU A 1 12  ? -5.990  -3.503  -9.212  1.00 15.49 ? 12  GLU A C   1 
ATOM   68   O O   . GLU A 1 12  ? -6.441  -2.358  -9.202  1.00 16.14 ? 12  GLU A O   1 
ATOM   69   C CB  . GLU A 1 12  ? -7.605  -5.369  -9.672  1.00 21.16 ? 12  GLU A CB  1 
ATOM   70   C CG  . GLU A 1 12  ? -8.492  -6.016  -10.728 1.00 26.23 ? 12  GLU A CG  1 
ATOM   71   C CD  . GLU A 1 12  ? -9.292  -4.999  -11.530 1.00 29.98 ? 12  GLU A CD  1 
ATOM   72   O OE1 . GLU A 1 12  ? -10.117 -4.277  -10.930 1.00 31.53 ? 12  GLU A OE1 1 
ATOM   73   O OE2 . GLU A 1 12  ? -9.098  -4.924  -12.764 1.00 32.95 ? 12  GLU A OE2 1 
ATOM   74   N N   . VAL A 1 13  ? -5.075  -3.931  -8.342  1.00 14.86 ? 13  VAL A N   1 
ATOM   75   C CA  . VAL A 1 13  ? -4.517  -3.045  -7.323  1.00 14.46 ? 13  VAL A CA  1 
ATOM   76   C C   . VAL A 1 13  ? -3.719  -1.937  -8.007  1.00 13.94 ? 13  VAL A C   1 
ATOM   77   O O   . VAL A 1 13  ? -3.842  -0.764  -7.653  1.00 13.06 ? 13  VAL A O   1 
ATOM   78   C CB  . VAL A 1 13  ? -3.599  -3.812  -6.330  1.00 14.75 ? 13  VAL A CB  1 
ATOM   79   C CG1 . VAL A 1 13  ? -2.919  -2.842  -5.370  1.00 16.80 ? 13  VAL A CG1 1 
ATOM   80   C CG2 . VAL A 1 13  ? -4.419  -4.815  -5.538  1.00 16.79 ? 13  VAL A CG2 1 
ATOM   81   N N   . LEU A 1 14  ? -2.925  -2.314  -9.005  1.00 14.06 ? 14  LEU A N   1 
ATOM   82   C CA  . LEU A 1 14  ? -2.114  -1.352  -9.748  1.00 13.88 ? 14  LEU A CA  1 
ATOM   83   C C   . LEU A 1 14  ? -2.990  -0.344  -10.485 1.00 14.25 ? 14  LEU A C   1 
ATOM   84   O O   . LEU A 1 14  ? -2.746  0.867   -10.432 1.00 14.58 ? 14  LEU A O   1 
ATOM   85   C CB  . LEU A 1 14  ? -1.227  -2.080  -10.755 1.00 15.29 ? 14  LEU A CB  1 
ATOM   86   C CG  . LEU A 1 14  ? -0.339  -1.187  -11.625 1.00 15.99 ? 14  LEU A CG  1 
ATOM   87   C CD1 . LEU A 1 14  ? 0.729   -0.519  -10.775 1.00 17.02 ? 14  LEU A CD1 1 
ATOM   88   C CD2 . LEU A 1 14  ? 0.288   -2.029  -12.715 1.00 17.71 ? 14  LEU A CD2 1 
ATOM   89   N N   . LYS A 1 15  ? -4.009  -0.851  -11.172 1.00 14.00 ? 15  LYS A N   1 
ATOM   90   C CA  . LYS A 1 15  ? -4.930  -0.011  -11.928 1.00 15.72 ? 15  LYS A CA  1 
ATOM   91   C C   . LYS A 1 15  ? -5.579  1.041   -11.035 1.00 14.71 ? 15  LYS A C   1 
ATOM   92   O O   . LYS A 1 15  ? -5.593  2.228   -11.367 1.00 15.18 ? 15  LYS A O   1 
ATOM   93   C CB  . LYS A 1 15  ? -6.013  -0.875  -12.581 1.00 18.39 ? 15  LYS A CB  1 
ATOM   94   C CG  . LYS A 1 15  ? -7.063  -0.098  -13.357 1.00 23.25 ? 15  LYS A CG  1 
ATOM   95   C CD  . LYS A 1 15  ? -8.202  -1.013  -13.792 1.00 27.32 ? 15  LYS A CD  1 
ATOM   96   C CE  . LYS A 1 15  ? -9.313  -0.229  -14.470 1.00 30.97 ? 15  LYS A CE  1 
ATOM   97   N NZ  . LYS A 1 15  ? -10.448 -1.105  -14.883 1.00 33.36 ? 15  LYS A NZ  1 
ATOM   98   N N   . ALA A 1 16  ? -6.086  0.603   -9.886  1.00 13.27 ? 16  ALA A N   1 
ATOM   99   C CA  . ALA A 1 16  ? -6.736  1.504   -8.947  1.00 12.78 ? 16  ALA A CA  1 
ATOM   100  C C   . ALA A 1 16  ? -5.764  2.550   -8.403  1.00 12.26 ? 16  ALA A C   1 
ATOM   101  O O   . ALA A 1 16  ? -6.099  3.729   -8.321  1.00 13.05 ? 16  ALA A O   1 
ATOM   102  C CB  . ALA A 1 16  ? -7.364  0.715   -7.820  1.00 13.87 ? 16  ALA A CB  1 
ATOM   103  N N   . HIS A 1 17  ? -4.558  2.114   -8.037  1.00 11.99 ? 17  HIS A N   1 
ATOM   104  C CA  . HIS A 1 17  ? -3.538  3.031   -7.529  1.00 11.81 ? 17  HIS A CA  1 
ATOM   105  C C   . HIS A 1 17  ? -3.236  4.108   -8.563  1.00 12.65 ? 17  HIS A C   1 
ATOM   106  O O   . HIS A 1 17  ? -3.201  5.292   -8.246  1.00 11.88 ? 17  HIS A O   1 
ATOM   107  C CB  . HIS A 1 17  ? -2.231  2.285   -7.224  1.00 12.50 ? 17  HIS A CB  1 
ATOM   108  C CG  . HIS A 1 17  ? -2.125  1.775   -5.820  1.00 12.58 ? 17  HIS A CG  1 
ATOM   109  N ND1 . HIS A 1 17  ? -2.860  0.705   -5.358  1.00 14.66 ? 17  HIS A ND1 1 
ATOM   110  C CD2 . HIS A 1 17  ? -1.349  2.174   -4.786  1.00 12.41 ? 17  HIS A CD2 1 
ATOM   111  C CE1 . HIS A 1 17  ? -2.542  0.466   -4.098  1.00 14.18 ? 17  HIS A CE1 1 
ATOM   112  N NE2 . HIS A 1 17  ? -1.627  1.343   -3.726  1.00 13.15 ? 17  HIS A NE2 1 
ATOM   113  N N   . ASN A 1 18  ? -3.039  3.691   -9.808  1.00 13.37 ? 18  ASN A N   1 
ATOM   114  C CA  . ASN A 1 18  ? -2.710  4.638   -10.860 1.00 11.88 ? 18  ASN A CA  1 
ATOM   115  C C   . ASN A 1 18  ? -3.834  5.586   -11.249 1.00 13.74 ? 18  ASN A C   1 
ATOM   116  O O   . ASN A 1 18  ? -3.569  6.735   -11.610 1.00 14.67 ? 18  ASN A O   1 
ATOM   117  C CB  . ASN A 1 18  ? -2.077  3.912   -12.044 1.00 11.82 ? 18  ASN A CB  1 
ATOM   118  C CG  . ASN A 1 18  ? -0.690  3.388   -11.703 1.00 12.52 ? 18  ASN A CG  1 
ATOM   119  O OD1 . ASN A 1 18  ? -0.082  3.830   -10.727 1.00 14.06 ? 18  ASN A OD1 1 
ATOM   120  N ND2 . ASN A 1 18  ? -0.185  2.452   -12.494 1.00 14.67 ? 18  ASN A ND2 1 
ATOM   121  N N   . GLU A 1 19  ? -5.080  5.132   -11.128 1.00 14.42 ? 19  GLU A N   1 
ATOM   122  C CA  . GLU A 1 19  ? -6.224  5.991   -11.424 1.00 15.49 ? 19  GLU A CA  1 
ATOM   123  C C   . GLU A 1 19  ? -6.285  7.070   -10.344 1.00 14.78 ? 19  GLU A C   1 
ATOM   124  O O   . GLU A 1 19  ? -6.561  8.231   -10.633 1.00 15.90 ? 19  GLU A O   1 
ATOM   125  C CB  . GLU A 1 19  ? -7.527  5.190   -11.440 1.00 19.77 ? 19  GLU A CB  1 
ATOM   126  C CG  . GLU A 1 19  ? -7.653  4.243   -12.627 1.00 26.26 ? 19  GLU A CG  1 
ATOM   127  C CD  . GLU A 1 19  ? -8.960  3.463   -12.636 1.00 31.38 ? 19  GLU A CD  1 
ATOM   128  O OE1 . GLU A 1 19  ? -9.539  3.227   -11.553 1.00 34.61 ? 19  GLU A OE1 1 
ATOM   129  O OE2 . GLU A 1 19  ? -9.404  3.073   -13.737 1.00 35.62 ? 19  GLU A OE2 1 
ATOM   130  N N   . TYR A 1 20  ? -6.001  6.686   -9.102  1.00 13.61 ? 20  TYR A N   1 
ATOM   131  C CA  . TYR A 1 20  ? -6.000  7.644   -8.006  1.00 13.85 ? 20  TYR A CA  1 
ATOM   132  C C   . TYR A 1 20  ? -4.832  8.616   -8.114  1.00 14.29 ? 20  TYR A C   1 
ATOM   133  O O   . TYR A 1 20  ? -4.982  9.801   -7.826  1.00 15.41 ? 20  TYR A O   1 
ATOM   134  C CB  . TYR A 1 20  ? -5.962  6.929   -6.655  1.00 12.63 ? 20  TYR A CB  1 
ATOM   135  C CG  . TYR A 1 20  ? -7.310  6.422   -6.210  1.00 13.40 ? 20  TYR A CG  1 
ATOM   136  C CD1 . TYR A 1 20  ? -7.476  5.108   -5.782  1.00 12.94 ? 20  TYR A CD1 1 
ATOM   137  C CD2 . TYR A 1 20  ? -8.417  7.268   -6.197  1.00 14.56 ? 20  TYR A CD2 1 
ATOM   138  C CE1 . TYR A 1 20  ? -8.714  4.647   -5.343  1.00 14.51 ? 20  TYR A CE1 1 
ATOM   139  C CE2 . TYR A 1 20  ? -9.655  6.822   -5.763  1.00 14.11 ? 20  TYR A CE2 1 
ATOM   140  C CZ  . TYR A 1 20  ? -9.795  5.512   -5.336  1.00 15.65 ? 20  TYR A CZ  1 
ATOM   141  O OH  . TYR A 1 20  ? -11.017 5.072   -4.886  1.00 17.46 ? 20  TYR A OH  1 
ATOM   142  N N   . ARG A 1 21  ? -3.674  8.117   -8.536  1.00 13.68 ? 21  ARG A N   1 
ATOM   143  C CA  . ARG A 1 21  ? -2.504  8.973   -8.678  1.00 13.79 ? 21  ARG A CA  1 
ATOM   144  C C   . ARG A 1 21  ? -2.720  9.990   -9.796  1.00 13.55 ? 21  ARG A C   1 
ATOM   145  O O   . ARG A 1 21  ? -2.242  11.121  -9.708  1.00 14.90 ? 21  ARG A O   1 
ATOM   146  C CB  . ARG A 1 21  ? -1.240  8.136   -8.897  1.00 13.19 ? 21  ARG A CB  1 
ATOM   147  C CG  . ARG A 1 21  ? -0.807  7.403   -7.621  1.00 12.10 ? 21  ARG A CG  1 
ATOM   148  C CD  . ARG A 1 21  ? 0.345   6.435   -7.848  1.00 10.44 ? 21  ARG A CD  1 
ATOM   149  N NE  . ARG A 1 21  ? 1.597   7.127   -8.155  1.00 9.90  ? 21  ARG A NE  1 
ATOM   150  C CZ  . ARG A 1 21  ? 2.454   7.580   -7.246  1.00 11.52 ? 21  ARG A CZ  1 
ATOM   151  N NH1 . ARG A 1 21  ? 2.222   7.413   -5.949  1.00 11.63 ? 21  ARG A NH1 1 
ATOM   152  N NH2 . ARG A 1 21  ? 3.529   8.257   -7.639  1.00 11.44 ? 21  ARG A NH2 1 
ATOM   153  N N   . GLN A 1 22  ? -3.485  9.605   -10.814 1.00 14.98 ? 22  GLN A N   1 
ATOM   154  C CA  . GLN A 1 22  ? -3.778  10.518  -11.914 1.00 17.25 ? 22  GLN A CA  1 
ATOM   155  C C   . GLN A 1 22  ? -4.663  11.659  -11.411 1.00 17.55 ? 22  GLN A C   1 
ATOM   156  O O   . GLN A 1 22  ? -4.558  12.790  -11.887 1.00 19.44 ? 22  GLN A O   1 
ATOM   157  C CB  . GLN A 1 22  ? -4.455  9.787   -13.075 1.00 19.49 ? 22  GLN A CB  1 
ATOM   158  C CG  . GLN A 1 22  ? -4.715  10.692  -14.277 1.00 27.46 ? 22  GLN A CG  1 
ATOM   159  C CD  . GLN A 1 22  ? -5.283  9.950   -15.470 1.00 31.37 ? 22  GLN A CD  1 
ATOM   160  O OE1 . GLN A 1 22  ? -6.033  8.984   -15.321 1.00 34.98 ? 22  GLN A OE1 1 
ATOM   161  N NE2 . GLN A 1 22  ? -4.935  10.409  -16.667 1.00 35.61 ? 22  GLN A NE2 1 
ATOM   162  N N   . LYS A 1 23  ? -5.527  11.363  -10.440 1.00 17.03 ? 23  LYS A N   1 
ATOM   163  C CA  . LYS A 1 23  ? -6.401  12.386  -9.866  1.00 18.81 ? 23  LYS A CA  1 
ATOM   164  C C   . LYS A 1 23  ? -5.580  13.437  -9.116  1.00 18.62 ? 23  LYS A C   1 
ATOM   165  O O   . LYS A 1 23  ? -6.035  14.564  -8.918  1.00 20.53 ? 23  LYS A O   1 
ATOM   166  C CB  . LYS A 1 23  ? -7.428  11.759  -8.916  1.00 21.23 ? 23  LYS A CB  1 
ATOM   167  C CG  . LYS A 1 23  ? -8.469  10.900  -9.608  1.00 24.86 ? 23  LYS A CG  1 
ATOM   168  C CD  . LYS A 1 23  ? -9.501  10.379  -8.620  1.00 28.73 ? 23  LYS A CD  1 
ATOM   169  C CE  . LYS A 1 23  ? -10.527 9.499   -9.316  1.00 31.64 ? 23  LYS A CE  1 
ATOM   170  N NZ  . LYS A 1 23  ? -11.553 8.977   -8.368  1.00 34.99 ? 23  LYS A NZ  1 
ATOM   171  N N   . HIS A 1 24  ? -4.370  13.062  -8.704  1.00 17.63 ? 24  HIS A N   1 
ATOM   172  C CA  . HIS A 1 24  ? -3.484  13.966  -7.979  1.00 17.04 ? 24  HIS A CA  1 
ATOM   173  C C   . HIS A 1 24  ? -2.356  14.516  -8.836  1.00 16.65 ? 24  HIS A C   1 
ATOM   174  O O   . HIS A 1 24  ? -1.496  15.251  -8.353  1.00 18.99 ? 24  HIS A O   1 
ATOM   175  C CB  . HIS A 1 24  ? -2.930  13.279  -6.735  1.00 17.07 ? 24  HIS A CB  1 
ATOM   176  C CG  . HIS A 1 24  ? -3.973  13.015  -5.701  1.00 18.15 ? 24  HIS A CG  1 
ATOM   177  N ND1 . HIS A 1 24  ? -4.171  13.846  -4.619  1.00 19.03 ? 24  HIS A ND1 1 
ATOM   178  C CD2 . HIS A 1 24  ? -4.933  12.064  -5.627  1.00 19.03 ? 24  HIS A CD2 1 
ATOM   179  C CE1 . HIS A 1 24  ? -5.212  13.420  -3.925  1.00 19.62 ? 24  HIS A CE1 1 
ATOM   180  N NE2 . HIS A 1 24  ? -5.692  12.342  -4.517  1.00 19.95 ? 24  HIS A NE2 1 
ATOM   181  N N   . GLY A 1 25  ? -2.364  14.144  -10.109 1.00 16.54 ? 25  GLY A N   1 
ATOM   182  C CA  . GLY A 1 25  ? -1.352  14.628  -11.029 1.00 15.84 ? 25  GLY A CA  1 
ATOM   183  C C   . GLY A 1 25  ? 0.062   14.141  -10.797 1.00 15.52 ? 25  GLY A C   1 
ATOM   184  O O   . GLY A 1 25  ? 1.011   14.847  -11.126 1.00 16.42 ? 25  GLY A O   1 
ATOM   185  N N   . VAL A 1 26  ? 0.213   12.954  -10.213 1.00 14.38 ? 26  VAL A N   1 
ATOM   186  C CA  . VAL A 1 26  ? 1.538   12.387  -9.974  1.00 13.91 ? 26  VAL A CA  1 
ATOM   187  C C   . VAL A 1 26  ? 1.720   11.169  -10.883 1.00 14.10 ? 26  VAL A C   1 
ATOM   188  O O   . VAL A 1 26  ? 0.739   10.554  -11.306 1.00 13.92 ? 26  VAL A O   1 
ATOM   189  C CB  . VAL A 1 26  ? 1.757   12.026  -8.480  1.00 13.44 ? 26  VAL A CB  1 
ATOM   190  C CG1 . VAL A 1 26  ? 1.611   13.274  -7.618  1.00 15.04 ? 26  VAL A CG1 1 
ATOM   191  C CG2 . VAL A 1 26  ? 0.779   10.955  -8.032  1.00 14.48 ? 26  VAL A CG2 1 
ATOM   192  N N   . PRO A 1 27  ? 2.978   10.819  -11.210 1.00 14.81 ? 27  PRO A N   1 
ATOM   193  C CA  . PRO A 1 27  ? 3.293   9.683   -12.083 1.00 15.15 ? 27  PRO A CA  1 
ATOM   194  C C   . PRO A 1 27  ? 2.773   8.344   -11.598 1.00 14.92 ? 27  PRO A C   1 
ATOM   195  O O   . PRO A 1 27  ? 2.637   8.115   -10.396 1.00 15.01 ? 27  PRO A O   1 
ATOM   196  C CB  . PRO A 1 27  ? 4.822   9.693   -12.119 1.00 15.93 ? 27  PRO A CB  1 
ATOM   197  C CG  . PRO A 1 27  ? 5.166   11.125  -11.883 1.00 16.02 ? 27  PRO A CG  1 
ATOM   198  C CD  . PRO A 1 27  ? 4.215   11.487  -10.774 1.00 15.00 ? 27  PRO A CD  1 
ATOM   199  N N   . PRO A 1 28  ? 2.444   7.447   -12.537 1.00 13.59 ? 28  PRO A N   1 
ATOM   200  C CA  . PRO A 1 28  ? 1.938   6.124   -12.163 1.00 14.59 ? 28  PRO A CA  1 
ATOM   201  C C   . PRO A 1 28  ? 3.038   5.238   -11.595 1.00 14.73 ? 28  PRO A C   1 
ATOM   202  O O   . PRO A 1 28  ? 4.231   5.498   -11.772 1.00 16.14 ? 28  PRO A O   1 
ATOM   203  C CB  . PRO A 1 28  ? 1.416   5.573   -13.492 1.00 16.17 ? 28  PRO A CB  1 
ATOM   204  C CG  . PRO A 1 28  ? 2.316   6.225   -14.504 1.00 16.72 ? 28  PRO A CG  1 
ATOM   205  C CD  . PRO A 1 28  ? 2.395   7.637   -13.998 1.00 16.76 ? 28  PRO A CD  1 
ATOM   206  N N   . LEU A 1 29  ? 2.622   4.225   -10.850 1.00 13.31 ? 29  LEU A N   1 
ATOM   207  C CA  . LEU A 1 29  ? 3.553   3.281   -10.273 1.00 13.70 ? 29  LEU A CA  1 
ATOM   208  C C   . LEU A 1 29  ? 3.692   2.115   -11.228 1.00 13.31 ? 29  LEU A C   1 
ATOM   209  O O   . LEU A 1 29  ? 2.860   1.922   -12.116 1.00 14.29 ? 29  LEU A O   1 
ATOM   210  C CB  . LEU A 1 29  ? 3.012   2.743   -8.943  1.00 13.44 ? 29  LEU A CB  1 
ATOM   211  C CG  . LEU A 1 29  ? 2.760   3.752   -7.826  1.00 14.83 ? 29  LEU A CG  1 
ATOM   212  C CD1 . LEU A 1 29  ? 2.088   3.069   -6.648  1.00 15.10 ? 29  LEU A CD1 1 
ATOM   213  C CD2 . LEU A 1 29  ? 4.066   4.387   -7.402  1.00 16.67 ? 29  LEU A CD2 1 
ATOM   214  N N   A LYS A 1 30  ? 4.779   1.367   -11.070 0.43 13.97 ? 30  LYS A N   1 
ATOM   215  N N   B LYS A 1 30  ? 4.772   1.365   -11.059 0.51 14.24 ? 30  LYS A N   1 
ATOM   216  C CA  A LYS A 1 30  ? 5.034   0.177   -11.870 0.43 13.93 ? 30  LYS A CA  1 
ATOM   217  C CA  B LYS A 1 30  ? 5.033   0.177   -11.857 0.51 14.27 ? 30  LYS A CA  1 
ATOM   218  C C   A LYS A 1 30  ? 5.205   -0.970  -10.882 0.43 14.03 ? 30  LYS A C   1 
ATOM   219  C C   B LYS A 1 30  ? 5.194   -0.968  -10.870 0.51 14.17 ? 30  LYS A C   1 
ATOM   220  O O   A LYS A 1 30  ? 5.778   -0.783  -9.808  0.43 14.25 ? 30  LYS A O   1 
ATOM   221  O O   B LYS A 1 30  ? 5.740   -0.778  -9.783  0.51 14.17 ? 30  LYS A O   1 
ATOM   222  C CB  A LYS A 1 30  ? 6.322   0.317   -12.691 0.43 15.67 ? 30  LYS A CB  1 
ATOM   223  C CB  B LYS A 1 30  ? 6.332   0.328   -12.653 0.51 16.74 ? 30  LYS A CB  1 
ATOM   224  C CG  A LYS A 1 30  ? 6.277   1.360   -13.794 0.43 17.39 ? 30  LYS A CG  1 
ATOM   225  C CG  B LYS A 1 30  ? 6.272   1.325   -13.798 0.51 19.27 ? 30  LYS A CG  1 
ATOM   226  C CD  A LYS A 1 30  ? 7.588   1.387   -14.571 0.43 20.28 ? 30  LYS A CD  1 
ATOM   227  C CD  B LYS A 1 30  ? 7.639   1.480   -14.453 0.51 23.22 ? 30  LYS A CD  1 
ATOM   228  C CE  A LYS A 1 30  ? 7.605   2.525   -15.580 0.43 19.79 ? 30  LYS A CE  1 
ATOM   229  C CE  B LYS A 1 30  ? 8.184   0.144   -14.911 0.51 23.23 ? 30  LYS A CE  1 
ATOM   230  N NZ  A LYS A 1 30  ? 8.908   2.627   -16.291 0.43 22.06 ? 30  LYS A NZ  1 
ATOM   231  N NZ  B LYS A 1 30  ? 9.545   0.263   -15.498 0.51 26.12 ? 30  LYS A NZ  1 
ATOM   232  N N   . LEU A 1 31  ? 4.671   -2.140  -11.219 1.00 13.72 ? 31  LEU A N   1 
ATOM   233  C CA  . LEU A 1 31  ? 4.818   -3.300  -10.356 1.00 13.32 ? 31  LEU A CA  1 
ATOM   234  C C   . LEU A 1 31  ? 6.236   -3.811  -10.579 1.00 13.97 ? 31  LEU A C   1 
ATOM   235  O O   . LEU A 1 31  ? 6.825   -3.603  -11.642 1.00 14.49 ? 31  LEU A O   1 
ATOM   236  C CB  . LEU A 1 31  ? 3.822   -4.403  -10.720 1.00 13.64 ? 31  LEU A CB  1 
ATOM   237  C CG  . LEU A 1 31  ? 2.358   -4.178  -10.357 1.00 13.76 ? 31  LEU A CG  1 
ATOM   238  C CD1 . LEU A 1 31  ? 1.541   -5.356  -10.855 1.00 16.04 ? 31  LEU A CD1 1 
ATOM   239  C CD2 . LEU A 1 31  ? 2.204   -4.016  -8.850  1.00 16.77 ? 31  LEU A CD2 1 
HETATM 240  N N   . OCS A 1 32  ? 6.799   -4.430  -9.553  1.00 13.54 ? 32  OCS A N   1 
HETATM 241  C CA  . OCS A 1 32  ? 8.134   -4.993  -9.637  1.00 13.95 ? 32  OCS A CA  1 
HETATM 242  C CB  . OCS A 1 32  ? 9.096   -4.156  -8.795  1.00 13.45 ? 32  OCS A CB  1 
HETATM 243  S SG  . OCS A 1 32  ? 10.823  -4.707  -8.782  1.00 13.90 ? 32  OCS A SG  1 
HETATM 244  C C   . OCS A 1 32  ? 8.005   -6.427  -9.138  1.00 14.75 ? 32  OCS A C   1 
HETATM 245  O O   . OCS A 1 32  ? 7.516   -6.654  -8.036  1.00 15.06 ? 32  OCS A O   1 
HETATM 246  O OD1 . OCS A 1 32  ? 10.910  -5.854  -7.940  1.00 16.13 ? 32  OCS A OD1 1 
HETATM 247  O OD2 . OCS A 1 32  ? 11.225  -5.050  -10.118 1.00 18.03 ? 32  OCS A OD2 1 
HETATM 248  O OD3 . OCS A 1 32  ? 11.623  -3.643  -8.262  1.00 14.86 ? 32  OCS A OD3 1 
ATOM   249  N N   . LYS A 1 33  ? 8.389   -7.389  -9.975  1.00 15.14 ? 33  LYS A N   1 
ATOM   250  C CA  . LYS A 1 33  ? 8.275   -8.810  -9.636  1.00 17.37 ? 33  LYS A CA  1 
ATOM   251  C C   . LYS A 1 33  ? 8.871   -9.219  -8.296  1.00 15.72 ? 33  LYS A C   1 
ATOM   252  O O   . LYS A 1 33  ? 8.255   -9.986  -7.553  1.00 15.94 ? 33  LYS A O   1 
ATOM   253  C CB  . LYS A 1 33  ? 8.855   -9.681  -10.754 1.00 21.59 ? 33  LYS A CB  1 
ATOM   254  C CG  . LYS A 1 33  ? 7.814   -10.277 -11.694 1.00 29.34 ? 33  LYS A CG  1 
ATOM   255  C CD  . LYS A 1 33  ? 6.942   -9.214  -12.341 1.00 33.20 ? 33  LYS A CD  1 
ATOM   256  C CE  . LYS A 1 33  ? 5.939   -9.830  -13.314 1.00 35.84 ? 33  LYS A CE  1 
ATOM   257  N NZ  . LYS A 1 33  ? 4.959   -10.736 -12.645 1.00 38.60 ? 33  LYS A NZ  1 
ATOM   258  N N   . ASN A 1 34  ? 10.063  -8.718  -7.989  1.00 15.86 ? 34  ASN A N   1 
ATOM   259  C CA  . ASN A 1 34  ? 10.700  -9.052  -6.721  1.00 16.03 ? 34  ASN A CA  1 
ATOM   260  C C   . ASN A 1 34  ? 9.898   -8.472  -5.560  1.00 15.11 ? 34  ASN A C   1 
ATOM   261  O O   . ASN A 1 34  ? 9.731   -9.126  -4.530  1.00 15.85 ? 34  ASN A O   1 
ATOM   262  C CB  . ASN A 1 34  ? 12.141  -8.549  -6.680  1.00 18.06 ? 34  ASN A CB  1 
ATOM   263  C CG  . ASN A 1 34  ? 12.863  -8.974  -5.421  1.00 21.42 ? 34  ASN A CG  1 
ATOM   264  O OD1 . ASN A 1 34  ? 13.117  -10.162 -5.209  1.00 24.92 ? 34  ASN A OD1 1 
ATOM   265  N ND2 . ASN A 1 34  ? 13.180  -8.011  -4.568  1.00 22.63 ? 34  ASN A ND2 1 
ATOM   266  N N   . LEU A 1 35  ? 9.408   -7.245  -5.719  1.00 15.33 ? 35  LEU A N   1 
ATOM   267  C CA  . LEU A 1 35  ? 8.599   -6.628  -4.671  1.00 14.14 ? 35  LEU A CA  1 
ATOM   268  C C   . LEU A 1 35  ? 7.304   -7.413  -4.494  1.00 14.79 ? 35  LEU A C   1 
ATOM   269  O O   . LEU A 1 35  ? 6.823   -7.557  -3.374  1.00 14.24 ? 35  LEU A O   1 
ATOM   270  C CB  . LEU A 1 35  ? 8.284   -5.162  -4.977  1.00 16.74 ? 35  LEU A CB  1 
ATOM   271  C CG  . LEU A 1 35  ? 9.414   -4.143  -4.831  1.00 17.43 ? 35  LEU A CG  1 
ATOM   272  C CD1 . LEU A 1 35  ? 8.859   -2.753  -5.095  1.00 17.66 ? 35  LEU A CD1 1 
ATOM   273  C CD2 . LEU A 1 35  ? 10.021  -4.215  -3.433  1.00 20.63 ? 35  LEU A CD2 1 
ATOM   274  N N   . ASN A 1 36  ? 6.744   -7.918  -5.597  1.00 13.35 ? 36  ASN A N   1 
ATOM   275  C CA  . ASN A 1 36  ? 5.521   -8.724  -5.524  1.00 13.65 ? 36  ASN A CA  1 
ATOM   276  C C   . ASN A 1 36  ? 5.796   -9.980  -4.699  1.00 14.54 ? 36  ASN A C   1 
ATOM   277  O O   . ASN A 1 36  ? 4.991   -10.357 -3.848  1.00 14.83 ? 36  ASN A O   1 
ATOM   278  C CB  . ASN A 1 36  ? 5.054   -9.178  -6.913  1.00 14.44 ? 36  ASN A CB  1 
ATOM   279  C CG  . ASN A 1 36  ? 4.285   -8.114  -7.668  1.00 15.38 ? 36  ASN A CG  1 
ATOM   280  O OD1 . ASN A 1 36  ? 3.797   -7.142  -7.096  1.00 14.80 ? 36  ASN A OD1 1 
ATOM   281  N ND2 . ASN A 1 36  ? 4.143   -8.321  -8.970  1.00 15.11 ? 36  ASN A ND2 1 
ATOM   282  N N   A ARG A 1 37  ? 6.934   -10.615 -4.968  0.47 14.27 ? 37  ARG A N   1 
ATOM   283  N N   B ARG A 1 37  ? 6.927   -10.631 -4.965  0.53 13.78 ? 37  ARG A N   1 
ATOM   284  C CA  A ARG A 1 37  ? 7.337   -11.832 -4.272  0.47 15.38 ? 37  ARG A CA  1 
ATOM   285  C CA  B ARG A 1 37  ? 7.293   -11.846 -4.242  0.53 14.62 ? 37  ARG A CA  1 
ATOM   286  C C   A ARG A 1 37  ? 7.496   -11.593 -2.774  0.47 15.18 ? 37  ARG A C   1 
ATOM   287  C C   B ARG A 1 37  ? 7.490   -11.596 -2.755  0.53 14.73 ? 37  ARG A C   1 
ATOM   288  O O   A ARG A 1 37  ? 7.035   -12.393 -1.963  0.47 15.27 ? 37  ARG A O   1 
ATOM   289  O O   B ARG A 1 37  ? 7.072   -12.405 -1.928  0.53 14.91 ? 37  ARG A O   1 
ATOM   290  C CB  A ARG A 1 37  ? 8.647   -12.371 -4.864  0.47 17.79 ? 37  ARG A CB  1 
ATOM   291  C CB  B ARG A 1 37  ? 8.542   -12.495 -4.845  0.53 16.45 ? 37  ARG A CB  1 
ATOM   292  C CG  A ARG A 1 37  ? 9.119   -13.690 -4.265  0.47 21.20 ? 37  ARG A CG  1 
ATOM   293  C CG  B ARG A 1 37  ? 8.297   -13.161 -6.186  0.53 18.90 ? 37  ARG A CG  1 
ATOM   294  C CD  A ARG A 1 37  ? 10.420  -14.160 -4.906  0.47 23.93 ? 37  ARG A CD  1 
ATOM   295  C CD  B ARG A 1 37  ? 9.506   -13.957 -6.657  0.53 22.38 ? 37  ARG A CD  1 
ATOM   296  N NE  A ARG A 1 37  ? 11.524  -13.235 -4.658  0.47 26.88 ? 37  ARG A NE  1 
ATOM   297  N NE  B ARG A 1 37  ? 10.676  -13.115 -6.896  0.53 25.13 ? 37  ARG A NE  1 
ATOM   298  C CZ  A ARG A 1 37  ? 12.338  -13.298 -3.608  0.47 28.28 ? 37  ARG A CZ  1 
ATOM   299  C CZ  B ARG A 1 37  ? 10.993  -12.582 -8.073  0.53 25.24 ? 37  ARG A CZ  1 
ATOM   300  N NH1 A ARG A 1 37  ? 12.185  -14.249 -2.696  0.47 29.71 ? 37  ARG A NH1 1 
ATOM   301  N NH1 B ARG A 1 37  ? 10.227  -12.799 -9.134  0.53 27.08 ? 37  ARG A NH1 1 
ATOM   302  N NH2 A ARG A 1 37  ? 13.302  -12.399 -3.463  0.47 29.72 ? 37  ARG A NH2 1 
ATOM   303  N NH2 B ARG A 1 37  ? 12.086  -11.841 -8.192  0.53 26.58 ? 37  ARG A NH2 1 
ATOM   304  N N   . GLU A 1 38  ? 8.127   -10.478 -2.414  1.00 14.87 ? 38  GLU A N   1 
ATOM   305  C CA  . GLU A 1 38  ? 8.343   -10.138 -1.010  1.00 15.79 ? 38  GLU A CA  1 
ATOM   306  C C   . GLU A 1 38  ? 7.022   -9.821  -0.316  1.00 14.65 ? 38  GLU A C   1 
ATOM   307  O O   . GLU A 1 38  ? 6.782   -10.271 0.806   1.00 14.03 ? 38  GLU A O   1 
ATOM   308  C CB  . GLU A 1 38  ? 9.305   -8.961  -0.875  1.00 19.44 ? 38  GLU A CB  1 
ATOM   309  C CG  . GLU A 1 38  ? 10.723  -9.289  -1.309  1.00 25.97 ? 38  GLU A CG  1 
ATOM   310  C CD  . GLU A 1 38  ? 11.698  -8.173  -1.005  1.00 32.64 ? 38  GLU A CD  1 
ATOM   311  O OE1 . GLU A 1 38  ? 11.341  -6.991  -1.206  1.00 37.32 ? 38  GLU A OE1 1 
ATOM   312  O OE2 . GLU A 1 38  ? 12.824  -8.479  -0.556  1.00 37.70 ? 38  GLU A OE2 1 
ATOM   313  N N   . ALA A 1 39  ? 6.152   -9.076  -0.995  1.00 13.37 ? 39  ALA A N   1 
ATOM   314  C CA  . ALA A 1 39  ? 4.853   -8.733  -0.425  1.00 12.38 ? 39  ALA A CA  1 
ATOM   315  C C   . ALA A 1 39  ? 4.014   -9.995  -0.261  1.00 12.78 ? 39  ALA A C   1 
ATOM   316  O O   . ALA A 1 39  ? 3.319   -10.160 0.741   1.00 12.89 ? 39  ALA A O   1 
ATOM   317  C CB  . ALA A 1 39  ? 4.129   -7.720  -1.306  1.00 13.01 ? 39  ALA A CB  1 
ATOM   318  N N   . GLN A 1 40  ? 4.107   -10.896 -1.237  1.00 11.87 ? 40  GLN A N   1 
ATOM   319  C CA  . GLN A 1 40  ? 3.357   -12.147 -1.187  1.00 12.58 ? 40  GLN A CA  1 
ATOM   320  C C   . GLN A 1 40  ? 3.836   -13.002 -0.022  1.00 13.30 ? 40  GLN A C   1 
ATOM   321  O O   . GLN A 1 40  ? 3.021   -13.565 0.711   1.00 12.73 ? 40  GLN A O   1 
ATOM   322  C CB  . GLN A 1 40  ? 3.488   -12.915 -2.507  1.00 12.97 ? 40  GLN A CB  1 
ATOM   323  C CG  . GLN A 1 40  ? 2.664   -14.197 -2.568  1.00 12.61 ? 40  GLN A CG  1 
ATOM   324  C CD  . GLN A 1 40  ? 1.178   -13.951 -2.392  1.00 13.10 ? 40  GLN A CD  1 
ATOM   325  O OE1 . GLN A 1 40  ? 0.631   -12.976 -2.909  1.00 13.72 ? 40  GLN A OE1 1 
ATOM   326  N NE2 . GLN A 1 40  ? 0.511   -14.846 -1.666  1.00 14.76 ? 40  GLN A NE2 1 
ATOM   327  N N   A GLN A 1 41  ? 5.152   -13.090 0.157   0.45 12.77 ? 41  GLN A N   1 
ATOM   328  N N   B GLN A 1 41  ? 5.153   -13.086 0.155   0.55 12.78 ? 41  GLN A N   1 
ATOM   329  C CA  A GLN A 1 41  ? 5.720   -13.875 1.249   0.45 13.28 ? 41  GLN A CA  1 
ATOM   330  C CA  B GLN A 1 41  ? 5.725   -13.872 1.244   0.55 13.46 ? 41  GLN A CA  1 
ATOM   331  C C   A GLN A 1 41  ? 5.254   -13.347 2.599   0.45 12.86 ? 41  GLN A C   1 
ATOM   332  C C   B GLN A 1 41  ? 5.244   -13.347 2.593   0.55 12.93 ? 41  GLN A C   1 
ATOM   333  O O   A GLN A 1 41  ? 4.908   -14.125 3.490   0.45 13.71 ? 41  GLN A O   1 
ATOM   334  O O   B GLN A 1 41  ? 4.870   -14.125 3.471   0.55 13.73 ? 41  GLN A O   1 
ATOM   335  C CB  A GLN A 1 41  ? 7.249   -13.875 1.182   0.45 14.83 ? 41  GLN A CB  1 
ATOM   336  C CB  B GLN A 1 41  ? 7.256   -13.844 1.183   0.55 15.53 ? 41  GLN A CB  1 
ATOM   337  C CG  A GLN A 1 41  ? 7.811   -14.662 0.009   0.45 16.82 ? 41  GLN A CG  1 
ATOM   338  C CG  B GLN A 1 41  ? 7.937   -14.678 2.259   0.55 17.90 ? 41  GLN A CG  1 
ATOM   339  C CD  A GLN A 1 41  ? 9.317   -14.534 -0.132  0.45 18.26 ? 41  GLN A CD  1 
ATOM   340  C CD  B GLN A 1 41  ? 9.453   -14.636 2.171   0.55 20.21 ? 41  GLN A CD  1 
ATOM   341  O OE1 A GLN A 1 41  ? 9.974   -13.840 0.647   0.45 19.81 ? 41  GLN A OE1 1 
ATOM   342  O OE1 B GLN A 1 41  ? 10.040  -13.628 1.776   0.55 21.09 ? 41  GLN A OE1 1 
ATOM   343  N NE2 A GLN A 1 41  ? 9.872   -15.205 -1.133  0.45 19.63 ? 41  GLN A NE2 1 
ATOM   344  N NE2 B GLN A 1 41  ? 10.096  -15.734 2.556   0.55 20.96 ? 41  GLN A NE2 1 
ATOM   345  N N   . TYR A 1 42  ? 5.211   -12.024 2.739   1.00 12.20 ? 42  TYR A N   1 
ATOM   346  C CA  . TYR A 1 42  ? 4.769   -11.433 3.991   1.00 11.83 ? 42  TYR A CA  1 
ATOM   347  C C   . TYR A 1 42  ? 3.275   -11.646 4.218   1.00 12.15 ? 42  TYR A C   1 
ATOM   348  O O   . TYR A 1 42  ? 2.862   -11.912 5.345   1.00 13.44 ? 42  TYR A O   1 
ATOM   349  C CB  . TYR A 1 42  ? 5.131   -9.947  4.094   1.00 12.17 ? 42  TYR A CB  1 
ATOM   350  C CG  . TYR A 1 42  ? 5.001   -9.450  5.516   1.00 12.46 ? 42  TYR A CG  1 
ATOM   351  C CD1 . TYR A 1 42  ? 4.087   -8.451  5.853   1.00 13.78 ? 42  TYR A CD1 1 
ATOM   352  C CD2 . TYR A 1 42  ? 5.749   -10.037 6.541   1.00 13.61 ? 42  TYR A CD2 1 
ATOM   353  C CE1 . TYR A 1 42  ? 3.915   -8.055  7.181   1.00 13.75 ? 42  TYR A CE1 1 
ATOM   354  C CE2 . TYR A 1 42  ? 5.583   -9.653  7.865   1.00 14.36 ? 42  TYR A CE2 1 
ATOM   355  C CZ  . TYR A 1 42  ? 4.666   -8.667  8.179   1.00 14.59 ? 42  TYR A CZ  1 
ATOM   356  O OH  . TYR A 1 42  ? 4.491   -8.311  9.495   1.00 17.02 ? 42  TYR A OH  1 
ATOM   357  N N   . SER A 1 43  ? 2.476   -11.569 3.155   1.00 11.72 ? 43  SER A N   1 
ATOM   358  C CA  . SER A 1 43  ? 1.034   -11.784 3.294   1.00 11.52 ? 43  SER A CA  1 
ATOM   359  C C   . SER A 1 43  ? 0.769   -13.210 3.777   1.00 13.26 ? 43  SER A C   1 
ATOM   360  O O   . SER A 1 43  ? -0.140  -13.441 4.572   1.00 11.87 ? 43  SER A O   1 
ATOM   361  C CB  . SER A 1 43  ? 0.291   -11.501 1.984   1.00 13.00 ? 43  SER A CB  1 
ATOM   362  O OG  . SER A 1 43  ? 0.486   -12.522 1.026   1.00 15.76 ? 43  SER A OG  1 
ATOM   363  N N   . GLU A 1 44  ? 1.591   -14.156 3.324   1.00 12.71 ? 44  GLU A N   1 
ATOM   364  C CA  . GLU A 1 44  ? 1.442   -15.548 3.741   1.00 14.40 ? 44  GLU A CA  1 
ATOM   365  C C   . GLU A 1 44  ? 1.827   -15.719 5.207   1.00 15.30 ? 44  GLU A C   1 
ATOM   366  O O   . GLU A 1 44  ? 1.205   -16.502 5.929   1.00 15.18 ? 44  GLU A O   1 
ATOM   367  C CB  . GLU A 1 44  ? 2.253   -16.469 2.830   1.00 17.27 ? 44  GLU A CB  1 
ATOM   368  C CG  . GLU A 1 44  ? 1.655   -16.549 1.428   1.00 20.44 ? 44  GLU A CG  1 
ATOM   369  C CD  . GLU A 1 44  ? 2.500   -17.319 0.430   1.00 24.88 ? 44  GLU A CD  1 
ATOM   370  O OE1 . GLU A 1 44  ? 3.451   -18.019 0.843   1.00 31.58 ? 44  GLU A OE1 1 
ATOM   371  O OE2 . GLU A 1 44  ? 2.203   -17.229 -0.781  1.00 26.01 ? 44  GLU A OE2 1 
ATOM   372  N N   . ALA A 1 45  ? 2.819   -14.949 5.656   1.00 14.46 ? 45  ALA A N   1 
ATOM   373  C CA  . ALA A 1 45  ? 3.254   -14.989 7.050   1.00 14.96 ? 45  ALA A CA  1 
ATOM   374  C C   . ALA A 1 45  ? 2.126   -14.449 7.931   1.00 15.34 ? 45  ALA A C   1 
ATOM   375  O O   . ALA A 1 45  ? 1.822   -15.011 8.986   1.00 16.24 ? 45  ALA A O   1 
ATOM   376  C CB  . ALA A 1 45  ? 4.514   -14.159 7.237   1.00 15.66 ? 45  ALA A CB  1 
ATOM   377  N N   . LEU A 1 46  ? 1.504   -13.356 7.492   1.00 13.89 ? 46  LEU A N   1 
ATOM   378  C CA  . LEU A 1 46  ? 0.397   -12.762 8.234   1.00 13.87 ? 46  LEU A CA  1 
ATOM   379  C C   . LEU A 1 46  ? -0.800  -13.705 8.259   1.00 14.35 ? 46  LEU A C   1 
ATOM   380  O O   . LEU A 1 46  ? -1.474  -13.824 9.278   1.00 16.60 ? 46  LEU A O   1 
ATOM   381  C CB  . LEU A 1 46  ? -0.027  -11.433 7.606   1.00 14.85 ? 46  LEU A CB  1 
ATOM   382  C CG  . LEU A 1 46  ? 0.974   -10.283 7.689   1.00 14.82 ? 46  LEU A CG  1 
ATOM   383  C CD1 . LEU A 1 46  ? 0.382   -9.064  7.002   1.00 15.45 ? 46  LEU A CD1 1 
ATOM   384  C CD2 . LEU A 1 46  ? 1.310   -9.975  9.141   1.00 18.53 ? 46  LEU A CD2 1 
ATOM   385  N N   . ALA A 1 47  ? -1.060  -14.378 7.142   1.00 14.13 ? 47  ALA A N   1 
ATOM   386  C CA  . ALA A 1 47  ? -2.185  -15.308 7.069   1.00 14.89 ? 47  ALA A CA  1 
ATOM   387  C C   . ALA A 1 47  ? -1.986  -16.529 7.964   1.00 16.32 ? 47  ALA A C   1 
ATOM   388  O O   . ALA A 1 47  ? -2.958  -17.094 8.466   1.00 17.16 ? 47  ALA A O   1 
ATOM   389  C CB  . ALA A 1 47  ? -2.428  -15.741 5.628   1.00 15.23 ? 47  ALA A CB  1 
ATOM   390  N N   A SER A 1 48  ? -0.733  -16.931 8.167   0.36 16.57 ? 48  SER A N   1 
ATOM   391  N N   B SER A 1 48  ? -0.731  -16.919 8.165   0.29 16.41 ? 48  SER A N   1 
ATOM   392  N N   C SER A 1 48  ? -0.730  -16.917 8.165   0.35 16.49 ? 48  SER A N   1 
ATOM   393  C CA  A SER A 1 48  ? -0.433  -18.089 9.004   0.36 17.94 ? 48  SER A CA  1 
ATOM   394  C CA  B SER A 1 48  ? -0.402  -18.072 8.997   0.29 17.50 ? 48  SER A CA  1 
ATOM   395  C CA  C SER A 1 48  ? -0.391  -18.069 8.996   0.35 17.86 ? 48  SER A CA  1 
ATOM   396  C C   A SER A 1 48  ? -0.634  -17.802 10.491  0.36 18.86 ? 48  SER A C   1 
ATOM   397  C C   B SER A 1 48  ? -0.639  -17.795 10.480  0.29 18.46 ? 48  SER A C   1 
ATOM   398  C C   C SER A 1 48  ? -0.623  -17.800 10.480  0.35 18.76 ? 48  SER A C   1 
ATOM   399  O O   A SER A 1 48  ? -1.126  -18.657 11.227  0.36 20.40 ? 48  SER A O   1 
ATOM   400  O O   B SER A 1 48  ? -1.167  -18.644 11.198  0.29 19.79 ? 48  SER A O   1 
ATOM   401  O O   C SER A 1 48  ? -1.125  -18.663 11.201  0.35 20.26 ? 48  SER A O   1 
ATOM   402  C CB  A SER A 1 48  ? 0.990   -18.601 8.746   0.36 18.27 ? 48  SER A CB  1 
ATOM   403  C CB  B SER A 1 48  ? 1.054   -18.487 8.774   0.29 17.34 ? 48  SER A CB  1 
ATOM   404  C CB  C SER A 1 48  ? 1.067   -18.477 8.767   0.35 17.97 ? 48  SER A CB  1 
ATOM   405  O OG  A SER A 1 48  ? 1.970   -17.659 9.140   0.36 19.46 ? 48  SER A OG  1 
ATOM   406  O OG  B SER A 1 48  ? 1.387   -19.625 9.552   0.29 17.66 ? 48  SER A OG  1 
ATOM   407  O OG  C SER A 1 48  ? 1.287   -18.851 7.418   0.35 19.54 ? 48  SER A OG  1 
ATOM   408  N N   . THR A 1 49  ? -0.248  -16.605 10.929  1.00 18.57 ? 49  THR A N   1 
ATOM   409  C CA  . THR A 1 49  ? -0.408  -16.213 12.334  1.00 18.60 ? 49  THR A CA  1 
ATOM   410  C C   . THR A 1 49  ? -1.759  -15.561 12.607  1.00 18.49 ? 49  THR A C   1 
ATOM   411  O O   . THR A 1 49  ? -2.270  -15.608 13.731  1.00 19.28 ? 49  THR A O   1 
ATOM   412  C CB  . THR A 1 49  ? 0.669   -15.202 12.765  1.00 19.51 ? 49  THR A CB  1 
ATOM   413  O OG1 . THR A 1 49  ? 0.513   -13.992 12.010  1.00 19.56 ? 49  THR A OG1 1 
ATOM   414  C CG2 . THR A 1 49  ? 2.065   -15.764 12.540  1.00 21.00 ? 49  THR A CG2 1 
ATOM   415  N N   . ARG A 1 50  ? -2.312  -14.933 11.570  1.00 18.15 ? 50  ARG A N   1 
ATOM   416  C CA  . ARG A 1 50  ? -3.585  -14.219 11.637  1.00 17.28 ? 50  ARG A CA  1 
ATOM   417  C C   . ARG A 1 50  ? -3.464  -12.961 12.494  1.00 16.87 ? 50  ARG A C   1 
ATOM   418  O O   . ARG A 1 50  ? -4.466  -12.373 12.894  1.00 18.62 ? 50  ARG A O   1 
ATOM   419  C CB  . ARG A 1 50  ? -4.720  -15.126 12.132  1.00 20.66 ? 50  ARG A CB  1 
ATOM   420  C CG  . ARG A 1 50  ? -4.949  -16.348 11.250  1.00 23.17 ? 50  ARG A CG  1 
ATOM   421  C CD  . ARG A 1 50  ? -6.233  -17.088 11.600  1.00 28.51 ? 50  ARG A CD  1 
ATOM   422  N NE  . ARG A 1 50  ? -6.229  -17.638 12.950  1.00 30.30 ? 50  ARG A NE  1 
ATOM   423  C CZ  . ARG A 1 50  ? -7.328  -17.941 13.637  1.00 31.15 ? 50  ARG A CZ  1 
ATOM   424  N NH1 . ARG A 1 50  ? -8.526  -17.742 13.104  1.00 31.65 ? 50  ARG A NH1 1 
ATOM   425  N NH2 . ARG A 1 50  ? -7.227  -18.463 14.851  1.00 33.01 ? 50  ARG A NH2 1 
ATOM   426  N N   . ILE A 1 51  ? -2.228  -12.541 12.740  1.00 15.74 ? 51  ILE A N   1 
ATOM   427  C CA  . ILE A 1 51  ? -1.959  -11.351 13.539  1.00 16.08 ? 51  ILE A CA  1 
ATOM   428  C C   . ILE A 1 51  ? -1.351  -10.257 12.670  1.00 16.73 ? 51  ILE A C   1 
ATOM   429  O O   . ILE A 1 51  ? -0.250  -10.407 12.139  1.00 19.03 ? 51  ILE A O   1 
ATOM   430  C CB  . ILE A 1 51  ? -1.015  -11.667 14.723  1.00 18.91 ? 51  ILE A CB  1 
ATOM   431  C CG1 . ILE A 1 51  ? -1.695  -12.650 15.680  1.00 19.96 ? 51  ILE A CG1 1 
ATOM   432  C CG2 . ILE A 1 51  ? -0.635  -10.384 15.457  1.00 19.63 ? 51  ILE A CG2 1 
ATOM   433  C CD1 . ILE A 1 51  ? -0.814  -13.114 16.817  1.00 21.77 ? 51  ILE A CD1 1 
ATOM   434  N N   . LEU A 1 52  ? -2.091  -9.163  12.521  1.00 17.19 ? 52  LEU A N   1 
ATOM   435  C CA  . LEU A 1 52  ? -1.642  -8.038  11.719  1.00 18.23 ? 52  LEU A CA  1 
ATOM   436  C C   . LEU A 1 52  ? -0.558  -7.234  12.419  1.00 18.70 ? 52  LEU A C   1 
ATOM   437  O O   . LEU A 1 52  ? -0.661  -6.933  13.608  1.00 18.71 ? 52  LEU A O   1 
ATOM   438  C CB  . LEU A 1 52  ? -2.823  -7.125  11.398  1.00 19.22 ? 52  LEU A CB  1 
ATOM   439  C CG  . LEU A 1 52  ? -3.905  -7.727  10.506  1.00 20.49 ? 52  LEU A CG  1 
ATOM   440  C CD1 . LEU A 1 52  ? -5.197  -6.942  10.657  1.00 22.33 ? 52  LEU A CD1 1 
ATOM   441  C CD2 . LEU A 1 52  ? -3.429  -7.730  9.062   1.00 20.42 ? 52  LEU A CD2 1 
ATOM   442  N N   . LYS A 1 53  ? 0.492   -6.922  11.672  1.00 18.66 ? 53  LYS A N   1 
ATOM   443  C CA  . LYS A 1 53  ? 1.611   -6.128  12.167  1.00 19.29 ? 53  LYS A CA  1 
ATOM   444  C C   . LYS A 1 53  ? 2.504   -5.804  10.977  1.00 20.58 ? 53  LYS A C   1 
ATOM   445  O O   . LYS A 1 53  ? 2.497   -6.524  9.974   1.00 19.26 ? 53  LYS A O   1 
ATOM   446  C CB  . LYS A 1 53  ? 2.408   -6.889  13.236  1.00 22.54 ? 53  LYS A CB  1 
ATOM   447  C CG  . LYS A 1 53  ? 3.100   -8.144  12.740  1.00 23.80 ? 53  LYS A CG  1 
ATOM   448  C CD  . LYS A 1 53  ? 3.791   -8.894  13.874  1.00 28.39 ? 53  LYS A CD  1 
ATOM   449  C CE  . LYS A 1 53  ? 4.916   -8.079  14.487  1.00 29.93 ? 53  LYS A CE  1 
ATOM   450  N NZ  . LYS A 1 53  ? 5.618   -8.832  15.566  1.00 33.36 ? 53  LYS A NZ  1 
ATOM   451  N N   A HIS A 1 54  ? 3.255   -4.714  11.077  0.46 20.97 ? 54  HIS A N   1 
ATOM   452  N N   B HIS A 1 54  ? 3.254   -4.713  11.077  0.54 21.08 ? 54  HIS A N   1 
ATOM   453  C CA  A HIS A 1 54  ? 4.145   -4.316  9.998   0.46 21.24 ? 54  HIS A CA  1 
ATOM   454  C CA  B HIS A 1 54  ? 4.145   -4.315  9.998   0.54 21.36 ? 54  HIS A CA  1 
ATOM   455  C C   A HIS A 1 54  ? 5.412   -5.161  9.927   0.46 20.25 ? 54  HIS A C   1 
ATOM   456  C C   B HIS A 1 54  ? 5.410   -5.162  9.926   0.54 20.32 ? 54  HIS A C   1 
ATOM   457  O O   A HIS A 1 54  ? 5.927   -5.631  10.944  0.46 19.86 ? 54  HIS A O   1 
ATOM   458  O O   B HIS A 1 54  ? 5.922   -5.638  10.943  0.54 19.89 ? 54  HIS A O   1 
ATOM   459  C CB  A HIS A 1 54  ? 4.480   -2.826  10.094  0.46 23.81 ? 54  HIS A CB  1 
ATOM   460  C CB  B HIS A 1 54  ? 4.483   -2.826  10.096  0.54 24.09 ? 54  HIS A CB  1 
ATOM   461  C CG  A HIS A 1 54  ? 3.376   -1.933  9.620   0.46 25.07 ? 54  HIS A CG  1 
ATOM   462  C CG  B HIS A 1 54  ? 3.382   -1.929  9.622   0.54 25.34 ? 54  HIS A CG  1 
ATOM   463  N ND1 A HIS A 1 54  ? 3.186   -1.630  8.288   0.46 25.75 ? 54  HIS A ND1 1 
ATOM   464  N ND1 B HIS A 1 54  ? 3.115   -1.725  8.284   0.54 25.89 ? 54  HIS A ND1 1 
ATOM   465  C CD2 A HIS A 1 54  ? 2.394   -1.289  10.295  0.46 26.46 ? 54  HIS A CD2 1 
ATOM   466  C CD2 B HIS A 1 54  ? 2.473   -1.191  10.303  0.54 26.81 ? 54  HIS A CD2 1 
ATOM   467  C CE1 A HIS A 1 54  ? 2.135   -0.839  8.164   0.46 26.85 ? 54  HIS A CE1 1 
ATOM   468  C CE1 B HIS A 1 54  ? 2.089   -0.901  8.163   0.54 27.20 ? 54  HIS A CE1 1 
ATOM   469  N NE2 A HIS A 1 54  ? 1.636   -0.617  9.367   0.46 26.27 ? 54  HIS A NE2 1 
ATOM   470  N NE2 B HIS A 1 54  ? 1.681   -0.562  9.372   0.54 26.60 ? 54  HIS A NE2 1 
ATOM   471  N N   . SER A 1 55  ? 5.885   -5.370  8.703   1.00 18.70 ? 55  SER A N   1 
ATOM   472  C CA  . SER A 1 55  ? 7.079   -6.164  8.434   1.00 18.35 ? 55  SER A CA  1 
ATOM   473  C C   . SER A 1 55  ? 8.371   -5.495  8.884   1.00 19.38 ? 55  SER A C   1 
ATOM   474  O O   . SER A 1 55  ? 8.385   -4.308  9.205   1.00 17.80 ? 55  SER A O   1 
ATOM   475  C CB  . SER A 1 55  ? 7.182   -6.394  6.930   1.00 17.70 ? 55  SER A CB  1 
ATOM   476  O OG  . SER A 1 55  ? 7.443   -5.165  6.264   1.00 18.30 ? 55  SER A OG  1 
ATOM   477  N N   . PRO A 1 56  ? 9.474   -6.264  8.928   1.00 19.88 ? 56  PRO A N   1 
ATOM   478  C CA  . PRO A 1 56  ? 10.768  -5.706  9.331   1.00 20.20 ? 56  PRO A CA  1 
ATOM   479  C C   . PRO A 1 56  ? 11.203  -4.624  8.339   1.00 20.36 ? 56  PRO A C   1 
ATOM   480  O O   . PRO A 1 56  ? 11.735  -3.589  8.737   1.00 19.93 ? 56  PRO A O   1 
ATOM   481  C CB  . PRO A 1 56  ? 11.691  -6.920  9.268   1.00 20.94 ? 56  PRO A CB  1 
ATOM   482  C CG  . PRO A 1 56  ? 10.787  -8.032  9.681   1.00 20.84 ? 56  PRO A CG  1 
ATOM   483  C CD  . PRO A 1 56  ? 9.544   -7.736  8.866   1.00 20.95 ? 56  PRO A CD  1 
ATOM   484  N N   . GLU A 1 57  ? 10.939  -4.856  7.050   1.00 19.81 ? 57  GLU A N   1 
ATOM   485  C CA  . GLU A 1 57  ? 11.283  -3.902  5.994   1.00 20.55 ? 57  GLU A CA  1 
ATOM   486  C C   . GLU A 1 57  ? 10.552  -2.579  6.200   1.00 18.92 ? 57  GLU A C   1 
ATOM   487  O O   . GLU A 1 57  ? 11.113  -1.507  5.984   1.00 19.39 ? 57  GLU A O   1 
ATOM   488  C CB  . GLU A 1 57  ? 10.928  -4.462  4.610   1.00 23.74 ? 57  GLU A CB  1 
ATOM   489  C CG  . GLU A 1 57  ? 11.785  -5.637  4.136   1.00 28.50 ? 57  GLU A CG  1 
ATOM   490  C CD  . GLU A 1 57  ? 11.508  -6.934  4.883   1.00 31.58 ? 57  GLU A CD  1 
ATOM   491  O OE1 . GLU A 1 57  ? 10.388  -7.105  5.412   1.00 31.49 ? 57  GLU A OE1 1 
ATOM   492  O OE2 . GLU A 1 57  ? 12.417  -7.791  4.936   1.00 35.57 ? 57  GLU A OE2 1 
ATOM   493  N N   . SER A 1 58  ? 9.286   -2.668  6.597   1.00 17.91 ? 58  SER A N   1 
ATOM   494  C CA  . SER A 1 58  ? 8.470   -1.490  6.848   1.00 16.12 ? 58  SER A CA  1 
ATOM   495  C C   . SER A 1 58  ? 8.968   -0.762  8.096   1.00 14.94 ? 58  SER A C   1 
ATOM   496  O O   . SER A 1 58  ? 9.151   0.460   8.081   1.00 14.57 ? 58  SER A O   1 
ATOM   497  C CB  . SER A 1 58  ? 7.003   -1.899  7.038   1.00 16.75 ? 58  SER A CB  1 
ATOM   498  O OG  . SER A 1 58  ? 6.210   -0.802  7.461   1.00 20.87 ? 58  SER A OG  1 
ATOM   499  N N   A SER A 1 59  ? 9.206   -1.520  9.162   0.57 15.27 ? 59  SER A N   1 
ATOM   500  N N   B SER A 1 59  ? 9.210   -1.527  9.157   0.43 15.04 ? 59  SER A N   1 
ATOM   501  C CA  A SER A 1 59  ? 9.673   -0.950  10.422  0.57 14.87 ? 59  SER A CA  1 
ATOM   502  C CA  B SER A 1 59  ? 9.681   -0.983  10.425  0.43 14.58 ? 59  SER A CA  1 
ATOM   503  C C   A SER A 1 59  ? 11.028  -0.264  10.283  0.57 15.33 ? 59  SER A C   1 
ATOM   504  C C   B SER A 1 59  ? 11.033  -0.288  10.301  0.43 15.08 ? 59  SER A C   1 
ATOM   505  O O   A SER A 1 59  ? 11.298  0.722   10.965  0.57 16.28 ? 59  SER A O   1 
ATOM   506  O O   B SER A 1 59  ? 11.304  0.681   11.006  0.43 15.77 ? 59  SER A O   1 
ATOM   507  C CB  A SER A 1 59  ? 9.751   -2.027  11.506  0.57 15.99 ? 59  SER A CB  1 
ATOM   508  C CB  B SER A 1 59  ? 9.768   -2.094  11.473  0.43 15.10 ? 59  SER A CB  1 
ATOM   509  O OG  A SER A 1 59  ? 10.796  -2.944  11.243  0.57 19.69 ? 59  SER A OG  1 
ATOM   510  O OG  B SER A 1 59  ? 8.502   -2.699  11.675  0.43 16.89 ? 59  SER A OG  1 
ATOM   511  N N   . ARG A 1 60  ? 11.872  -0.785  9.396   1.00 15.31 ? 60  ARG A N   1 
ATOM   512  C CA  . ARG A 1 60  ? 13.202  -0.219  9.178   1.00 15.90 ? 60  ARG A CA  1 
ATOM   513  C C   . ARG A 1 60  ? 13.246  0.877   8.111   1.00 16.74 ? 60  ARG A C   1 
ATOM   514  O O   . ARG A 1 60  ? 14.323  1.373   7.761   1.00 17.89 ? 60  ARG A O   1 
ATOM   515  C CB  . ARG A 1 60  ? 14.196  -1.338  8.863   1.00 18.35 ? 60  ARG A CB  1 
ATOM   516  C CG  . ARG A 1 60  ? 14.365  -2.299  10.029  1.00 20.78 ? 60  ARG A CG  1 
ATOM   517  C CD  . ARG A 1 60  ? 15.079  -3.569  9.630   1.00 23.32 ? 60  ARG A CD  1 
ATOM   518  N NE  . ARG A 1 60  ? 15.230  -4.461  10.776  1.00 26.97 ? 60  ARG A NE  1 
ATOM   519  C CZ  . ARG A 1 60  ? 15.644  -5.721  10.696  1.00 28.47 ? 60  ARG A CZ  1 
ATOM   520  N NH1 . ARG A 1 60  ? 15.948  -6.252  9.518   1.00 29.49 ? 60  ARG A NH1 1 
ATOM   521  N NH2 . ARG A 1 60  ? 15.769  -6.447  11.798  1.00 30.16 ? 60  ARG A NH2 1 
ATOM   522  N N   . GLY A 1 61  ? 12.074  1.243   7.593   1.00 15.11 ? 61  GLY A N   1 
ATOM   523  C CA  . GLY A 1 61  ? 11.978  2.287   6.587   1.00 17.02 ? 61  GLY A CA  1 
ATOM   524  C C   . GLY A 1 61  ? 12.593  1.978   5.236   1.00 16.99 ? 61  GLY A C   1 
ATOM   525  O O   . GLY A 1 61  ? 12.860  2.890   4.455   1.00 17.54 ? 61  GLY A O   1 
ATOM   526  N N   . GLN A 1 62  ? 12.797  0.695   4.949   1.00 16.95 ? 62  GLN A N   1 
ATOM   527  C CA  . GLN A 1 62  ? 13.383  0.265   3.683   1.00 19.36 ? 62  GLN A CA  1 
ATOM   528  C C   . GLN A 1 62  ? 12.340  0.368   2.572   1.00 18.78 ? 62  GLN A C   1 
ATOM   529  O O   . GLN A 1 62  ? 12.642  0.783   1.452   1.00 20.79 ? 62  GLN A O   1 
ATOM   530  C CB  . GLN A 1 62  ? 13.906  -1.167  3.808   1.00 21.37 ? 62  GLN A CB  1 
ATOM   531  C CG  . GLN A 1 62  ? 14.974  -1.329  4.889   1.00 27.66 ? 62  GLN A CG  1 
ATOM   532  C CD  . GLN A 1 62  ? 15.479  -2.752  5.020   1.00 31.46 ? 62  GLN A CD  1 
ATOM   533  O OE1 . GLN A 1 62  ? 14.707  -3.679  5.264   1.00 34.04 ? 62  GLN A OE1 1 
ATOM   534  N NE2 . GLN A 1 62  ? 16.786  -2.932  4.870   1.00 34.66 ? 62  GLN A NE2 1 
HETATM 535  N N   . OCS A 1 63  ? 11.112  -0.007  2.910   1.00 17.34 ? 63  OCS A N   1 
HETATM 536  C CA  . OCS A 1 63  ? 9.977   0.043   1.999   1.00 18.45 ? 63  OCS A CA  1 
HETATM 537  C CB  . OCS A 1 63  ? 9.550   -1.367  1.578   1.00 19.90 ? 63  OCS A CB  1 
HETATM 538  S SG  . OCS A 1 63  ? 10.678  -2.321  0.531   1.00 24.12 ? 63  OCS A SG  1 
HETATM 539  C C   . OCS A 1 63  ? 8.778   0.640   2.684   1.00 15.46 ? 63  OCS A C   1 
HETATM 540  O O   . OCS A 1 63  ? 8.657   0.577   3.910   1.00 16.87 ? 63  OCS A O   1 
HETATM 541  O OD1 . OCS A 1 63  ? 11.837  -2.671  1.311   1.00 25.88 ? 63  OCS A OD1 1 
HETATM 542  O OD2 . OCS A 1 63  ? 9.986   -3.510  0.112   1.00 27.79 ? 63  OCS A OD2 1 
HETATM 543  O OD3 . OCS A 1 63  ? 11.045  -1.524  -0.597  1.00 25.75 ? 63  OCS A OD3 1 
ATOM   544  N N   . GLY A 1 64  ? 7.894   1.229   1.893   1.00 13.19 ? 64  GLY A N   1 
ATOM   545  C CA  . GLY A 1 64  ? 6.656   1.739   2.446   1.00 13.67 ? 64  GLY A CA  1 
ATOM   546  C C   . GLY A 1 64  ? 5.759   0.510   2.477   1.00 12.47 ? 64  GLY A C   1 
ATOM   547  O O   . GLY A 1 64  ? 6.018   -0.462  1.764   1.00 13.23 ? 64  GLY A O   1 
ATOM   548  N N   . GLU A 1 65  ? 4.714   0.524   3.295   1.00 11.41 ? 65  GLU A N   1 
ATOM   549  C CA  . GLU A 1 65  ? 3.837   -0.637  3.378   1.00 11.61 ? 65  GLU A CA  1 
ATOM   550  C C   . GLU A 1 65  ? 2.425   -0.308  3.832   1.00 11.71 ? 65  GLU A C   1 
ATOM   551  O O   . GLU A 1 65  ? 2.225   0.436   4.792   1.00 14.43 ? 65  GLU A O   1 
ATOM   552  C CB  . GLU A 1 65  ? 4.453   -1.675  4.327   1.00 12.67 ? 65  GLU A CB  1 
ATOM   553  C CG  . GLU A 1 65  ? 3.638   -2.948  4.529   1.00 14.32 ? 65  GLU A CG  1 
ATOM   554  C CD  . GLU A 1 65  ? 4.338   -3.936  5.443   1.00 15.39 ? 65  GLU A CD  1 
ATOM   555  O OE1 . GLU A 1 65  ? 4.106   -3.890  6.669   1.00 17.21 ? 65  GLU A OE1 1 
ATOM   556  O OE2 . GLU A 1 65  ? 5.125   -4.757  4.937   1.00 17.58 ? 65  GLU A OE2 1 
ATOM   557  N N   . ASN A 1 66  ? 1.451   -0.846  3.101   1.00 10.75 ? 66  ASN A N   1 
ATOM   558  C CA  . ASN A 1 66  ? 0.036   -0.690  3.433   1.00 11.41 ? 66  ASN A CA  1 
ATOM   559  C C   . ASN A 1 66  ? -0.511  -2.096  3.656   1.00 10.99 ? 66  ASN A C   1 
ATOM   560  O O   . ASN A 1 66  ? -0.182  -3.024  2.912   1.00 11.32 ? 66  ASN A O   1 
ATOM   561  C CB  . ASN A 1 66  ? -0.743  -0.024  2.297   1.00 10.65 ? 66  ASN A CB  1 
ATOM   562  C CG  . ASN A 1 66  ? -0.638  1.494   2.317   1.00 12.21 ? 66  ASN A CG  1 
ATOM   563  O OD1 . ASN A 1 66  ? -0.144  2.082   3.277   1.00 13.75 ? 66  ASN A OD1 1 
ATOM   564  N ND2 . ASN A 1 66  ? -1.134  2.134   1.264   1.00 11.60 ? 66  ASN A ND2 1 
ATOM   565  N N   . LEU A 1 67  ? -1.333  -2.254  4.689   1.00 10.95 ? 67  LEU A N   1 
ATOM   566  C CA  . LEU A 1 67  ? -1.934  -3.549  5.002   1.00 11.04 ? 67  LEU A CA  1 
ATOM   567  C C   . LEU A 1 67  ? -3.454  -3.456  4.941   1.00 11.88 ? 67  LEU A C   1 
ATOM   568  O O   . LEU A 1 67  ? -4.035  -2.403  5.224   1.00 12.86 ? 67  LEU A O   1 
ATOM   569  C CB  . LEU A 1 67  ? -1.521  -4.009  6.401   1.00 13.03 ? 67  LEU A CB  1 
ATOM   570  C CG  . LEU A 1 67  ? -0.036  -4.155  6.731   1.00 13.87 ? 67  LEU A CG  1 
ATOM   571  C CD1 . LEU A 1 67  ? 0.103   -4.571  8.188   1.00 18.04 ? 67  LEU A CD1 1 
ATOM   572  C CD2 . LEU A 1 67  ? 0.622   -5.176  5.817   1.00 14.82 ? 67  LEU A CD2 1 
ATOM   573  N N   . ALA A 1 68  ? -4.095  -4.555  4.557   1.00 12.10 ? 68  ALA A N   1 
ATOM   574  C CA  . ALA A 1 68  ? -5.556  -4.600  4.485   1.00 12.19 ? 68  ALA A CA  1 
ATOM   575  C C   . ALA A 1 68  ? -6.064  -5.978  4.870   1.00 13.76 ? 68  ALA A C   1 
ATOM   576  O O   . ALA A 1 68  ? -5.602  -6.990  4.339   1.00 14.41 ? 68  ALA A O   1 
ATOM   577  C CB  . ALA A 1 68  ? -6.042  -4.241  3.088   1.00 13.80 ? 68  ALA A CB  1 
ATOM   578  N N   . TRP A 1 69  ? -7.032  -6.005  5.782   1.00 12.62 ? 69  TRP A N   1 
ATOM   579  C CA  . TRP A 1 69  ? -7.630  -7.253  6.240   1.00 13.02 ? 69  TRP A CA  1 
ATOM   580  C C   . TRP A 1 69  ? -9.134  -7.233  6.013   1.00 12.71 ? 69  TRP A C   1 
ATOM   581  O O   . TRP A 1 69  ? -9.767  -6.178  6.059   1.00 14.12 ? 69  TRP A O   1 
ATOM   582  C CB  . TRP A 1 69  ? -7.384  -7.453  7.745   1.00 14.66 ? 69  TRP A CB  1 
ATOM   583  C CG  . TRP A 1 69  ? -8.066  -8.683  8.318   1.00 14.37 ? 69  TRP A CG  1 
ATOM   584  C CD1 . TRP A 1 69  ? -7.549  -9.942  8.383   1.00 16.01 ? 69  TRP A CD1 1 
ATOM   585  C CD2 . TRP A 1 69  ? -9.402  -8.774  8.846   1.00 15.71 ? 69  TRP A CD2 1 
ATOM   586  N NE1 . TRP A 1 69  ? -8.474  -10.814 8.904   1.00 17.30 ? 69  TRP A NE1 1 
ATOM   587  C CE2 . TRP A 1 69  ? -9.620  -10.124 9.197   1.00 16.36 ? 69  TRP A CE2 1 
ATOM   588  C CE3 . TRP A 1 69  ? -10.436 -7.849  9.050   1.00 17.35 ? 69  TRP A CE3 1 
ATOM   589  C CZ2 . TRP A 1 69  ? -10.830 -10.577 9.741   1.00 16.87 ? 69  TRP A CZ2 1 
ATOM   590  C CZ3 . TRP A 1 69  ? -11.645 -8.300  9.593   1.00 17.81 ? 69  TRP A CZ3 1 
ATOM   591  C CH2 . TRP A 1 69  ? -11.825 -9.651  9.929   1.00 16.98 ? 69  TRP A CH2 1 
ATOM   592  N N   . ALA A 1 70  ? -9.692  -8.412  5.758   1.00 12.04 ? 70  ALA A N   1 
ATOM   593  C CA  . ALA A 1 70  ? -11.134 -8.582  5.605   1.00 11.09 ? 70  ALA A CA  1 
ATOM   594  C C   . ALA A 1 70  ? -11.471 -10.024 5.946   1.00 11.87 ? 70  ALA A C   1 
ATOM   595  O O   . ALA A 1 70  ? -10.615 -10.901 5.878   1.00 12.24 ? 70  ALA A O   1 
ATOM   596  C CB  . ALA A 1 70  ? -11.593 -8.255  4.202   1.00 13.14 ? 70  ALA A CB  1 
ATOM   597  N N   . SER A 1 71  ? -12.719 -10.256 6.340   1.00 12.75 ? 71  SER A N   1 
ATOM   598  C CA  . SER A 1 71  ? -13.165 -11.602 6.689   1.00 14.87 ? 71  SER A CA  1 
ATOM   599  C C   . SER A 1 71  ? -13.389 -12.451 5.439   1.00 15.71 ? 71  SER A C   1 
ATOM   600  O O   . SER A 1 71  ? -13.548 -13.665 5.525   1.00 18.49 ? 71  SER A O   1 
ATOM   601  C CB  . SER A 1 71  ? -14.457 -11.532 7.505   1.00 14.99 ? 71  SER A CB  1 
ATOM   602  O OG  . SER A 1 71  ? -15.512 -10.980 6.740   1.00 18.87 ? 71  SER A OG  1 
ATOM   603  N N   . TYR A 1 72  ? -13.377 -11.801 4.281   1.00 15.45 ? 72  TYR A N   1 
ATOM   604  C CA  . TYR A 1 72  ? -13.591 -12.458 2.992   1.00 15.58 ? 72  TYR A CA  1 
ATOM   605  C C   . TYR A 1 72  ? -12.405 -12.195 2.059   1.00 15.59 ? 72  TYR A C   1 
ATOM   606  O O   . TYR A 1 72  ? -11.487 -11.448 2.411   1.00 15.98 ? 72  TYR A O   1 
ATOM   607  C CB  . TYR A 1 72  ? -14.874 -11.907 2.358   1.00 16.85 ? 72  TYR A CB  1 
ATOM   608  C CG  . TYR A 1 72  ? -14.880 -10.396 2.293   1.00 16.90 ? 72  TYR A CG  1 
ATOM   609  C CD1 . TYR A 1 72  ? -14.364 -9.723  1.186   1.00 18.96 ? 72  TYR A CD1 1 
ATOM   610  C CD2 . TYR A 1 72  ? -15.322 -9.636  3.377   1.00 17.33 ? 72  TYR A CD2 1 
ATOM   611  C CE1 . TYR A 1 72  ? -14.277 -8.335  1.165   1.00 18.45 ? 72  TYR A CE1 1 
ATOM   612  C CE2 . TYR A 1 72  ? -15.240 -8.248  3.366   1.00 18.49 ? 72  TYR A CE2 1 
ATOM   613  C CZ  . TYR A 1 72  ? -14.712 -7.604  2.260   1.00 19.79 ? 72  TYR A CZ  1 
ATOM   614  O OH  . TYR A 1 72  ? -14.581 -6.234  2.270   1.00 21.11 ? 72  TYR A OH  1 
ATOM   615  N N   . ASP A 1 73  ? -12.445 -12.786 0.866   1.00 16.49 ? 73  ASP A N   1 
ATOM   616  C CA  . ASP A 1 73  ? -11.386 -12.614 -0.130  1.00 16.52 ? 73  ASP A CA  1 
ATOM   617  C C   . ASP A 1 73  ? -11.556 -11.245 -0.811  1.00 17.93 ? 73  ASP A C   1 
ATOM   618  O O   . ASP A 1 73  ? -12.490 -11.027 -1.579  1.00 20.15 ? 73  ASP A O   1 
ATOM   619  C CB  . ASP A 1 73  ? -11.453 -13.750 -1.158  1.00 18.39 ? 73  ASP A CB  1 
ATOM   620  C CG  . ASP A 1 73  ? -10.178 -13.896 -1.972  1.00 22.76 ? 73  ASP A CG  1 
ATOM   621  O OD1 . ASP A 1 73  ? -10.198 -14.669 -2.951  1.00 24.05 ? 73  ASP A OD1 1 
ATOM   622  O OD2 . ASP A 1 73  ? -9.155  -13.255 -1.637  1.00 21.68 ? 73  ASP A OD2 1 
ATOM   623  N N   . GLN A 1 74  ? -10.628 -10.340 -0.523  1.00 17.08 ? 74  GLN A N   1 
ATOM   624  C CA  . GLN A 1 74  ? -10.655 -8.972  -1.038  1.00 16.81 ? 74  GLN A CA  1 
ATOM   625  C C   . GLN A 1 74  ? -10.275 -8.778  -2.498  1.00 15.66 ? 74  GLN A C   1 
ATOM   626  O O   . GLN A 1 74  ? -9.361  -9.427  -2.998  1.00 18.12 ? 74  GLN A O   1 
ATOM   627  C CB  . GLN A 1 74  ? -9.725  -8.101  -0.194  1.00 15.41 ? 74  GLN A CB  1 
ATOM   628  C CG  . GLN A 1 74  ? -10.101 -8.040  1.263   1.00 17.08 ? 74  GLN A CG  1 
ATOM   629  C CD  . GLN A 1 74  ? -9.040  -7.368  2.106   1.00 17.63 ? 74  GLN A CD  1 
ATOM   630  O OE1 . GLN A 1 74  ? -9.106  -6.167  2.362   1.00 20.67 ? 74  GLN A OE1 1 
ATOM   631  N NE2 . GLN A 1 74  ? -8.067  -8.146  2.563   1.00 15.70 ? 74  GLN A NE2 1 
ATOM   632  N N   . THR A 1 75  ? -10.967 -7.860  -3.170  1.00 15.02 ? 75  THR A N   1 
ATOM   633  C CA  . THR A 1 75  ? -10.642 -7.553  -4.560  1.00 15.42 ? 75  THR A CA  1 
ATOM   634  C C   . THR A 1 75  ? -9.630  -6.416  -4.539  1.00 15.78 ? 75  THR A C   1 
ATOM   635  O O   . THR A 1 75  ? -9.526  -5.678  -3.551  1.00 14.58 ? 75  THR A O   1 
ATOM   636  C CB  . THR A 1 75  ? -11.862 -7.101  -5.385  1.00 18.18 ? 75  THR A CB  1 
ATOM   637  O OG1 . THR A 1 75  ? -12.319 -5.824  -4.925  1.00 19.66 ? 75  THR A OG1 1 
ATOM   638  C CG2 . THR A 1 75  ? -12.987 -8.121  -5.290  1.00 18.71 ? 75  THR A CG2 1 
ATOM   639  N N   . GLY A 1 76  ? -8.900  -6.265  -5.637  1.00 15.36 ? 76  GLY A N   1 
ATOM   640  C CA  . GLY A 1 76  ? -7.895  -5.220  -5.719  1.00 15.14 ? 76  GLY A CA  1 
ATOM   641  C C   . GLY A 1 76  ? -8.464  -3.819  -5.625  1.00 15.36 ? 76  GLY A C   1 
ATOM   642  O O   . GLY A 1 76  ? -7.887  -2.943  -4.972  1.00 16.43 ? 76  GLY A O   1 
ATOM   643  N N   . LYS A 1 77  ? -9.611  -3.609  -6.261  1.00 15.63 ? 77  LYS A N   1 
ATOM   644  C CA  . LYS A 1 77  ? -10.259 -2.308  -6.253  1.00 16.54 ? 77  LYS A CA  1 
ATOM   645  C C   . LYS A 1 77  ? -10.717 -1.887  -4.855  1.00 16.62 ? 77  LYS A C   1 
ATOM   646  O O   . LYS A 1 77  ? -10.498 -0.746  -4.448  1.00 18.18 ? 77  LYS A O   1 
ATOM   647  C CB  . LYS A 1 77  ? -11.452 -2.303  -7.215  1.00 18.24 ? 77  LYS A CB  1 
ATOM   648  C CG  . LYS A 1 77  ? -12.001 -0.920  -7.501  1.00 22.56 ? 77  LYS A CG  1 
ATOM   649  C CD  . LYS A 1 77  ? -13.273 -0.985  -8.330  1.00 22.79 ? 77  LYS A CD  1 
ATOM   650  C CE  . LYS A 1 77  ? -13.782 0.408   -8.676  1.00 26.32 ? 77  LYS A CE  1 
ATOM   651  N NZ  . LYS A 1 77  ? -14.095 1.229   -7.468  1.00 25.83 ? 77  LYS A NZ  1 
ATOM   652  N N   A GLU A 1 78  ? -11.339 -2.802  -4.115  0.57 16.10 ? 78  GLU A N   1 
ATOM   653  N N   B GLU A 1 78  ? -11.325 -2.822  -4.126  0.43 15.92 ? 78  GLU A N   1 
ATOM   654  C CA  A GLU A 1 78  ? -11.821 -2.464  -2.779  0.57 16.37 ? 78  GLU A CA  1 
ATOM   655  C CA  B GLU A 1 78  ? -11.822 -2.566  -2.776  0.43 15.87 ? 78  GLU A CA  1 
ATOM   656  C C   A GLU A 1 78  ? -10.694 -2.117  -1.811  0.57 15.37 ? 78  GLU A C   1 
ATOM   657  C C   B GLU A 1 78  ? -10.716 -2.158  -1.808  0.43 15.15 ? 78  GLU A C   1 
ATOM   658  O O   A GLU A 1 78  ? -10.859 -1.245  -0.959  0.57 15.08 ? 78  GLU A O   1 
ATOM   659  O O   B GLU A 1 78  ? -10.910 -1.280  -0.968  0.43 14.88 ? 78  GLU A O   1 
ATOM   660  C CB  A GLU A 1 78  ? -12.701 -3.576  -2.204  0.57 18.25 ? 78  GLU A CB  1 
ATOM   661  C CB  B GLU A 1 78  ? -12.541 -3.803  -2.230  0.43 16.82 ? 78  GLU A CB  1 
ATOM   662  C CG  A GLU A 1 78  ? -11.963 -4.824  -1.782  0.57 19.84 ? 78  GLU A CG  1 
ATOM   663  C CG  B GLU A 1 78  ? -13.834 -4.154  -2.959  0.43 17.63 ? 78  GLU A CG  1 
ATOM   664  C CD  A GLU A 1 78  ? -12.867 -5.804  -1.073  0.57 21.55 ? 78  GLU A CD  1 
ATOM   665  C CD  B GLU A 1 78  ? -14.399 -5.512  -2.558  0.43 18.85 ? 78  GLU A CD  1 
ATOM   666  O OE1 A GLU A 1 78  ? -13.218 -6.840  -1.675  0.57 21.74 ? 78  GLU A OE1 1 
ATOM   667  O OE1 B GLU A 1 78  ? -13.655 -6.338  -1.986  0.43 18.30 ? 78  GLU A OE1 1 
ATOM   668  O OE2 A GLU A 1 78  ? -13.234 -5.526  0.088   0.57 21.15 ? 78  GLU A OE2 1 
ATOM   669  O OE2 B GLU A 1 78  ? -15.591 -5.761  -2.833  0.43 18.98 ? 78  GLU A OE2 1 
ATOM   670  N N   . VAL A 1 79  ? -9.559  -2.802  -1.933  1.00 14.88 ? 79  VAL A N   1 
ATOM   671  C CA  . VAL A 1 79  ? -8.417  -2.521  -1.069  1.00 14.42 ? 79  VAL A CA  1 
ATOM   672  C C   . VAL A 1 79  ? -7.889  -1.108  -1.328  1.00 13.95 ? 79  VAL A C   1 
ATOM   673  O O   . VAL A 1 79  ? -7.722  -0.317  -0.396  1.00 12.64 ? 79  VAL A O   1 
ATOM   674  C CB  . VAL A 1 79  ? -7.295  -3.553  -1.277  1.00 16.18 ? 79  VAL A CB  1 
ATOM   675  C CG1 . VAL A 1 79  ? -6.042  -3.127  -0.548  1.00 17.92 ? 79  VAL A CG1 1 
ATOM   676  C CG2 . VAL A 1 79  ? -7.744  -4.908  -0.768  1.00 17.73 ? 79  VAL A CG2 1 
ATOM   677  N N   . ALA A 1 80  ? -7.683  -0.777  -2.600  1.00 12.54 ? 80  ALA A N   1 
ATOM   678  C CA  . ALA A 1 80  ? -7.189  0.546   -2.968  1.00 12.59 ? 80  ALA A CA  1 
ATOM   679  C C   . ALA A 1 80  ? -8.173  1.638   -2.556  1.00 12.62 ? 80  ALA A C   1 
ATOM   680  O O   . ALA A 1 80  ? -7.770  2.693   -2.066  1.00 13.60 ? 80  ALA A O   1 
ATOM   681  C CB  . ALA A 1 80  ? -6.925  0.614   -4.463  1.00 14.65 ? 80  ALA A CB  1 
ATOM   682  N N   . ASP A 1 81  ? -9.464  1.376   -2.744  1.00 13.27 ? 81  ASP A N   1 
ATOM   683  C CA  . ASP A 1 81  ? -10.493 2.345   -2.385  1.00 12.56 ? 81  ASP A CA  1 
ATOM   684  C C   . ASP A 1 81  ? -10.506 2.627   -0.883  1.00 13.19 ? 81  ASP A C   1 
ATOM   685  O O   . ASP A 1 81  ? -10.666 3.776   -0.464  1.00 12.55 ? 81  ASP A O   1 
ATOM   686  C CB  . ASP A 1 81  ? -11.878 1.860   -2.830  1.00 13.82 ? 81  ASP A CB  1 
ATOM   687  C CG  . ASP A 1 81  ? -12.030 1.810   -4.342  1.00 17.36 ? 81  ASP A CG  1 
ATOM   688  O OD1 . ASP A 1 81  ? -11.221 2.433   -5.064  1.00 19.32 ? 81  ASP A OD1 1 
ATOM   689  O OD2 . ASP A 1 81  ? -12.972 1.142   -4.817  1.00 18.82 ? 81  ASP A OD2 1 
ATOM   690  N N   . ARG A 1 82  ? -10.323 1.579   -0.079  1.00 12.24 ? 82  ARG A N   1 
ATOM   691  C CA  . ARG A 1 82  ? -10.316 1.715   1.374   1.00 12.49 ? 82  ARG A CA  1 
ATOM   692  C C   . ARG A 1 82  ? -9.134  2.553   1.840   1.00 12.53 ? 82  ARG A C   1 
ATOM   693  O O   . ARG A 1 82  ? -9.274  3.416   2.705   1.00 13.83 ? 82  ARG A O   1 
ATOM   694  C CB  . ARG A 1 82  ? -10.267 0.341   2.042   1.00 14.79 ? 82  ARG A CB  1 
ATOM   695  C CG  . ARG A 1 82  ? -10.633 0.366   3.517   1.00 20.58 ? 82  ARG A CG  1 
ATOM   696  C CD  . ARG A 1 82  ? -10.454 -1.003  4.156   1.00 22.99 ? 82  ARG A CD  1 
ATOM   697  N NE  . ARG A 1 82  ? -11.086 -2.053  3.365   1.00 22.47 ? 82  ARG A NE  1 
ATOM   698  C CZ  . ARG A 1 82  ? -10.681 -3.320  3.344   1.00 24.12 ? 82  ARG A CZ  1 
ATOM   699  N NH1 . ARG A 1 82  ? -9.644  -3.703  4.081   1.00 26.06 ? 82  ARG A NH1 1 
ATOM   700  N NH2 . ARG A 1 82  ? -11.287 -4.195  2.556   1.00 25.08 ? 82  ARG A NH2 1 
ATOM   701  N N   . TRP A 1 83  ? -7.966  2.289   1.265   1.00 11.91 ? 83  TRP A N   1 
ATOM   702  C CA  . TRP A 1 83  ? -6.768  3.039   1.620   1.00 12.49 ? 83  TRP A CA  1 
ATOM   703  C C   . TRP A 1 83  ? -6.885  4.499   1.201   1.00 12.85 ? 83  TRP A C   1 
ATOM   704  O O   . TRP A 1 83  ? -6.585  5.402   1.982   1.00 14.12 ? 83  TRP A O   1 
ATOM   705  C CB  . TRP A 1 83  ? -5.529  2.414   0.972   1.00 11.28 ? 83  TRP A CB  1 
ATOM   706  C CG  . TRP A 1 83  ? -5.136  1.089   1.549   1.00 10.52 ? 83  TRP A CG  1 
ATOM   707  C CD1 . TRP A 1 83  ? -5.478  0.590   2.772   1.00 11.90 ? 83  TRP A CD1 1 
ATOM   708  C CD2 . TRP A 1 83  ? -4.312  0.099   0.927   1.00 10.46 ? 83  TRP A CD2 1 
ATOM   709  N NE1 . TRP A 1 83  ? -4.913  -0.652  2.953   1.00 11.87 ? 83  TRP A NE1 1 
ATOM   710  C CE2 . TRP A 1 83  ? -4.191  -0.977  1.835   1.00 11.90 ? 83  TRP A CE2 1 
ATOM   711  C CE3 . TRP A 1 83  ? -3.658  0.014   -0.309  1.00 11.00 ? 83  TRP A CE3 1 
ATOM   712  C CZ2 . TRP A 1 83  ? -3.444  -2.124  1.545   1.00 11.75 ? 83  TRP A CZ2 1 
ATOM   713  C CZ3 . TRP A 1 83  ? -2.914  -1.126  -0.599  1.00 11.53 ? 83  TRP A CZ3 1 
ATOM   714  C CH2 . TRP A 1 83  ? -2.814  -2.179  0.326   1.00 12.50 ? 83  TRP A CH2 1 
ATOM   715  N N   . TYR A 1 84  ? -7.392  4.728   -0.006  1.00 11.30 ? 84  TYR A N   1 
ATOM   716  C CA  . TYR A 1 84  ? -7.525  6.082   -0.521  1.00 11.52 ? 84  TYR A CA  1 
ATOM   717  C C   . TYR A 1 84  ? -8.525  6.939   0.241   1.00 12.91 ? 84  TYR A C   1 
ATOM   718  O O   . TYR A 1 84  ? -8.317  8.142   0.394   1.00 13.70 ? 84  TYR A O   1 
ATOM   719  C CB  . TYR A 1 84  ? -7.917  6.060   -1.999  1.00 13.49 ? 84  TYR A CB  1 
ATOM   720  C CG  . TYR A 1 84  ? -7.963  7.435   -2.628  1.00 12.46 ? 84  TYR A CG  1 
ATOM   721  C CD1 . TYR A 1 84  ? -6.800  8.044   -3.088  1.00 12.46 ? 84  TYR A CD1 1 
ATOM   722  C CD2 . TYR A 1 84  ? -9.169  8.125   -2.762  1.00 13.65 ? 84  TYR A CD2 1 
ATOM   723  C CE1 . TYR A 1 84  ? -6.834  9.307   -3.672  1.00 12.70 ? 84  TYR A CE1 1 
ATOM   724  C CE2 . TYR A 1 84  ? -9.214  9.391   -3.342  1.00 14.38 ? 84  TYR A CE2 1 
ATOM   725  C CZ  . TYR A 1 84  ? -8.043  9.972   -3.795  1.00 14.82 ? 84  TYR A CZ  1 
ATOM   726  O OH  . TYR A 1 84  ? -8.082  11.216  -4.378  1.00 17.65 ? 84  TYR A OH  1 
ATOM   727  N N   . SER A 1 85  ? -9.583  6.308   0.739   1.00 13.57 ? 85  SER A N   1 
ATOM   728  C CA  . SER A 1 85  ? -10.652 7.006   1.450   1.00 14.26 ? 85  SER A CA  1 
ATOM   729  C C   . SER A 1 85  ? -10.208 7.931   2.571   1.00 15.61 ? 85  SER A C   1 
ATOM   730  O O   . SER A 1 85  ? -10.921 8.876   2.907   1.00 16.60 ? 85  SER A O   1 
ATOM   731  C CB  . SER A 1 85  ? -11.680 6.006   1.982   1.00 14.54 ? 85  SER A CB  1 
ATOM   732  O OG  . SER A 1 85  ? -11.204 5.312   3.123   1.00 17.30 ? 85  SER A OG  1 
ATOM   733  N N   . GLU A 1 86  ? -9.030  7.673   3.132   1.00 14.73 ? 86  GLU A N   1 
ATOM   734  C CA  . GLU A 1 86  ? -8.500  8.492   4.215   1.00 14.53 ? 86  GLU A CA  1 
ATOM   735  C C   . GLU A 1 86  ? -8.258  9.942   3.799   1.00 14.49 ? 86  GLU A C   1 
ATOM   736  O O   . GLU A 1 86  ? -8.038  10.805  4.651   1.00 15.97 ? 86  GLU A O   1 
ATOM   737  C CB  . GLU A 1 86  ? -7.208  7.885   4.751   1.00 16.31 ? 86  GLU A CB  1 
ATOM   738  C CG  . GLU A 1 86  ? -7.362  6.451   5.211   1.00 17.67 ? 86  GLU A CG  1 
ATOM   739  C CD  . GLU A 1 86  ? -6.055  5.833   5.654   1.00 20.26 ? 86  GLU A CD  1 
ATOM   740  O OE1 . GLU A 1 86  ? -4.982  6.370   5.297   1.00 17.71 ? 86  GLU A OE1 1 
ATOM   741  O OE2 . GLU A 1 86  ? -6.095  4.804   6.358   1.00 22.36 ? 86  GLU A OE2 1 
ATOM   742  N N   . ILE A 1 87  ? -8.305  10.214  2.496   1.00 14.39 ? 87  ILE A N   1 
ATOM   743  C CA  . ILE A 1 87  ? -8.110  11.571  1.993   1.00 15.92 ? 87  ILE A CA  1 
ATOM   744  C C   . ILE A 1 87  ? -9.110  12.533  2.637   1.00 17.40 ? 87  ILE A C   1 
ATOM   745  O O   . ILE A 1 87  ? -8.830  13.719  2.789   1.00 18.76 ? 87  ILE A O   1 
ATOM   746  C CB  . ILE A 1 87  ? -8.263  11.635  0.456   1.00 14.18 ? 87  ILE A CB  1 
ATOM   747  C CG1 . ILE A 1 87  ? -7.916  13.036  -0.056  1.00 16.01 ? 87  ILE A CG1 1 
ATOM   748  C CG2 . ILE A 1 87  ? -9.687  11.239  0.039   1.00 15.42 ? 87  ILE A CG2 1 
ATOM   749  C CD1 . ILE A 1 87  ? -7.859  13.138  -1.562  1.00 16.57 ? 87  ILE A CD1 1 
ATOM   750  N N   . LYS A 1 88  ? -10.264 12.007  3.039   1.00 18.70 ? 88  LYS A N   1 
ATOM   751  C CA  . LYS A 1 88  ? -11.307 12.820  3.665   1.00 20.26 ? 88  LYS A CA  1 
ATOM   752  C C   . LYS A 1 88  ? -10.808 13.527  4.924   1.00 20.96 ? 88  LYS A C   1 
ATOM   753  O O   . LYS A 1 88  ? -11.273 14.620  5.262   1.00 22.93 ? 88  LYS A O   1 
ATOM   754  C CB  . LYS A 1 88  ? -12.517 11.947  4.010   1.00 23.19 ? 88  LYS A CB  1 
ATOM   755  C CG  . LYS A 1 88  ? -13.698 12.713  4.583   1.00 27.06 ? 88  LYS A CG  1 
ATOM   756  C CD  . LYS A 1 88  ? -14.893 11.803  4.813   1.00 30.16 ? 88  LYS A CD  1 
ATOM   757  C CE  . LYS A 1 88  ? -16.081 12.583  5.353   1.00 34.44 ? 88  LYS A CE  1 
ATOM   758  N NZ  . LYS A 1 88  ? -15.794 13.186  6.685   1.00 37.41 ? 88  LYS A NZ  1 
ATOM   759  N N   . ASN A 1 89  ? -9.840  12.912  5.596   1.00 19.10 ? 89  ASN A N   1 
ATOM   760  C CA  . ASN A 1 89  ? -9.288  13.464  6.823   1.00 20.24 ? 89  ASN A CA  1 
ATOM   761  C C   . ASN A 1 89  ? -7.914  14.111  6.677   1.00 19.27 ? 89  ASN A C   1 
ATOM   762  O O   . ASN A 1 89  ? -7.261  14.420  7.676   1.00 21.14 ? 89  ASN A O   1 
ATOM   763  C CB  . ASN A 1 89  ? -9.275  12.392  7.909   1.00 21.47 ? 89  ASN A CB  1 
ATOM   764  C CG  . ASN A 1 89  ? -10.676 11.936  8.281   1.00 23.83 ? 89  ASN A CG  1 
ATOM   765  O OD1 . ASN A 1 89  ? -11.012 10.750  8.184   1.00 23.26 ? 89  ASN A OD1 1 
ATOM   766  N ND2 . ASN A 1 89  ? -11.513 12.886  8.680   1.00 24.61 ? 89  ASN A ND2 1 
ATOM   767  N N   . TYR A 1 90  ? -7.475  14.304  5.437   1.00 17.81 ? 90  TYR A N   1 
ATOM   768  C CA  . TYR A 1 90  ? -6.189  14.946  5.192   1.00 17.96 ? 90  TYR A CA  1 
ATOM   769  C C   . TYR A 1 90  ? -6.420  16.417  4.879   1.00 18.83 ? 90  TYR A C   1 
ATOM   770  O O   . TYR A 1 90  ? -7.163  16.757  3.957   1.00 20.71 ? 90  TYR A O   1 
ATOM   771  C CB  . TYR A 1 90  ? -5.438  14.286  4.036   1.00 14.78 ? 90  TYR A CB  1 
ATOM   772  C CG  . TYR A 1 90  ? -4.034  14.824  3.889   1.00 13.59 ? 90  TYR A CG  1 
ATOM   773  C CD1 . TYR A 1 90  ? -2.993  14.329  4.674   1.00 14.25 ? 90  TYR A CD1 1 
ATOM   774  C CD2 . TYR A 1 90  ? -3.753  15.854  2.994   1.00 14.46 ? 90  TYR A CD2 1 
ATOM   775  C CE1 . TYR A 1 90  ? -1.706  14.847  4.572   1.00 14.24 ? 90  TYR A CE1 1 
ATOM   776  C CE2 . TYR A 1 90  ? -2.468  16.380  2.884   1.00 13.73 ? 90  TYR A CE2 1 
ATOM   777  C CZ  . TYR A 1 90  ? -1.454  15.872  3.675   1.00 13.47 ? 90  TYR A CZ  1 
ATOM   778  O OH  . TYR A 1 90  ? -0.186  16.392  3.572   1.00 14.75 ? 90  TYR A OH  1 
ATOM   779  N N   . ASN A 1 91  ? -5.776  17.284  5.649   1.00 20.01 ? 91  ASN A N   1 
ATOM   780  C CA  . ASN A 1 91  ? -5.919  18.720  5.454   1.00 21.21 ? 91  ASN A CA  1 
ATOM   781  C C   . ASN A 1 91  ? -4.774  19.251  4.593   1.00 20.04 ? 91  ASN A C   1 
ATOM   782  O O   . ASN A 1 91  ? -3.640  19.375  5.057   1.00 20.82 ? 91  ASN A O   1 
ATOM   783  C CB  . ASN A 1 91  ? -5.949  19.425  6.811   1.00 23.62 ? 91  ASN A CB  1 
ATOM   784  C CG  . ASN A 1 91  ? -6.338  20.891  6.704   1.00 26.03 ? 91  ASN A CG  1 
ATOM   785  O OD1 . ASN A 1 91  ? -6.259  21.495  5.637   1.00 27.45 ? 91  ASN A OD1 1 
ATOM   786  N ND2 . ASN A 1 91  ? -6.765  21.468  7.819   1.00 28.74 ? 91  ASN A ND2 1 
ATOM   787  N N   . PHE A 1 92  ? -5.079  19.554  3.334   1.00 20.91 ? 92  PHE A N   1 
ATOM   788  C CA  . PHE A 1 92  ? -4.068  20.063  2.414   1.00 21.63 ? 92  PHE A CA  1 
ATOM   789  C C   . PHE A 1 92  ? -3.573  21.461  2.783   1.00 23.82 ? 92  PHE A C   1 
ATOM   790  O O   . PHE A 1 92  ? -2.537  21.902  2.288   1.00 24.20 ? 92  PHE A O   1 
ATOM   791  C CB  . PHE A 1 92  ? -4.578  20.023  0.971   1.00 20.24 ? 92  PHE A CB  1 
ATOM   792  C CG  . PHE A 1 92  ? -4.779  18.626  0.443   1.00 20.43 ? 92  PHE A CG  1 
ATOM   793  C CD1 . PHE A 1 92  ? -3.725  17.936  -0.148  1.00 20.08 ? 92  PHE A CD1 1 
ATOM   794  C CD2 . PHE A 1 92  ? -6.014  17.998  0.553   1.00 19.58 ? 92  PHE A CD2 1 
ATOM   795  C CE1 . PHE A 1 92  ? -3.900  16.635  -0.623  1.00 20.12 ? 92  PHE A CE1 1 
ATOM   796  C CE2 . PHE A 1 92  ? -6.200  16.700  0.082   1.00 20.73 ? 92  PHE A CE2 1 
ATOM   797  C CZ  . PHE A 1 92  ? -5.138  16.017  -0.508  1.00 19.34 ? 92  PHE A CZ  1 
ATOM   798  N N   . GLN A 1 93  ? -4.297  22.137  3.674   1.00 26.77 ? 93  GLN A N   1 
ATOM   799  C CA  . GLN A 1 93  ? -3.907  23.475  4.123   1.00 29.11 ? 93  GLN A CA  1 
ATOM   800  C C   . GLN A 1 93  ? -2.817  23.384  5.188   1.00 29.06 ? 93  GLN A C   1 
ATOM   801  O O   . GLN A 1 93  ? -2.066  24.336  5.405   1.00 29.51 ? 93  GLN A O   1 
ATOM   802  C CB  . GLN A 1 93  ? -5.114  24.246  4.667   1.00 31.57 ? 93  GLN A CB  1 
ATOM   803  C CG  . GLN A 1 93  ? -6.228  24.448  3.653   1.00 35.70 ? 93  GLN A CG  1 
ATOM   804  C CD  . GLN A 1 93  ? -5.731  25.051  2.353   1.00 38.97 ? 93  GLN A CD  1 
ATOM   805  O OE1 . GLN A 1 93  ? -5.691  24.381  1.320   1.00 41.83 ? 93  GLN A OE1 1 
ATOM   806  N NE2 . GLN A 1 93  ? -5.343  26.323  2.398   1.00 41.10 ? 93  GLN A NE2 1 
ATOM   807  N N   . GLN A 1 94  ? -2.745  22.234  5.855   1.00 28.54 ? 94  GLN A N   1 
ATOM   808  C CA  . GLN A 1 94  ? -1.735  21.982  6.878   1.00 28.54 ? 94  GLN A CA  1 
ATOM   809  C C   . GLN A 1 94  ? -1.114  20.613  6.596   1.00 26.09 ? 94  GLN A C   1 
ATOM   810  O O   . GLN A 1 94  ? -1.360  19.637  7.308   1.00 26.46 ? 94  GLN A O   1 
ATOM   811  C CB  . GLN A 1 94  ? -2.344  22.053  8.289   1.00 31.84 ? 94  GLN A CB  1 
ATOM   812  C CG  . GLN A 1 94  ? -3.534  21.142  8.523   1.00 37.38 ? 94  GLN A CG  1 
ATOM   813  C CD  . GLN A 1 94  ? -4.233  21.392  9.852   1.00 40.30 ? 94  GLN A CD  1 
ATOM   814  O OE1 . GLN A 1 94  ? -3.937  22.359  10.556  1.00 42.81 ? 94  GLN A OE1 1 
ATOM   815  N NE2 . GLN A 1 94  ? -5.177  20.520  10.195  1.00 42.16 ? 94  GLN A NE2 1 
ATOM   816  N N   . PRO A 1 95  ? -0.293  20.531  5.535   1.00 25.45 ? 95  PRO A N   1 
ATOM   817  C CA  . PRO A 1 95  ? 0.383   19.300  5.113   1.00 24.46 ? 95  PRO A CA  1 
ATOM   818  C C   . PRO A 1 95  ? 1.254   18.670  6.191   1.00 22.79 ? 95  PRO A C   1 
ATOM   819  O O   . PRO A 1 95  ? 1.896   19.366  6.980   1.00 22.70 ? 95  PRO A O   1 
ATOM   820  C CB  . PRO A 1 95  ? 1.209   19.760  3.913   1.00 25.10 ? 95  PRO A CB  1 
ATOM   821  C CG  . PRO A 1 95  ? 1.490   21.198  4.221   1.00 27.03 ? 95  PRO A CG  1 
ATOM   822  C CD  . PRO A 1 95  ? 0.157   21.672  4.718   1.00 24.98 ? 95  PRO A CD  1 
ATOM   823  N N   . GLY A 1 96  ? 1.268   17.342  6.218   1.00 20.25 ? 96  GLY A N   1 
ATOM   824  C CA  . GLY A 1 96  ? 2.060   16.636  7.206   1.00 18.49 ? 96  GLY A CA  1 
ATOM   825  C C   . GLY A 1 96  ? 1.522   15.249  7.489   1.00 17.84 ? 96  GLY A C   1 
ATOM   826  O O   . GLY A 1 96  ? 0.375   14.940  7.167   1.00 18.16 ? 96  GLY A O   1 
ATOM   827  N N   . PHE A 1 97  ? 2.355   14.420  8.109   1.00 17.50 ? 97  PHE A N   1 
ATOM   828  C CA  . PHE A 1 97  ? 1.996   13.047  8.440   1.00 18.99 ? 97  PHE A CA  1 
ATOM   829  C C   . PHE A 1 97  ? 1.017   12.898  9.598   1.00 20.32 ? 97  PHE A C   1 
ATOM   830  O O   . PHE A 1 97  ? 1.076   13.640  10.577  1.00 22.49 ? 97  PHE A O   1 
ATOM   831  C CB  . PHE A 1 97  ? 3.267   12.245  8.776   1.00 21.37 ? 97  PHE A CB  1 
ATOM   832  C CG  . PHE A 1 97  ? 3.001   10.823  9.202   1.00 21.69 ? 97  PHE A CG  1 
ATOM   833  C CD1 . PHE A 1 97  ? 2.790   9.826   8.255   1.00 23.50 ? 97  PHE A CD1 1 
ATOM   834  C CD2 . PHE A 1 97  ? 2.957   10.483  10.553  1.00 24.97 ? 97  PHE A CD2 1 
ATOM   835  C CE1 . PHE A 1 97  ? 2.538   8.507   8.643   1.00 24.70 ? 97  PHE A CE1 1 
ATOM   836  C CE2 . PHE A 1 97  ? 2.704   9.169   10.951  1.00 25.39 ? 97  PHE A CE2 1 
ATOM   837  C CZ  . PHE A 1 97  ? 2.494   8.181   9.994   1.00 24.78 ? 97  PHE A CZ  1 
ATOM   838  N N   . THR A 1 98  ? 0.104   11.940  9.452   1.00 21.35 ? 98  THR A N   1 
ATOM   839  C CA  . THR A 1 98  ? -0.863  11.583  10.493  1.00 21.38 ? 98  THR A CA  1 
ATOM   840  C C   . THR A 1 98  ? -1.109  10.098  10.265  1.00 21.77 ? 98  THR A C   1 
ATOM   841  O O   . THR A 1 98  ? -1.185  9.647   9.120   1.00 20.05 ? 98  THR A O   1 
ATOM   842  C CB  . THR A 1 98  ? -2.228  12.341  10.412  1.00 24.41 ? 98  THR A CB  1 
ATOM   843  O OG1 . THR A 1 98  ? -3.058  11.761  9.401   1.00 26.97 ? 98  THR A OG1 1 
ATOM   844  C CG2 . THR A 1 98  ? -2.028  13.820  10.127  1.00 26.29 ? 98  THR A CG2 1 
ATOM   845  N N   . SER A 1 99  ? -1.201  9.333   11.347  1.00 20.59 ? 99  SER A N   1 
ATOM   846  C CA  . SER A 1 99  ? -1.427  7.898   11.229  1.00 21.28 ? 99  SER A CA  1 
ATOM   847  C C   . SER A 1 99  ? -2.716  7.560   10.489  1.00 19.64 ? 99  SER A C   1 
ATOM   848  O O   . SER A 1 99  ? -2.742  6.638   9.672   1.00 19.76 ? 99  SER A O   1 
ATOM   849  C CB  . SER A 1 99  ? -1.441  7.251   12.610  1.00 22.38 ? 99  SER A CB  1 
ATOM   850  O OG  . SER A 1 99  ? -0.154  7.295   13.193  1.00 24.10 ? 99  SER A OG  1 
ATOM   851  N N   . GLY A 1 100 ? -3.761  8.344   10.749  1.00 18.66 ? 100 GLY A N   1 
ATOM   852  C CA  . GLY A 1 100 ? -5.053  8.118   10.124  1.00 17.30 ? 100 GLY A CA  1 
ATOM   853  C C   . GLY A 1 100 ? -5.133  8.333   8.627   1.00 16.72 ? 100 GLY A C   1 
ATOM   854  O O   . GLY A 1 100 ? -6.102  7.913   7.998   1.00 18.77 ? 100 GLY A O   1 
ATOM   855  N N   . THR A 1 101 ? -4.136  9.005   8.056   1.00 14.01 ? 101 THR A N   1 
ATOM   856  C CA  . THR A 1 101 ? -4.120  9.259   6.619   1.00 13.89 ? 101 THR A CA  1 
ATOM   857  C C   . THR A 1 101 ? -2.909  8.619   5.947   1.00 12.64 ? 101 THR A C   1 
ATOM   858  O O   . THR A 1 101 ? -2.698  8.786   4.743   1.00 12.40 ? 101 THR A O   1 
ATOM   859  C CB  . THR A 1 101 ? -4.122  10.773  6.301   1.00 14.97 ? 101 THR A CB  1 
ATOM   860  O OG1 . THR A 1 101 ? -2.961  11.392  6.875   1.00 16.91 ? 101 THR A OG1 1 
ATOM   861  C CG2 . THR A 1 101 ? -5.380  11.432  6.849   1.00 16.42 ? 101 THR A CG2 1 
ATOM   862  N N   . GLY A 1 102 ? -2.166  7.833   6.723   1.00 12.69 ? 102 GLY A N   1 
ATOM   863  C CA  . GLY A 1 102 ? -0.963  7.170   6.241   1.00 12.46 ? 102 GLY A CA  1 
ATOM   864  C C   . GLY A 1 102 ? -1.067  6.244   5.044   1.00 12.48 ? 102 GLY A C   1 
ATOM   865  O O   . GLY A 1 102 ? -0.116  6.127   4.268   1.00 12.87 ? 102 GLY A O   1 
ATOM   866  N N   A HIS A 1 103 ? -2.196  5.559   4.903   0.52 11.32 ? 103 HIS A N   1 
ATOM   867  N N   B HIS A 1 103 ? -2.193  5.554   4.901   0.48 11.69 ? 103 HIS A N   1 
ATOM   868  C CA  A HIS A 1 103 ? -2.377  4.659   3.770   0.52 11.44 ? 103 HIS A CA  1 
ATOM   869  C CA  B HIS A 1 103 ? -2.366  4.653   3.766   0.48 11.93 ? 103 HIS A CA  1 
ATOM   870  C C   A HIS A 1 103 ? -2.599  5.472   2.506   0.52 11.44 ? 103 HIS A C   1 
ATOM   871  C C   B HIS A 1 103 ? -2.632  5.449   2.495   0.48 11.79 ? 103 HIS A C   1 
ATOM   872  O O   A HIS A 1 103 ? -2.047  5.158   1.453   0.52 11.46 ? 103 HIS A O   1 
ATOM   873  O O   B HIS A 1 103 ? -2.157  5.088   1.420   0.48 12.13 ? 103 HIS A O   1 
ATOM   874  C CB  A HIS A 1 103 ? -3.558  3.722   4.008   0.52 12.89 ? 103 HIS A CB  1 
ATOM   875  C CB  B HIS A 1 103 ? -3.477  3.640   4.037   0.48 13.76 ? 103 HIS A CB  1 
ATOM   876  C CG  A HIS A 1 103 ? -3.355  2.776   5.148   0.52 14.90 ? 103 HIS A CG  1 
ATOM   877  C CG  B HIS A 1 103 ? -3.119  2.625   5.078   0.48 15.88 ? 103 HIS A CG  1 
ATOM   878  N ND1 A HIS A 1 103 ? -4.321  2.543   6.102   0.52 17.14 ? 103 HIS A ND1 1 
ATOM   879  N ND1 B HIS A 1 103 ? -2.535  2.967   6.277   0.48 17.65 ? 103 HIS A ND1 1 
ATOM   880  C CD2 A HIS A 1 103 ? -2.295  2.006   5.489   0.52 14.60 ? 103 HIS A CD2 1 
ATOM   881  C CD2 B HIS A 1 103 ? -3.245  1.278   5.092   0.48 16.90 ? 103 HIS A CD2 1 
ATOM   882  C CE1 A HIS A 1 103 ? -3.866  1.666   6.980   0.52 15.12 ? 103 HIS A CE1 1 
ATOM   883  C CE1 B HIS A 1 103 ? -2.317  1.874   6.987   0.48 17.95 ? 103 HIS A CE1 1 
ATOM   884  N NE2 A HIS A 1 103 ? -2.640  1.325   6.631   0.52 15.49 ? 103 HIS A NE2 1 
ATOM   885  N NE2 B HIS A 1 103 ? -2.739  0.835   6.290   0.48 18.52 ? 103 HIS A NE2 1 
ATOM   886  N N   . PHE A 1 104 ? -3.379  6.541   2.635   1.00 10.85 ? 104 PHE A N   1 
ATOM   887  C CA  . PHE A 1 104 ? -3.681  7.422   1.515   1.00 10.62 ? 104 PHE A CA  1 
ATOM   888  C C   . PHE A 1 104 ? -2.410  8.130   1.060   1.00 10.64 ? 104 PHE A C   1 
ATOM   889  O O   . PHE A 1 104 ? -2.097  8.139   -0.130  1.00 10.81 ? 104 PHE A O   1 
ATOM   890  C CB  . PHE A 1 104 ? -4.731  8.467   1.926   1.00 11.91 ? 104 PHE A CB  1 
ATOM   891  C CG  . PHE A 1 104 ? -4.689  9.730   1.103   1.00 10.93 ? 104 PHE A CG  1 
ATOM   892  C CD1 . PHE A 1 104 ? -5.016  9.711   -0.251  1.00 12.15 ? 104 PHE A CD1 1 
ATOM   893  C CD2 . PHE A 1 104 ? -4.289  10.932  1.680   1.00 11.96 ? 104 PHE A CD2 1 
ATOM   894  C CE1 . PHE A 1 104 ? -4.940  10.874  -1.020  1.00 11.57 ? 104 PHE A CE1 1 
ATOM   895  C CE2 . PHE A 1 104 ? -4.210  12.100  0.922   1.00 11.70 ? 104 PHE A CE2 1 
ATOM   896  C CZ  . PHE A 1 104 ? -4.535  12.071  -0.430  1.00 13.68 ? 104 PHE A CZ  1 
ATOM   897  N N   . THR A 1 105 ? -1.675  8.718   2.001   1.00 10.17 ? 105 THR A N   1 
ATOM   898  C CA  . THR A 1 105 ? -0.464  9.443   1.624   1.00 11.22 ? 105 THR A CA  1 
ATOM   899  C C   . THR A 1 105 ? 0.617   8.556   1.018   1.00 11.09 ? 105 THR A C   1 
ATOM   900  O O   . THR A 1 105 ? 1.372   9.001   0.160   1.00 13.10 ? 105 THR A O   1 
ATOM   901  C CB  . THR A 1 105 ? 0.081   10.333  2.767   1.00 10.64 ? 105 THR A CB  1 
ATOM   902  O OG1 . THR A 1 105 ? 0.351   9.544   3.930   1.00 11.25 ? 105 THR A OG1 1 
ATOM   903  C CG2 . THR A 1 105 ? -0.935  11.408  3.116   1.00 13.15 ? 105 THR A CG2 1 
ATOM   904  N N   . ALA A 1 106 ? 0.669   7.289   1.416   1.00 9.93  ? 106 ALA A N   1 
ATOM   905  C CA  . ALA A 1 106 ? 1.651   6.378   0.831   1.00 10.39 ? 106 ALA A CA  1 
ATOM   906  C C   . ALA A 1 106 ? 1.248   6.052   -0.615  1.00 11.92 ? 106 ALA A C   1 
ATOM   907  O O   . ALA A 1 106 ? 2.096   5.984   -1.503  1.00 12.94 ? 106 ALA A O   1 
ATOM   908  C CB  . ALA A 1 106 ? 1.752   5.099   1.657   1.00 10.95 ? 106 ALA A CB  1 
ATOM   909  N N   A MET A 1 107 ? -0.052  5.871   -0.843  0.73 12.43 ? 107 MET A N   1 
ATOM   910  N N   B MET A 1 107 ? -0.053  5.870   -0.835  0.27 12.51 ? 107 MET A N   1 
ATOM   911  C CA  A MET A 1 107 ? -0.576  5.558   -2.173  0.73 12.48 ? 107 MET A CA  1 
ATOM   912  C CA  B MET A 1 107 ? -0.594  5.546   -2.154  0.27 12.88 ? 107 MET A CA  1 
ATOM   913  C C   A MET A 1 107 ? -0.260  6.613   -3.220  0.73 13.26 ? 107 MET A C   1 
ATOM   914  C C   B MET A 1 107 ? -0.306  6.605   -3.219  0.27 12.84 ? 107 MET A C   1 
ATOM   915  O O   A MET A 1 107 ? 0.112   6.288   -4.346  0.73 12.71 ? 107 MET A O   1 
ATOM   916  O O   B MET A 1 107 ? 0.062   6.273   -4.347  0.27 12.11 ? 107 MET A O   1 
ATOM   917  C CB  A MET A 1 107 ? -2.096  5.431   -2.142  0.73 14.89 ? 107 MET A CB  1 
ATOM   918  C CB  B MET A 1 107 ? -2.110  5.322   -2.054  0.27 14.83 ? 107 MET A CB  1 
ATOM   919  C CG  A MET A 1 107 ? -2.641  4.157   -1.601  0.73 16.80 ? 107 MET A CG  1 
ATOM   920  C CG  B MET A 1 107 ? -2.813  5.154   -3.393  0.27 16.73 ? 107 MET A CG  1 
ATOM   921  S SD  A MET A 1 107 ? -4.422  4.288   -1.753  0.73 15.54 ? 107 MET A SD  1 
ATOM   922  S SD  B MET A 1 107 ? -4.592  4.938   -3.233  0.27 20.43 ? 107 MET A SD  1 
ATOM   923  C CE  A MET A 1 107 ? -4.651  3.769   -3.460  0.73 14.00 ? 107 MET A CE  1 
ATOM   924  C CE  B MET A 1 107 ? -4.656  3.248   -2.688  0.27 18.90 ? 107 MET A CE  1 
ATOM   925  N N   . VAL A 1 108 ? -0.484  7.871   -2.857  1.00 12.03 ? 108 VAL A N   1 
ATOM   926  C CA  . VAL A 1 108 ? -0.274  8.978   -3.781  1.00 11.25 ? 108 VAL A CA  1 
ATOM   927  C C   . VAL A 1 108 ? 1.053   9.704   -3.687  1.00 10.48 ? 108 VAL A C   1 
ATOM   928  O O   . VAL A 1 108 ? 1.252   10.704  -4.378  1.00 12.51 ? 108 VAL A O   1 
ATOM   929  C CB  . VAL A 1 108 ? -1.422  10.011  -3.688  1.00 12.30 ? 108 VAL A CB  1 
ATOM   930  C CG1 . VAL A 1 108 ? -2.768  9.329   -3.926  1.00 13.69 ? 108 VAL A CG1 1 
ATOM   931  C CG2 . VAL A 1 108 ? -1.398  10.723  -2.344  1.00 11.57 ? 108 VAL A CG2 1 
ATOM   932  N N   . TRP A 1 109 ? 1.972   9.179   -2.881  1.00 10.43 ? 109 TRP A N   1 
ATOM   933  C CA  . TRP A 1 109 ? 3.282   9.801   -2.708  1.00 9.99  ? 109 TRP A CA  1 
ATOM   934  C C   . TRP A 1 109 ? 3.960   9.981   -4.069  1.00 9.95  ? 109 TRP A C   1 
ATOM   935  O O   . TRP A 1 109 ? 4.317   9.009   -4.728  1.00 11.21 ? 109 TRP A O   1 
ATOM   936  C CB  . TRP A 1 109 ? 4.140   8.940   -1.781  1.00 10.57 ? 109 TRP A CB  1 
ATOM   937  C CG  . TRP A 1 109 ? 5.326   9.658   -1.212  1.00 9.91  ? 109 TRP A CG  1 
ATOM   938  C CD1 . TRP A 1 109 ? 6.615   9.590   -1.657  1.00 11.04 ? 109 TRP A CD1 1 
ATOM   939  C CD2 . TRP A 1 109 ? 5.336   10.540  -0.080  1.00 9.97  ? 109 TRP A CD2 1 
ATOM   940  N NE1 . TRP A 1 109 ? 7.429   10.373  -0.874  1.00 11.19 ? 109 TRP A NE1 1 
ATOM   941  C CE2 . TRP A 1 109 ? 6.672   10.968  0.101   1.00 10.52 ? 109 TRP A CE2 1 
ATOM   942  C CE3 . TRP A 1 109 ? 4.350   11.013  0.796   1.00 10.85 ? 109 TRP A CE3 1 
ATOM   943  C CZ2 . TRP A 1 109 ? 7.047   11.847  1.126   1.00 11.05 ? 109 TRP A CZ2 1 
ATOM   944  C CZ3 . TRP A 1 109 ? 4.725   11.893  1.817   1.00 11.38 ? 109 TRP A CZ3 1 
ATOM   945  C CH2 . TRP A 1 109 ? 6.064   12.298  1.970   1.00 9.85  ? 109 TRP A CH2 1 
ATOM   946  N N   . LYS A 1 110 ? 4.162   11.239  -4.457  1.00 10.92 ? 110 LYS A N   1 
ATOM   947  C CA  . LYS A 1 110 ? 4.745   11.570  -5.753  1.00 12.27 ? 110 LYS A CA  1 
ATOM   948  C C   . LYS A 1 110 ? 6.038   10.858  -6.119  1.00 12.07 ? 110 LYS A C   1 
ATOM   949  O O   . LYS A 1 110 ? 6.158   10.301  -7.213  1.00 13.39 ? 110 LYS A O   1 
ATOM   950  C CB  . LYS A 1 110 ? 4.959   13.083  -5.858  1.00 11.82 ? 110 LYS A CB  1 
ATOM   951  C CG  . LYS A 1 110 ? 5.574   13.536  -7.177  1.00 15.20 ? 110 LYS A CG  1 
ATOM   952  C CD  . LYS A 1 110 ? 5.800   15.034  -7.165  1.00 17.58 ? 110 LYS A CD  1 
ATOM   953  C CE  . LYS A 1 110 ? 6.483   15.499  -8.433  1.00 20.17 ? 110 LYS A CE  1 
ATOM   954  N NZ  . LYS A 1 110 ? 6.757   16.961  -8.377  1.00 23.33 ? 110 LYS A NZ  1 
ATOM   955  N N   A ASN A 1 111 ? 7.004   10.866  -5.209  0.49 13.22 ? 111 ASN A N   1 
ATOM   956  N N   B ASN A 1 111 ? 6.985   10.854  -5.183  0.51 13.19 ? 111 ASN A N   1 
ATOM   957  C CA  A ASN A 1 111 ? 8.282   10.236  -5.499  0.49 13.76 ? 111 ASN A CA  1 
ATOM   958  C CA  B ASN A 1 111 ? 8.303   10.253  -5.379  0.51 13.79 ? 111 ASN A CA  1 
ATOM   959  C C   A ASN A 1 111 ? 8.362   8.715   -5.400  0.49 14.00 ? 111 ASN A C   1 
ATOM   960  C C   B ASN A 1 111 ? 8.361   8.724   -5.374  0.51 14.05 ? 111 ASN A C   1 
ATOM   961  O O   A ASN A 1 111 ? 9.414   8.133   -5.667  0.49 15.72 ? 111 ASN A O   1 
ATOM   962  O O   B ASN A 1 111 ? 9.394   8.142   -5.706  0.51 15.81 ? 111 ASN A O   1 
ATOM   963  C CB  A ASN A 1 111 ? 9.415   10.935  -4.748  0.49 15.62 ? 111 ASN A CB  1 
ATOM   964  C CB  B ASN A 1 111 ? 9.277   10.810  -4.334  0.51 15.92 ? 111 ASN A CB  1 
ATOM   965  C CG  A ASN A 1 111 ? 9.762   12.286  -5.360  0.49 17.34 ? 111 ASN A CG  1 
ATOM   966  C CG  B ASN A 1 111 ? 10.724  10.461  -4.631  0.51 17.11 ? 111 ASN A CG  1 
ATOM   967  O OD1 A ASN A 1 111 ? 10.123  12.373  -6.535  0.49 20.61 ? 111 ASN A OD1 1 
ATOM   968  O OD1 B ASN A 1 111 ? 11.261  10.834  -5.674  0.51 19.30 ? 111 ASN A OD1 1 
ATOM   969  N ND2 A ASN A 1 111 ? 9.634   13.348  -4.572  0.49 19.25 ? 111 ASN A ND2 1 
ATOM   970  N ND2 B ASN A 1 111 ? 11.364  9.744   -3.711  0.51 19.47 ? 111 ASN A ND2 1 
ATOM   971  N N   . THR A 1 112 ? 7.265   8.068   -5.007  1.00 11.83 ? 112 THR A N   1 
ATOM   972  C CA  . THR A 1 112 ? 7.247   6.605   -4.970  1.00 12.91 ? 112 THR A CA  1 
ATOM   973  C C   . THR A 1 112 ? 7.128   6.179   -6.433  1.00 12.65 ? 112 THR A C   1 
ATOM   974  O O   . THR A 1 112 ? 6.327   6.741   -7.184  1.00 14.28 ? 112 THR A O   1 
ATOM   975  C CB  . THR A 1 112 ? 6.106   6.081   -4.104  1.00 12.43 ? 112 THR A CB  1 
ATOM   976  O OG1 . THR A 1 112 ? 6.388   6.421   -2.741  1.00 13.35 ? 112 THR A OG1 1 
ATOM   977  C CG2 . THR A 1 112 ? 5.991   4.563   -4.219  1.00 13.13 ? 112 THR A CG2 1 
ATOM   978  N N   A LYS A 1 113 ? 7.911   5.185   -6.843  0.42 13.98 ? 113 LYS A N   1 
ATOM   979  N N   B LYS A 1 113 ? 7.942   5.195   -6.814  0.58 14.03 ? 113 LYS A N   1 
ATOM   980  C CA  A LYS A 1 113 ? 7.882   4.745   -8.236  0.42 14.75 ? 113 LYS A CA  1 
ATOM   981  C CA  B LYS A 1 113 ? 8.022   4.728   -8.194  0.58 14.72 ? 113 LYS A CA  1 
ATOM   982  C C   A LYS A 1 113 ? 7.492   3.292   -8.481  0.42 13.86 ? 113 LYS A C   1 
ATOM   983  C C   B LYS A 1 113 ? 7.522   3.315   -8.465  0.58 13.76 ? 113 LYS A C   1 
ATOM   984  O O   A LYS A 1 113 ? 6.919   2.977   -9.526  0.42 14.40 ? 113 LYS A O   1 
ATOM   985  O O   B LYS A 1 113 ? 6.914   3.052   -9.504  0.58 14.54 ? 113 LYS A O   1 
ATOM   986  C CB  A LYS A 1 113 ? 9.216   5.064   -8.921  0.42 16.71 ? 113 LYS A CB  1 
ATOM   987  C CB  B LYS A 1 113 ? 9.484   4.792   -8.661  0.58 16.46 ? 113 LYS A CB  1 
ATOM   988  C CG  A LYS A 1 113 ? 9.456   6.557   -9.169  0.42 18.21 ? 113 LYS A CG  1 
ATOM   989  C CG  B LYS A 1 113 ? 10.262  6.046   -8.256  0.58 18.34 ? 113 LYS A CG  1 
ATOM   990  C CD  A LYS A 1 113 ? 8.583   7.077   -10.302 0.42 20.17 ? 113 LYS A CD  1 
ATOM   991  C CD  B LYS A 1 113 ? 9.816   7.272   -9.031  0.58 20.23 ? 113 LYS A CD  1 
ATOM   992  C CE  A LYS A 1 113 ? 8.736   8.581   -10.519 0.42 21.70 ? 113 LYS A CE  1 
ATOM   993  C CE  B LYS A 1 113 ? 10.677  8.481   -8.676  0.58 21.46 ? 113 LYS A CE  1 
ATOM   994  N NZ  A LYS A 1 113 ? 8.177   9.408   -9.408  0.42 22.61 ? 113 LYS A NZ  1 
ATOM   995  N NZ  B LYS A 1 113 ? 10.357  9.665   -9.517  0.58 23.62 ? 113 LYS A NZ  1 
ATOM   996  N N   . LYS A 1 114 ? 7.823   2.401   -7.549  1.00 13.07 ? 114 LYS A N   1 
ATOM   997  C CA  . LYS A 1 114 ? 7.465   0.999   -7.716  1.00 12.23 ? 114 LYS A CA  1 
ATOM   998  C C   . LYS A 1 114 ? 6.669   0.424   -6.566  1.00 12.68 ? 114 LYS A C   1 
ATOM   999  O O   . LYS A 1 114 ? 6.710   0.933   -5.447  1.00 12.30 ? 114 LYS A O   1 
ATOM   1000 C CB  . LYS A 1 114 ? 8.723   0.164   -7.961  1.00 14.75 ? 114 LYS A CB  1 
ATOM   1001 C CG  . LYS A 1 114 ? 9.562   0.683   -9.124  1.00 16.69 ? 114 LYS A CG  1 
ATOM   1002 C CD  . LYS A 1 114 ? 10.146  -0.436  -9.952  1.00 17.42 ? 114 LYS A CD  1 
ATOM   1003 C CE  . LYS A 1 114 ? 10.871  0.131   -11.162 1.00 17.01 ? 114 LYS A CE  1 
ATOM   1004 N NZ  . LYS A 1 114 ? 11.347  -0.949  -12.055 1.00 17.48 ? 114 LYS A NZ  1 
ATOM   1005 N N   A MET A 1 115 ? 5.928   -0.642  -6.846  0.35 12.28 ? 115 MET A N   1 
ATOM   1006 N N   B MET A 1 115 ? 5.938   -0.648  -6.859  0.65 11.90 ? 115 MET A N   1 
ATOM   1007 C CA  A MET A 1 115 ? 5.140   -1.289  -5.810  0.35 12.70 ? 115 MET A CA  1 
ATOM   1008 C CA  B MET A 1 115 ? 5.096   -1.297  -5.866  0.65 12.76 ? 115 MET A CA  1 
ATOM   1009 C C   A MET A 1 115 ? 5.074   -2.797  -5.998  0.35 13.04 ? 115 MET A C   1 
ATOM   1010 C C   B MET A 1 115 ? 5.097   -2.813  -6.005  0.65 13.28 ? 115 MET A C   1 
ATOM   1011 O O   A MET A 1 115 ? 5.275   -3.315  -7.097  0.35 12.84 ? 115 MET A O   1 
ATOM   1012 O O   B MET A 1 115 ? 5.396   -3.348  -7.074  0.65 12.69 ? 115 MET A O   1 
ATOM   1013 C CB  A MET A 1 115 ? 3.733   -0.682  -5.716  0.35 13.92 ? 115 MET A CB  1 
ATOM   1014 C CB  B MET A 1 115 ? 3.662   -0.762  -5.996  0.65 14.28 ? 115 MET A CB  1 
ATOM   1015 C CG  A MET A 1 115 ? 2.764   -1.096  -6.805  0.35 13.16 ? 115 MET A CG  1 
ATOM   1016 C CG  B MET A 1 115 ? 2.617   -1.488  -5.159  0.65 14.93 ? 115 MET A CG  1 
ATOM   1017 S SD  A MET A 1 115 ? 1.093   -0.500  -6.454  0.35 15.48 ? 115 MET A SD  1 
ATOM   1018 S SD  B MET A 1 115 ? 1.017   -0.665  -5.213  0.65 16.38 ? 115 MET A SD  1 
ATOM   1019 C CE  A MET A 1 115 ? 0.752   -1.331  -4.901  0.35 15.89 ? 115 MET A CE  1 
ATOM   1020 C CE  B MET A 1 115 ? 0.418   -1.155  -6.814  0.65 16.19 ? 115 MET A CE  1 
ATOM   1021 N N   . GLY A 1 116 ? 4.829   -3.488  -4.892  1.00 12.24 ? 116 GLY A N   1 
ATOM   1022 C CA  . GLY A 1 116 ? 4.736   -4.938  -4.881  1.00 12.54 ? 116 GLY A CA  1 
ATOM   1023 C C   . GLY A 1 116 ? 3.417   -5.225  -4.188  1.00 12.33 ? 116 GLY A C   1 
ATOM   1024 O O   . GLY A 1 116 ? 3.057   -4.521  -3.246  1.00 13.57 ? 116 GLY A O   1 
ATOM   1025 N N   . VAL A 1 117 ? 2.691   -6.240  -4.648  1.00 11.34 ? 117 VAL A N   1 
ATOM   1026 C CA  . VAL A 1 117 ? 1.393   -6.580  -4.075  1.00 13.13 ? 117 VAL A CA  1 
ATOM   1027 C C   . VAL A 1 117 ? 1.312   -8.060  -3.733  1.00 12.14 ? 117 VAL A C   1 
ATOM   1028 O O   . VAL A 1 117 ? 1.765   -8.909  -4.498  1.00 13.82 ? 117 VAL A O   1 
ATOM   1029 C CB  . VAL A 1 117 ? 0.255   -6.261  -5.078  1.00 16.14 ? 117 VAL A CB  1 
ATOM   1030 C CG1 . VAL A 1 117 ? -1.087  -6.682  -4.518  1.00 19.72 ? 117 VAL A CG1 1 
ATOM   1031 C CG2 . VAL A 1 117 ? 0.247   -4.785  -5.422  1.00 18.45 ? 117 VAL A CG2 1 
ATOM   1032 N N   . GLY A 1 118 ? 0.723   -8.356  -2.580  1.00 11.91 ? 118 GLY A N   1 
ATOM   1033 C CA  . GLY A 1 118 ? 0.563   -9.736  -2.165  1.00 12.69 ? 118 GLY A CA  1 
ATOM   1034 C C   . GLY A 1 118 ? -0.748  -9.943  -1.433  1.00 12.47 ? 118 GLY A C   1 
ATOM   1035 O O   . GLY A 1 118 ? -1.273  -9.019  -0.819  1.00 12.05 ? 118 GLY A O   1 
ATOM   1036 N N   . LYS A 1 119 ? -1.305  -11.145 -1.551  1.00 11.85 ? 119 LYS A N   1 
ATOM   1037 C CA  . LYS A 1 119 ? -2.544  -11.492 -0.864  1.00 11.34 ? 119 LYS A CA  1 
ATOM   1038 C C   . LYS A 1 119 ? -2.555  -12.971 -0.519  1.00 12.06 ? 119 LYS A C   1 
ATOM   1039 O O   . LYS A 1 119 ? -2.255  -13.817 -1.359  1.00 13.02 ? 119 LYS A O   1 
ATOM   1040 C CB  . LYS A 1 119 ? -3.785  -11.169 -1.701  1.00 13.27 ? 119 LYS A CB  1 
ATOM   1041 C CG  . LYS A 1 119 ? -5.085  -11.530 -0.973  1.00 15.02 ? 119 LYS A CG  1 
ATOM   1042 C CD  . LYS A 1 119 ? -6.329  -11.089 -1.725  1.00 14.92 ? 119 LYS A CD  1 
ATOM   1043 C CE  . LYS A 1 119 ? -6.467  -11.809 -3.049  1.00 16.29 ? 119 LYS A CE  1 
ATOM   1044 N NZ  . LYS A 1 119 ? -7.831  -11.618 -3.620  1.00 17.95 ? 119 LYS A NZ  1 
ATOM   1045 N N   . ALA A 1 120 ? -2.937  -13.274 0.715   1.00 12.47 ? 120 ALA A N   1 
ATOM   1046 C CA  . ALA A 1 120 ? -3.016  -14.654 1.173   1.00 12.54 ? 120 ALA A CA  1 
ATOM   1047 C C   . ALA A 1 120 ? -4.211  -14.806 2.088   1.00 13.91 ? 120 ALA A C   1 
ATOM   1048 O O   . ALA A 1 120 ? -4.581  -13.877 2.799   1.00 13.53 ? 120 ALA A O   1 
ATOM   1049 C CB  . ALA A 1 120 ? -1.749  -15.045 1.908   1.00 13.91 ? 120 ALA A CB  1 
ATOM   1050 N N   A SER A 1 121 ? -4.822  -15.987 2.055   0.64 14.38 ? 121 SER A N   1 
ATOM   1051 N N   B SER A 1 121 ? -4.823  -15.985 2.056   0.36 14.72 ? 121 SER A N   1 
ATOM   1052 C CA  A SER A 1 121 ? -5.974  -16.276 2.898   0.64 16.20 ? 121 SER A CA  1 
ATOM   1053 C CA  B SER A 1 121 ? -5.980  -16.269 2.893   0.36 16.43 ? 121 SER A CA  1 
ATOM   1054 C C   A SER A 1 121 ? -5.582  -17.188 4.049   0.64 16.14 ? 121 SER A C   1 
ATOM   1055 C C   B SER A 1 121 ? -5.604  -17.199 4.040   0.36 16.37 ? 121 SER A C   1 
ATOM   1056 O O   A SER A 1 121 ? -4.741  -18.076 3.894   0.64 17.26 ? 121 SER A O   1 
ATOM   1057 O O   B SER A 1 121 ? -4.797  -18.116 3.869   0.36 17.16 ? 121 SER A O   1 
ATOM   1058 C CB  A SER A 1 121 ? -7.092  -16.934 2.085   0.64 17.25 ? 121 SER A CB  1 
ATOM   1059 C CB  B SER A 1 121 ? -7.101  -16.890 2.057   0.36 17.54 ? 121 SER A CB  1 
ATOM   1060 O OG  A SER A 1 121 ? -7.654  -16.028 1.154   0.64 19.75 ? 121 SER A OG  1 
ATOM   1061 O OG  B SER A 1 121 ? -6.642  -18.038 1.365   0.36 20.70 ? 121 SER A OG  1 
ATOM   1062 N N   . ALA A 1 122 ? -6.179  -16.942 5.209   1.00 16.21 ? 122 ALA A N   1 
ATOM   1063 C CA  . ALA A 1 122 ? -5.923  -17.747 6.395   1.00 16.71 ? 122 ALA A CA  1 
ATOM   1064 C C   . ALA A 1 122 ? -6.837  -18.972 6.378   1.00 17.61 ? 122 ALA A C   1 
ATOM   1065 O O   . ALA A 1 122 ? -7.692  -19.112 5.496   1.00 16.94 ? 122 ALA A O   1 
ATOM   1066 C CB  . ALA A 1 122 ? -6.165  -16.922 7.649   1.00 17.94 ? 122 ALA A CB  1 
ATOM   1067 N N   A SER A 1 123 ? -6.663  -19.848 7.364   0.41 18.33 ? 123 SER A N   1 
ATOM   1068 N N   B SER A 1 123 ? -6.660  -19.846 7.365   0.59 18.55 ? 123 SER A N   1 
ATOM   1069 C CA  A SER A 1 123 ? -7.466  -21.065 7.471   0.41 19.33 ? 123 SER A CA  1 
ATOM   1070 C CA  B SER A 1 123 ? -7.461  -21.063 7.479   0.59 19.73 ? 123 SER A CA  1 
ATOM   1071 C C   A SER A 1 123 ? -8.962  -20.767 7.563   0.41 19.72 ? 123 SER A C   1 
ATOM   1072 C C   B SER A 1 123 ? -8.958  -20.767 7.568   0.59 20.09 ? 123 SER A C   1 
ATOM   1073 O O   A SER A 1 123 ? -9.784  -21.541 7.074   0.41 20.51 ? 123 SER A O   1 
ATOM   1074 O O   B SER A 1 123 ? -9.778  -21.543 7.077   0.59 21.29 ? 123 SER A O   1 
ATOM   1075 C CB  A SER A 1 123 ? -7.027  -21.887 8.685   0.41 20.03 ? 123 SER A CB  1 
ATOM   1076 C CB  B SER A 1 123 ? -7.015  -21.877 8.697   0.59 20.80 ? 123 SER A CB  1 
ATOM   1077 O OG  A SER A 1 123 ? -7.091  -21.108 9.886   0.41 22.85 ? 123 SER A OG  1 
ATOM   1078 O OG  B SER A 1 123 ? -5.681  -22.309 8.554   0.59 21.42 ? 123 SER A OG  1 
ATOM   1079 N N   . ASP A 1 124 ? -9.307  -19.641 8.183   1.00 19.47 ? 124 ASP A N   1 
ATOM   1080 C CA  . ASP A 1 124 ? -10.705 -19.250 8.332   1.00 20.25 ? 124 ASP A CA  1 
ATOM   1081 C C   . ASP A 1 124 ? -11.274 -18.423 7.175   1.00 18.96 ? 124 ASP A C   1 
ATOM   1082 O O   . ASP A 1 124 ? -12.354 -17.843 7.295   1.00 19.54 ? 124 ASP A O   1 
ATOM   1083 C CB  . ASP A 1 124 ? -10.935 -18.536 9.672   1.00 22.25 ? 124 ASP A CB  1 
ATOM   1084 C CG  . ASP A 1 124 ? -10.086 -17.284 9.838   1.00 25.67 ? 124 ASP A CG  1 
ATOM   1085 O OD1 . ASP A 1 124 ? -10.030 -16.770 10.974  1.00 29.81 ? 124 ASP A OD1 1 
ATOM   1086 O OD2 . ASP A 1 124 ? -9.481  -16.806 8.853   1.00 24.18 ? 124 ASP A OD2 1 
ATOM   1087 N N   . GLY A 1 125 ? -10.531 -18.346 6.073   1.00 18.01 ? 125 GLY A N   1 
ATOM   1088 C CA  . GLY A 1 125 ? -10.998 -17.606 4.912   1.00 16.81 ? 125 GLY A CA  1 
ATOM   1089 C C   . GLY A 1 125 ? -10.744 -16.110 4.879   1.00 16.88 ? 125 GLY A C   1 
ATOM   1090 O O   . GLY A 1 125 ? -11.000 -15.472 3.862   1.00 17.61 ? 125 GLY A O   1 
ATOM   1091 N N   . SER A 1 126 ? -10.279 -15.537 5.984   1.00 16.94 ? 126 SER A N   1 
ATOM   1092 C CA  . SER A 1 126 ? -10.002 -14.101 6.010   1.00 15.80 ? 126 SER A CA  1 
ATOM   1093 C C   . SER A 1 126 ? -8.774  -13.841 5.143   1.00 15.65 ? 126 SER A C   1 
ATOM   1094 O O   . SER A 1 126 ? -7.901  -14.697 5.038   1.00 15.71 ? 126 SER A O   1 
ATOM   1095 C CB  . SER A 1 126 ? -9.759  -13.627 7.443   1.00 15.77 ? 126 SER A CB  1 
ATOM   1096 O OG  . SER A 1 126 ? -8.671  -14.316 8.027   1.00 19.52 ? 126 SER A OG  1 
ATOM   1097 N N   . SER A 1 127 ? -8.727  -12.687 4.485   1.00 13.47 ? 127 SER A N   1 
ATOM   1098 C CA  . SER A 1 127 ? -7.585  -12.387 3.631   1.00 13.52 ? 127 SER A CA  1 
ATOM   1099 C C   . SER A 1 127 ? -6.712  -11.255 4.138   1.00 11.98 ? 127 SER A C   1 
ATOM   1100 O O   . SER A 1 127 ? -7.183  -10.305 4.768   1.00 12.29 ? 127 SER A O   1 
ATOM   1101 C CB  . SER A 1 127 ? -8.006  -12.147 2.176   1.00 15.65 ? 127 SER A CB  1 
ATOM   1102 O OG  . SER A 1 127 ? -8.807  -10.996 2.036   1.00 16.82 ? 127 SER A OG  1 
ATOM   1103 N N   . PHE A 1 128 ? -5.426  -11.398 3.857   1.00 11.32 ? 128 PHE A N   1 
ATOM   1104 C CA  . PHE A 1 128 ? -4.405  -10.449 4.274   1.00 11.86 ? 128 PHE A CA  1 
ATOM   1105 C C   . PHE A 1 128 ? -3.710  -9.906  3.036   1.00 11.72 ? 128 PHE A C   1 
ATOM   1106 O O   . PHE A 1 128 ? -3.113  -10.657 2.268   1.00 11.04 ? 128 PHE A O   1 
ATOM   1107 C CB  . PHE A 1 128 ? -3.404  -11.164 5.191   1.00 11.57 ? 128 PHE A CB  1 
ATOM   1108 C CG  . PHE A 1 128 ? -4.011  -11.665 6.474   1.00 12.59 ? 128 PHE A CG  1 
ATOM   1109 C CD1 . PHE A 1 128 ? -4.880  -12.755 6.473   1.00 12.93 ? 128 PHE A CD1 1 
ATOM   1110 C CD2 . PHE A 1 128 ? -3.754  -11.018 7.678   1.00 13.12 ? 128 PHE A CD2 1 
ATOM   1111 C CE1 . PHE A 1 128 ? -5.488  -13.190 7.654   1.00 13.69 ? 128 PHE A CE1 1 
ATOM   1112 C CE2 . PHE A 1 128 ? -4.357  -11.448 8.866   1.00 14.54 ? 128 PHE A CE2 1 
ATOM   1113 C CZ  . PHE A 1 128 ? -5.226  -12.534 8.848   1.00 13.44 ? 128 PHE A CZ  1 
ATOM   1114 N N   . VAL A 1 129 ? -3.826  -8.596  2.839   1.00 11.16 ? 129 VAL A N   1 
ATOM   1115 C CA  . VAL A 1 129 ? -3.227  -7.936  1.688   1.00 11.38 ? 129 VAL A CA  1 
ATOM   1116 C C   . VAL A 1 129 ? -2.077  -7.043  2.120   1.00 11.74 ? 129 VAL A C   1 
ATOM   1117 O O   . VAL A 1 129 ? -2.181  -6.296  3.097   1.00 11.73 ? 129 VAL A O   1 
ATOM   1118 C CB  . VAL A 1 129 ? -4.277  -7.100  0.928   1.00 12.08 ? 129 VAL A CB  1 
ATOM   1119 C CG1 . VAL A 1 129 ? -3.617  -6.275  -0.176  1.00 13.42 ? 129 VAL A CG1 1 
ATOM   1120 C CG2 . VAL A 1 129 ? -5.334  -8.013  0.335   1.00 13.44 ? 129 VAL A CG2 1 
ATOM   1121 N N   . VAL A 1 130 ? -0.978  -7.140  1.381   1.00 10.07 ? 130 VAL A N   1 
ATOM   1122 C CA  . VAL A 1 130 ? 0.217   -6.353  1.655   1.00 11.42 ? 130 VAL A CA  1 
ATOM   1123 C C   . VAL A 1 130 ? 0.673   -5.617  0.401   1.00 11.80 ? 130 VAL A C   1 
ATOM   1124 O O   . VAL A 1 130 ? 0.803   -6.219  -0.663  1.00 11.91 ? 130 VAL A O   1 
ATOM   1125 C CB  . VAL A 1 130 ? 1.388   -7.264  2.116   1.00 11.43 ? 130 VAL A CB  1 
ATOM   1126 C CG1 . VAL A 1 130 ? 2.665   -6.439  2.327   1.00 13.36 ? 130 VAL A CG1 1 
ATOM   1127 C CG2 . VAL A 1 130 ? 1.014   -8.008  3.383   1.00 12.37 ? 130 VAL A CG2 1 
ATOM   1128 N N   . ALA A 1 131 ? 0.864   -4.306  0.515   1.00 12.03 ? 131 ALA A N   1 
ATOM   1129 C CA  . ALA A 1 131 ? 1.382   -3.523  -0.603  1.00 11.03 ? 131 ALA A CA  1 
ATOM   1130 C C   . ALA A 1 131 ? 2.702   -2.921  -0.136  1.00 11.40 ? 131 ALA A C   1 
ATOM   1131 O O   . ALA A 1 131 ? 2.782   -2.373  0.961   1.00 13.07 ? 131 ALA A O   1 
ATOM   1132 C CB  . ALA A 1 131 ? 0.414   -2.418  -1.004  1.00 12.91 ? 131 ALA A CB  1 
ATOM   1133 N N   . ARG A 1 132 ? 3.747   -3.090  -0.942  1.00 10.44 ? 132 ARG A N   1 
ATOM   1134 C CA  . ARG A 1 132 ? 5.071   -2.548  -0.641  1.00 11.39 ? 132 ARG A CA  1 
ATOM   1135 C C   . ARG A 1 132 ? 5.334   -1.403  -1.617  1.00 10.91 ? 132 ARG A C   1 
ATOM   1136 O O   . ARG A 1 132 ? 4.990   -1.503  -2.791  1.00 12.31 ? 132 ARG A O   1 
ATOM   1137 C CB  . ARG A 1 132 ? 6.136   -3.633  -0.817  1.00 12.89 ? 132 ARG A CB  1 
ATOM   1138 C CG  . ARG A 1 132 ? 6.104   -4.714  0.248   1.00 15.00 ? 132 ARG A CG  1 
ATOM   1139 C CD  . ARG A 1 132 ? 6.683   -4.201  1.555   1.00 16.66 ? 132 ARG A CD  1 
ATOM   1140 N NE  . ARG A 1 132 ? 6.516   -5.177  2.626   1.00 16.88 ? 132 ARG A NE  1 
ATOM   1141 C CZ  . ARG A 1 132 ? 7.291   -6.242  2.805   1.00 18.62 ? 132 ARG A CZ  1 
ATOM   1142 N NH1 . ARG A 1 132 ? 8.311   -6.482  1.990   1.00 21.63 ? 132 ARG A NH1 1 
ATOM   1143 N NH2 . ARG A 1 132 ? 7.016   -7.096  3.781   1.00 19.84 ? 132 ARG A NH2 1 
ATOM   1144 N N   . TYR A 1 133 ? 5.943   -0.325  -1.128  1.00 10.41 ? 133 TYR A N   1 
ATOM   1145 C CA  . TYR A 1 133 ? 6.228   0.846   -1.964  1.00 11.34 ? 133 TYR A CA  1 
ATOM   1146 C C   . TYR A 1 133 ? 7.694   1.259   -1.924  1.00 12.63 ? 133 TYR A C   1 
ATOM   1147 O O   . TYR A 1 133 ? 8.313   1.258   -0.861  1.00 12.56 ? 133 TYR A O   1 
ATOM   1148 C CB  . TYR A 1 133 ? 5.393   2.042   -1.495  1.00 11.48 ? 133 TYR A CB  1 
ATOM   1149 C CG  . TYR A 1 133 ? 3.901   1.802   -1.476  1.00 11.29 ? 133 TYR A CG  1 
ATOM   1150 C CD1 . TYR A 1 133 ? 3.140   1.918   -2.637  1.00 12.84 ? 133 TYR A CD1 1 
ATOM   1151 C CD2 . TYR A 1 133 ? 3.251   1.466   -0.291  1.00 12.75 ? 133 TYR A CD2 1 
ATOM   1152 C CE1 . TYR A 1 133 ? 1.761   1.706   -2.618  1.00 12.13 ? 133 TYR A CE1 1 
ATOM   1153 C CE2 . TYR A 1 133 ? 1.879   1.252   -0.262  1.00 13.04 ? 133 TYR A CE2 1 
ATOM   1154 C CZ  . TYR A 1 133 ? 1.140   1.374   -1.426  1.00 12.15 ? 133 TYR A CZ  1 
ATOM   1155 O OH  . TYR A 1 133 ? -0.219  1.155   -1.397  1.00 12.12 ? 133 TYR A OH  1 
ATOM   1156 N N   A PHE A 1 134 ? 8.239   1.624   -3.080  0.58 12.05 ? 134 PHE A N   1 
ATOM   1157 N N   B PHE A 1 134 ? 8.239   1.614   -3.086  0.42 11.94 ? 134 PHE A N   1 
ATOM   1158 C CA  A PHE A 1 134 ? 9.628   2.064   -3.150  0.58 14.01 ? 134 PHE A CA  1 
ATOM   1159 C CA  B PHE A 1 134 ? 9.628   2.058   -3.188  0.42 13.46 ? 134 PHE A CA  1 
ATOM   1160 C C   A PHE A 1 134 ? 9.787   3.230   -4.124  0.58 13.26 ? 134 PHE A C   1 
ATOM   1161 C C   B PHE A 1 134 ? 9.789   3.238   -4.142  0.42 13.11 ? 134 PHE A C   1 
ATOM   1162 O O   A PHE A 1 134 ? 9.298   3.182   -5.248  0.58 14.32 ? 134 PHE A O   1 
ATOM   1163 O O   B PHE A 1 134 ? 9.295   3.209   -5.266  0.42 13.99 ? 134 PHE A O   1 
ATOM   1164 C CB  A PHE A 1 134 ? 10.555  0.914   -3.553  0.58 14.90 ? 134 PHE A CB  1 
ATOM   1165 C CB  B PHE A 1 134 ? 10.555  0.929   -3.655  0.42 13.25 ? 134 PHE A CB  1 
ATOM   1166 C CG  A PHE A 1 134 ? 12.014  1.223   -3.349  0.58 17.15 ? 134 PHE A CG  1 
ATOM   1167 C CG  B PHE A 1 134 ? 11.985  1.372   -3.849  0.42 14.61 ? 134 PHE A CG  1 
ATOM   1168 C CD1 A PHE A 1 134 ? 12.641  0.905   -2.151  0.58 18.05 ? 134 PHE A CD1 1 
ATOM   1169 C CD1 B PHE A 1 134 ? 12.909  1.246   -2.817  0.42 14.89 ? 134 PHE A CD1 1 
ATOM   1170 C CD2 A PHE A 1 134 ? 12.746  1.873   -4.337  0.58 18.11 ? 134 PHE A CD2 1 
ATOM   1171 C CD2 B PHE A 1 134 ? 12.393  1.965   -5.043  0.42 14.62 ? 134 PHE A CD2 1 
ATOM   1172 C CE1 A PHE A 1 134 ? 13.976  1.232   -1.936  0.58 19.23 ? 134 PHE A CE1 1 
ATOM   1173 C CE1 B PHE A 1 134 ? 14.215  1.709   -2.969  0.42 16.31 ? 134 PHE A CE1 1 
ATOM   1174 C CE2 A PHE A 1 134 ? 14.083  2.206   -4.133  0.58 17.59 ? 134 PHE A CE2 1 
ATOM   1175 C CE2 B PHE A 1 134 ? 13.699  2.432   -5.203  0.42 15.49 ? 134 PHE A CE2 1 
ATOM   1176 C CZ  A PHE A 1 134 ? 14.699  1.887   -2.931  0.58 19.98 ? 134 PHE A CZ  1 
ATOM   1177 C CZ  B PHE A 1 134 ? 14.608  2.303   -4.164  0.42 15.56 ? 134 PHE A CZ  1 
ATOM   1178 N N   . PRO A 1 135 ? 10.467  4.307   -3.692  1.00 14.21 ? 135 PRO A N   1 
ATOM   1179 C CA  . PRO A 1 135 ? 11.067  4.465   -2.366  1.00 14.59 ? 135 PRO A CA  1 
ATOM   1180 C C   . PRO A 1 135 ? 9.963   4.663   -1.335  1.00 14.11 ? 135 PRO A C   1 
ATOM   1181 O O   . PRO A 1 135 ? 8.824   4.983   -1.696  1.00 15.59 ? 135 PRO A O   1 
ATOM   1182 C CB  . PRO A 1 135 ? 11.892  5.745   -2.518  1.00 15.55 ? 135 PRO A CB  1 
ATOM   1183 C CG  . PRO A 1 135 ? 12.230  5.761   -3.963  1.00 16.85 ? 135 PRO A CG  1 
ATOM   1184 C CD  . PRO A 1 135 ? 10.927  5.379   -4.588  1.00 15.42 ? 135 PRO A CD  1 
ATOM   1185 N N   . ALA A 1 136 ? 10.298  4.450   -0.069  1.00 15.77 ? 136 ALA A N   1 
ATOM   1186 C CA  . ALA A 1 136 ? 9.337   4.613   1.008   1.00 15.35 ? 136 ALA A CA  1 
ATOM   1187 C C   . ALA A 1 136 ? 8.850   6.054   1.067   1.00 16.01 ? 136 ALA A C   1 
ATOM   1188 O O   . ALA A 1 136 ? 9.636   6.995   0.912   1.00 17.39 ? 136 ALA A O   1 
ATOM   1189 C CB  . ALA A 1 136 ? 9.960   4.214   2.338   1.00 18.00 ? 136 ALA A CB  1 
ATOM   1190 N N   . GLY A 1 137 ? 7.542   6.210   1.220   1.00 14.63 ? 137 GLY A N   1 
ATOM   1191 C CA  . GLY A 1 137 ? 6.958   7.532   1.318   1.00 13.51 ? 137 GLY A CA  1 
ATOM   1192 C C   . GLY A 1 137 ? 6.749   7.897   2.774   1.00 11.98 ? 137 GLY A C   1 
ATOM   1193 O O   . GLY A 1 137 ? 7.392   7.328   3.666   1.00 12.94 ? 137 GLY A O   1 
ATOM   1194 N N   . ASN A 1 138 ? 5.829   8.827   3.018   1.00 12.20 ? 138 ASN A N   1 
ATOM   1195 C CA  . ASN A 1 138 ? 5.521   9.286   4.371   1.00 12.45 ? 138 ASN A CA  1 
ATOM   1196 C C   . ASN A 1 138 ? 6.771   9.780   5.102   1.00 12.69 ? 138 ASN A C   1 
ATOM   1197 O O   . ASN A 1 138 ? 6.984   9.474   6.279   1.00 14.29 ? 138 ASN A O   1 
ATOM   1198 C CB  . ASN A 1 138 ? 4.797   8.189   5.174   1.00 12.97 ? 138 ASN A CB  1 
ATOM   1199 C CG  . ASN A 1 138 ? 3.385   7.924   4.666   1.00 13.26 ? 138 ASN A CG  1 
ATOM   1200 O OD1 . ASN A 1 138 ? 2.766   6.905   4.993   1.00 14.65 ? 138 ASN A OD1 1 
ATOM   1201 N ND2 . ASN A 1 138 ? 2.864   8.849   3.878   1.00 11.73 ? 138 ASN A ND2 1 
ATOM   1202 N N   . VAL A 1 139 ? 7.616   10.506  4.371   1.00 11.52 ? 139 VAL A N   1 
ATOM   1203 C CA  . VAL A 1 139 ? 8.840   11.076  4.928   1.00 12.20 ? 139 VAL A CA  1 
ATOM   1204 C C   . VAL A 1 139 ? 8.360   12.299  5.700   1.00 13.14 ? 139 VAL A C   1 
ATOM   1205 O O   . VAL A 1 139 ? 7.756   13.207  5.131   1.00 14.22 ? 139 VAL A O   1 
ATOM   1206 C CB  . VAL A 1 139 ? 9.827   11.461  3.820   1.00 13.38 ? 139 VAL A CB  1 
ATOM   1207 C CG1 . VAL A 1 139 ? 11.125  11.959  4.431   1.00 14.24 ? 139 VAL A CG1 1 
ATOM   1208 C CG2 . VAL A 1 139 ? 10.089  10.251  2.924   1.00 14.18 ? 139 VAL A CG2 1 
ATOM   1209 N N   . VAL A 1 140 ? 8.633   12.306  7.000   1.00 15.81 ? 140 VAL A N   1 
ATOM   1210 C CA  . VAL A 1 140 ? 8.132   13.345  7.893   1.00 19.41 ? 140 VAL A CA  1 
ATOM   1211 C C   . VAL A 1 140 ? 8.756   14.729  7.981   1.00 22.38 ? 140 VAL A C   1 
ATOM   1212 O O   . VAL A 1 140 ? 8.108   15.656  8.475   1.00 23.28 ? 140 VAL A O   1 
ATOM   1213 C CB  . VAL A 1 140 ? 7.973   12.782  9.313   1.00 18.75 ? 140 VAL A CB  1 
ATOM   1214 C CG1 . VAL A 1 140 ? 7.085   11.538  9.284   1.00 20.06 ? 140 VAL A CG1 1 
ATOM   1215 C CG2 . VAL A 1 140 ? 9.337   12.453  9.906   1.00 18.25 ? 140 VAL A CG2 1 
ATOM   1216 N N   . ASN A 1 141 ? 9.993   14.888  7.523   1.00 23.90 ? 141 ASN A N   1 
ATOM   1217 C CA  . ASN A 1 141 ? 10.639  16.195  7.598   1.00 28.76 ? 141 ASN A CA  1 
ATOM   1218 C C   . ASN A 1 141 ? 9.858   17.302  6.900   1.00 28.66 ? 141 ASN A C   1 
ATOM   1219 O O   . ASN A 1 141 ? 9.058   17.039  5.998   1.00 28.70 ? 141 ASN A O   1 
ATOM   1220 C CB  . ASN A 1 141 ? 12.069  16.131  7.070   1.00 31.98 ? 141 ASN A CB  1 
ATOM   1221 C CG  . ASN A 1 141 ? 13.093  16.354  8.158   1.00 36.00 ? 141 ASN A CG  1 
ATOM   1222 O OD1 . ASN A 1 141 ? 13.205  15.559  9.093   1.00 38.50 ? 141 ASN A OD1 1 
ATOM   1223 N ND2 . ASN A 1 141 ? 13.830  17.454  8.058   1.00 38.23 ? 141 ASN A ND2 1 
ATOM   1224 N N   A GLU A 1 142 ? 10.101  18.538  7.327   0.57 28.80 ? 142 GLU A N   1 
ATOM   1225 N N   B GLU A 1 142 ? 10.095  18.538  7.329   0.43 28.58 ? 142 GLU A N   1 
ATOM   1226 C CA  A GLU A 1 142 ? 9.426   19.706  6.768   0.57 28.84 ? 142 GLU A CA  1 
ATOM   1227 C CA  B GLU A 1 142 ? 9.419   19.707  6.773   0.43 28.46 ? 142 GLU A CA  1 
ATOM   1228 C C   A GLU A 1 142 ? 9.567   19.796  5.253   0.57 27.38 ? 142 GLU A C   1 
ATOM   1229 C C   B GLU A 1 142 ? 9.566   19.804  5.257   0.43 27.20 ? 142 GLU A C   1 
ATOM   1230 O O   A GLU A 1 142 ? 10.660  19.629  4.706   0.57 27.69 ? 142 GLU A O   1 
ATOM   1231 O O   B GLU A 1 142 ? 10.663  19.653  4.715   0.43 27.52 ? 142 GLU A O   1 
ATOM   1232 C CB  A GLU A 1 142 ? 9.967   20.989  7.407   0.57 30.35 ? 142 GLU A CB  1 
ATOM   1233 C CB  B GLU A 1 142 ? 9.948   20.985  7.432   0.43 29.57 ? 142 GLU A CB  1 
ATOM   1234 C CG  A GLU A 1 142 ? 9.824   21.052  8.921   0.57 32.33 ? 142 GLU A CG  1 
ATOM   1235 C CG  B GLU A 1 142 ? 9.250   22.262  6.982   0.43 31.03 ? 142 GLU A CG  1 
ATOM   1236 C CD  A GLU A 1 142 ? 10.379  22.338  9.507   0.57 33.79 ? 142 GLU A CD  1 
ATOM   1237 C CD  B GLU A 1 142 ? 9.841   23.505  7.619   0.43 32.21 ? 142 GLU A CD  1 
ATOM   1238 O OE1 A GLU A 1 142 ? 11.572  22.637  9.278   0.57 34.45 ? 142 GLU A OE1 1 
ATOM   1239 O OE1 B GLU A 1 142 ? 9.317   23.947  8.665   0.43 32.64 ? 142 GLU A OE1 1 
ATOM   1240 O OE2 A GLU A 1 142 ? 9.624   23.051  10.201  0.57 33.95 ? 142 GLU A OE2 1 
ATOM   1241 O OE2 B GLU A 1 142 ? 10.826  24.044  7.073   0.43 32.81 ? 142 GLU A OE2 1 
ATOM   1242 N N   . GLY A 1 143 ? 8.444   20.040  4.583   1.00 26.60 ? 143 GLY A N   1 
ATOM   1243 C CA  . GLY A 1 143 ? 8.447   20.162  3.137   1.00 23.01 ? 143 GLY A CA  1 
ATOM   1244 C C   . GLY A 1 143 ? 8.145   18.910  2.336   1.00 20.16 ? 143 GLY A C   1 
ATOM   1245 O O   . GLY A 1 143 ? 7.627   19.012  1.224   1.00 19.81 ? 143 GLY A O   1 
ATOM   1246 N N   . PHE A 1 144 ? 8.434   17.735  2.892   1.00 17.55 ? 144 PHE A N   1 
ATOM   1247 C CA  . PHE A 1 144 ? 8.196   16.487  2.171   1.00 16.50 ? 144 PHE A CA  1 
ATOM   1248 C C   . PHE A 1 144 ? 6.747   16.219  1.786   1.00 14.81 ? 144 PHE A C   1 
ATOM   1249 O O   . PHE A 1 144 ? 6.474   15.843  0.649   1.00 14.27 ? 144 PHE A O   1 
ATOM   1250 C CB  . PHE A 1 144 ? 8.787   15.294  2.925   1.00 16.70 ? 144 PHE A CB  1 
ATOM   1251 C CG  . PHE A 1 144 ? 10.283  15.188  2.807   1.00 19.25 ? 144 PHE A CG  1 
ATOM   1252 C CD1 . PHE A 1 144 ? 11.112  15.714  3.790   1.00 21.60 ? 144 PHE A CD1 1 
ATOM   1253 C CD2 . PHE A 1 144 ? 10.863  14.566  1.706   1.00 20.61 ? 144 PHE A CD2 1 
ATOM   1254 C CE1 . PHE A 1 144 ? 12.503  15.623  3.678   1.00 22.70 ? 144 PHE A CE1 1 
ATOM   1255 C CE2 . PHE A 1 144 ? 12.252  14.470  1.585   1.00 22.34 ? 144 PHE A CE2 1 
ATOM   1256 C CZ  . PHE A 1 144 ? 13.071  15.001  2.574   1.00 23.05 ? 144 PHE A CZ  1 
ATOM   1257 N N   . PHE A 1 145 ? 5.819   16.410  2.718   1.00 14.54 ? 145 PHE A N   1 
ATOM   1258 C CA  . PHE A 1 145 ? 4.414   16.179  2.405   1.00 13.25 ? 145 PHE A CA  1 
ATOM   1259 C C   . PHE A 1 145 ? 3.857   17.191  1.410   1.00 15.24 ? 145 PHE A C   1 
ATOM   1260 O O   . PHE A 1 145 ? 3.100   16.828  0.510   1.00 16.10 ? 145 PHE A O   1 
ATOM   1261 C CB  . PHE A 1 145 ? 3.563   16.131  3.681   1.00 12.85 ? 145 PHE A CB  1 
ATOM   1262 C CG  . PHE A 1 145 ? 3.484   14.763  4.300   1.00 12.18 ? 145 PHE A CG  1 
ATOM   1263 C CD1 . PHE A 1 145 ? 4.595   14.191  4.913   1.00 12.27 ? 145 PHE A CD1 1 
ATOM   1264 C CD2 . PHE A 1 145 ? 2.304   14.034  4.244   1.00 11.74 ? 145 PHE A CD2 1 
ATOM   1265 C CE1 . PHE A 1 145 ? 4.533   12.908  5.458   1.00 11.82 ? 145 PHE A CE1 1 
ATOM   1266 C CE2 . PHE A 1 145 ? 2.232   12.754  4.785   1.00 12.29 ? 145 PHE A CE2 1 
ATOM   1267 C CZ  . PHE A 1 145 ? 3.346   12.190  5.391   1.00 12.91 ? 145 PHE A CZ  1 
ATOM   1268 N N   . GLU A 1 146 ? 4.267   18.450  1.536   1.00 18.20 ? 146 GLU A N   1 
ATOM   1269 C CA  . GLU A 1 146 ? 3.792   19.490  0.625   1.00 20.74 ? 146 GLU A CA  1 
ATOM   1270 C C   . GLU A 1 146 ? 4.234   19.201  -0.814  1.00 19.86 ? 146 GLU A C   1 
ATOM   1271 O O   . GLU A 1 146 ? 3.507   19.480  -1.768  1.00 21.78 ? 146 GLU A O   1 
ATOM   1272 C CB  . GLU A 1 146 ? 4.308   20.861  1.072   1.00 24.05 ? 146 GLU A CB  1 
ATOM   1273 C CG  . GLU A 1 146 ? 3.691   22.030  0.322   1.00 30.63 ? 146 GLU A CG  1 
ATOM   1274 C CD  . GLU A 1 146 ? 4.192   23.373  0.819   1.00 35.31 ? 146 GLU A CD  1 
ATOM   1275 O OE1 . GLU A 1 146 ? 3.951   23.702  2.002   1.00 37.69 ? 146 GLU A OE1 1 
ATOM   1276 O OE2 . GLU A 1 146 ? 4.824   24.103  0.024   1.00 38.75 ? 146 GLU A OE2 1 
ATOM   1277 N N   . GLU A 1 147 ? 5.411   18.598  -0.947  1.00 19.11 ? 147 GLU A N   1 
ATOM   1278 C CA  . GLU A 1 147 ? 5.982   18.259  -2.246  1.00 19.25 ? 147 GLU A CA  1 
ATOM   1279 C C   . GLU A 1 147 ? 5.475   16.937  -2.826  1.00 17.41 ? 147 GLU A C   1 
ATOM   1280 O O   . GLU A 1 147 ? 5.393   16.782  -4.047  1.00 17.94 ? 147 GLU A O   1 
ATOM   1281 C CB  . GLU A 1 147 ? 7.509   18.192  -2.123  1.00 23.41 ? 147 GLU A CB  1 
ATOM   1282 C CG  . GLU A 1 147 ? 8.238   17.793  -3.401  1.00 31.33 ? 147 GLU A CG  1 
ATOM   1283 C CD  . GLU A 1 147 ? 9.744   17.712  -3.220  1.00 36.61 ? 147 GLU A CD  1 
ATOM   1284 O OE1 . GLU A 1 147 ? 10.338  18.669  -2.676  1.00 39.90 ? 147 GLU A OE1 1 
ATOM   1285 O OE2 . GLU A 1 147 ? 10.338  16.690  -3.630  1.00 40.54 ? 147 GLU A OE2 1 
ATOM   1286 N N   . ASN A 1 148 ? 5.111   16.001  -1.954  1.00 14.78 ? 148 ASN A N   1 
ATOM   1287 C CA  . ASN A 1 148 ? 4.686   14.679  -2.406  1.00 13.42 ? 148 ASN A CA  1 
ATOM   1288 C C   . ASN A 1 148 ? 3.214   14.314  -2.340  1.00 12.71 ? 148 ASN A C   1 
ATOM   1289 O O   . ASN A 1 148 ? 2.784   13.376  -3.007  1.00 13.22 ? 148 ASN A O   1 
ATOM   1290 C CB  . ASN A 1 148 ? 5.516   13.614  -1.699  1.00 12.55 ? 148 ASN A CB  1 
ATOM   1291 C CG  . ASN A 1 148 ? 6.952   13.607  -2.165  1.00 13.35 ? 148 ASN A CG  1 
ATOM   1292 O OD1 . ASN A 1 148 ? 7.268   13.029  -3.204  1.00 14.53 ? 148 ASN A OD1 1 
ATOM   1293 N ND2 . ASN A 1 148 ? 7.824   14.283  -1.425  1.00 13.60 ? 148 ASN A ND2 1 
ATOM   1294 N N   . VAL A 1 149 ? 2.454   15.019  -1.512  1.00 13.60 ? 149 VAL A N   1 
ATOM   1295 C CA  . VAL A 1 149 ? 1.023   14.762  -1.384  1.00 13.27 ? 149 VAL A CA  1 
ATOM   1296 C C   . VAL A 1 149 ? 0.326   16.003  -1.932  1.00 15.00 ? 149 VAL A C   1 
ATOM   1297 O O   . VAL A 1 149 ? 0.204   17.019  -1.249  1.00 16.05 ? 149 VAL A O   1 
ATOM   1298 C CB  . VAL A 1 149 ? 0.633   14.496  0.086   1.00 12.04 ? 149 VAL A CB  1 
ATOM   1299 C CG1 . VAL A 1 149 ? -0.861  14.205  0.197   1.00 15.04 ? 149 VAL A CG1 1 
ATOM   1300 C CG2 . VAL A 1 149 ? 1.437   13.314  0.629   1.00 13.12 ? 149 VAL A CG2 1 
ATOM   1301 N N   . LEU A 1 150 ? -0.096  15.910  -3.188  1.00 15.54 ? 150 LEU A N   1 
ATOM   1302 C CA  . LEU A 1 150 ? -0.729  17.023  -3.887  1.00 17.37 ? 150 LEU A CA  1 
ATOM   1303 C C   . LEU A 1 150 ? -2.247  16.976  -3.831  1.00 19.26 ? 150 LEU A C   1 
ATOM   1304 O O   . LEU A 1 150 ? -2.838  15.907  -3.738  1.00 17.87 ? 150 LEU A O   1 
ATOM   1305 C CB  . LEU A 1 150 ? -0.270  17.023  -5.349  1.00 18.01 ? 150 LEU A CB  1 
ATOM   1306 C CG  . LEU A 1 150 ? 1.239   16.896  -5.595  1.00 20.02 ? 150 LEU A CG  1 
ATOM   1307 C CD1 . LEU A 1 150 ? 1.532   16.953  -7.088  1.00 21.58 ? 150 LEU A CD1 1 
ATOM   1308 C CD2 . LEU A 1 150 ? 1.992   17.995  -4.860  1.00 21.60 ? 150 LEU A CD2 1 
ATOM   1309 N N   . PRO A 1 151 ? -2.899  18.150  -3.854  1.00 20.52 ? 151 PRO A N   1 
ATOM   1310 C CA  . PRO A 1 151 ? -4.362  18.186  -3.812  1.00 21.44 ? 151 PRO A CA  1 
ATOM   1311 C C   . PRO A 1 151 ? -4.951  17.599  -5.094  1.00 23.13 ? 151 PRO A C   1 
ATOM   1312 O O   . PRO A 1 151 ? -4.318  17.636  -6.153  1.00 23.22 ? 151 PRO A O   1 
ATOM   1313 C CB  . PRO A 1 151 ? -4.662  19.680  -3.674  1.00 22.52 ? 151 PRO A CB  1 
ATOM   1314 C CG  . PRO A 1 151 ? -3.497  20.331  -4.348  1.00 23.00 ? 151 PRO A CG  1 
ATOM   1315 C CD  . PRO A 1 151 ? -2.336  19.511  -3.853  1.00 21.46 ? 151 PRO A CD  1 
ATOM   1316 N N   . PRO A 1 152 ? -6.143  16.994  -5.003  1.00 24.77 ? 152 PRO A N   1 
ATOM   1317 C CA  . PRO A 1 152 ? -6.789  16.403  -6.178  1.00 27.66 ? 152 PRO A CA  1 
ATOM   1318 C C   . PRO A 1 152 ? -7.189  17.460  -7.211  1.00 30.07 ? 152 PRO A C   1 
ATOM   1319 O O   . PRO A 1 152 ? -7.700  18.527  -6.806  1.00 31.11 ? 152 PRO A O   1 
ATOM   1320 C CB  . PRO A 1 152 ? -8.003  15.693  -5.575  1.00 28.04 ? 152 PRO A CB  1 
ATOM   1321 C CG  . PRO A 1 152 ? -8.322  16.525  -4.369  1.00 27.60 ? 152 PRO A CG  1 
ATOM   1322 C CD  . PRO A 1 152 ? -6.959  16.794  -3.793  1.00 26.53 ? 152 PRO A CD  1 
HETATM 1323 O O   . HOH B 2 .   ? -9.341  -8.325  -7.939  1.00 12.81 ? 155 HOH A O   1 
HETATM 1324 O O   . HOH B 2 .   ? 11.869  1.225   -14.411 1.00 12.38 ? 156 HOH A O   1 
HETATM 1325 O O   . HOH B 2 .   ? 4.679   5.622   -0.790  1.00 13.60 ? 157 HOH A O   1 
HETATM 1326 O O   . HOH B 2 .   ? 5.254   15.771  8.256   1.00 15.45 ? 158 HOH A O   1 
HETATM 1327 O O   . HOH B 2 .   ? 5.406   4.462   1.553   1.00 15.49 ? 159 HOH A O   1 
HETATM 1328 O O   . HOH B 2 .   ? 0.247   13.324  -4.433  1.00 16.30 ? 160 HOH A O   1 
HETATM 1329 O O   . HOH B 2 .   ? 0.197   17.877  1.350   1.00 16.46 ? 161 HOH A O   1 
HETATM 1330 O O   . HOH B 2 .   ? -0.270  10.760  6.494   1.00 15.03 ? 162 HOH A O   1 
HETATM 1331 O O   . HOH B 2 .   ? 12.416  5.601   5.051   1.00 18.46 ? 163 HOH A O   1 
HETATM 1332 O O   . HOH B 2 .   ? -14.692 -14.713 0.044   1.00 20.16 ? 164 HOH A O   1 
HETATM 1333 O O   . HOH B 2 .   ? 2.070   -11.736 12.569  1.00 21.66 ? 165 HOH A O   1 
HETATM 1334 O O   . HOH B 2 .   ? 12.241  12.997  7.707   1.00 19.88 ? 166 HOH A O   1 
HETATM 1335 O O   . HOH B 2 .   ? -14.280 -7.713  7.001   1.00 21.30 ? 167 HOH A O   1 
HETATM 1336 O O   . HOH B 2 .   ? 1.598   3.436   4.878   1.00 16.79 ? 168 HOH A O   1 
HETATM 1337 O O   . HOH B 2 .   ? 4.264   3.477   4.026   1.00 19.92 ? 169 HOH A O   1 
HETATM 1338 O O   . HOH B 2 .   ? 9.693   6.654   5.093   1.00 19.67 ? 170 HOH A O   1 
HETATM 1339 O O   . HOH B 2 .   ? 6.350   17.089  5.579   1.00 19.36 ? 171 HOH A O   1 
HETATM 1340 O O   . HOH B 2 .   ? 5.296   19.465  4.201   1.00 22.51 ? 172 HOH A O   1 
HETATM 1341 O O   . HOH B 2 .   ? -10.824 -5.390  -8.355  1.00 21.41 ? 173 HOH A O   1 
HETATM 1342 O O   . HOH B 2 .   ? -2.755  -6.887  15.460  1.00 23.97 ? 174 HOH A O   1 
HETATM 1343 O O   . HOH B 2 .   ? -7.669  -3.505  7.369   1.00 26.62 ? 175 HOH A O   1 
HETATM 1344 O O   . HOH B 2 .   ? -6.420  -10.719 12.378  1.00 24.54 ? 176 HOH A O   1 
HETATM 1345 O O   . HOH B 2 .   ? 3.592   15.508  -10.271 1.00 23.72 ? 177 HOH A O   1 
HETATM 1346 O O   . HOH B 2 .   ? -13.494 -0.623  -0.186  1.00 21.93 ? 178 HOH A O   1 
HETATM 1347 O O   . HOH B 2 .   ? -3.066  -3.128  -14.379 1.00 24.17 ? 179 HOH A O   1 
HETATM 1348 O O   . HOH B 2 .   ? -12.439 -5.217  6.456   1.00 27.01 ? 180 HOH A O   1 
HETATM 1349 O O   . HOH B 2 .   ? -11.687 6.880   5.393   1.00 19.89 ? 181 HOH A O   1 
HETATM 1350 O O   . HOH B 2 .   ? 10.962  14.102  -2.057  1.00 28.41 ? 182 HOH A O   1 
HETATM 1351 O O   . HOH B 2 .   ? 7.327   -0.636  13.277  1.00 26.39 ? 183 HOH A O   1 
HETATM 1352 O O   . HOH B 2 .   ? -4.235  -19.455 9.047   1.00 23.26 ? 184 HOH A O   1 
HETATM 1353 O O   . HOH B 2 .   ? 9.162   -2.676  -12.743 1.00 23.48 ? 185 HOH A O   1 
HETATM 1354 O O   . HOH B 2 .   ? -13.162 -15.195 7.634   1.00 21.93 ? 186 HOH A O   1 
HETATM 1355 O O   . HOH B 2 .   ? -9.146  16.529  2.125   1.00 29.01 ? 187 HOH A O   1 
HETATM 1356 O O   . HOH B 2 .   ? 0.796   19.662  -1.776  1.00 25.52 ? 188 HOH A O   1 
HETATM 1357 O O   . HOH B 2 .   ? -3.945  -17.920 -0.018  1.00 32.30 ? 189 HOH A O   1 
HETATM 1358 O O   . HOH B 2 .   ? -9.002  -1.681  -10.085 1.00 27.07 ? 190 HOH A O   1 
HETATM 1359 O O   . HOH B 2 .   ? 7.495   4.046   -12.038 1.00 28.31 ? 191 HOH A O   1 
HETATM 1360 O O   . HOH B 2 .   ? -17.130 -12.730 5.224   1.00 26.71 ? 192 HOH A O   1 
HETATM 1361 O O   . HOH B 2 .   ? 2.910   -12.609 15.276  1.00 31.29 ? 193 HOH A O   1 
HETATM 1362 O O   . HOH B 2 .   ? -11.939 5.786   -1.990  1.00 24.32 ? 194 HOH A O   1 
HETATM 1363 O O   . HOH B 2 .   ? 8.272   2.258   6.105   1.00 25.65 ? 195 HOH A O   1 
HETATM 1364 O O   . HOH B 2 .   ? 12.363  7.086   1.714   1.00 31.17 ? 196 HOH A O   1 
HETATM 1365 O O   . HOH B 2 .   ? 5.726   7.329   -9.884  1.00 20.96 ? 197 HOH A O   1 
HETATM 1366 O O   . HOH B 2 .   ? -10.832 2.498   -7.940  1.00 34.34 ? 198 HOH A O   1 
HETATM 1367 O O   . HOH B 2 .   ? -1.213  10.943  13.897  1.00 30.40 ? 199 HOH A O   1 
HETATM 1368 O O   . HOH B 2 .   ? 4.752   -11.359 -9.736  1.00 28.49 ? 200 HOH A O   1 
HETATM 1369 O O   . HOH B 2 .   ? -8.139  19.996  2.748   1.00 31.82 ? 201 HOH A O   1 
HETATM 1370 O O   . HOH B 2 .   ? 8.872   -10.978 2.688   1.00 34.72 ? 202 HOH A O   1 
HETATM 1371 O O   . HOH B 2 .   ? -7.791  2.879   5.150   1.00 27.30 ? 203 HOH A O   1 
HETATM 1372 O O   . HOH B 2 .   ? 11.784  -7.976  -10.400 1.00 25.43 ? 204 HOH A O   1 
HETATM 1373 O O   . HOH B 2 .   ? -7.175  -13.207 -5.944  1.00 33.72 ? 205 HOH A O   1 
HETATM 1374 O O   . HOH B 2 .   ? -2.027  1.356   -14.537 1.00 31.12 ? 206 HOH A O   1 
HETATM 1375 O O   . HOH B 2 .   ? -10.372 12.620  -4.647  1.00 33.38 ? 207 HOH A O   1 
HETATM 1376 O O   . HOH B 2 .   ? -4.140  16.206  7.844   1.00 28.76 ? 208 HOH A O   1 
HETATM 1377 O O   . HOH B 2 .   ? 8.679   -9.073  4.843   1.00 31.10 ? 209 HOH A O   1 
HETATM 1378 O O   . HOH B 2 .   ? -1.245  -16.796 16.048  1.00 32.10 ? 210 HOH A O   1 
HETATM 1379 O O   . HOH B 2 .   ? 13.010  3.478   0.479   1.00 28.43 ? 211 HOH A O   1 
HETATM 1380 O O   . HOH B 2 .   ? -15.898 -1.525  -1.358  1.00 26.17 ? 212 HOH A O   1 
HETATM 1381 O O   . HOH B 2 .   ? 2.506   16.441  13.910  1.00 41.18 ? 213 HOH A O   1 
HETATM 1382 O O   . HOH B 2 .   ? 7.398   -8.269  11.538  1.00 38.16 ? 214 HOH A O   1 
HETATM 1383 O O   . HOH B 2 .   ? 16.825  2.324   8.324   1.00 31.77 ? 215 HOH A O   1 
HETATM 1384 O O   . HOH B 2 .   ? 4.328   -12.879 -6.488  1.00 32.07 ? 216 HOH A O   1 
HETATM 1385 O O   . HOH B 2 .   ? -8.116  8.942   -12.744 1.00 32.75 ? 217 HOH A O   1 
HETATM 1386 O O   . HOH B 2 .   ? 6.645   -15.154 -2.788  1.00 35.43 ? 218 HOH A O   1 
HETATM 1387 O O   . HOH B 2 .   ? 1.037   5.192   12.035  1.00 27.83 ? 219 HOH A O   1 
HETATM 1388 O O   . HOH B 2 .   ? 1.126   4.773   7.424   1.00 33.51 ? 220 HOH A O   1 
HETATM 1389 O O   . HOH B 2 .   ? 3.972   -3.437  13.584  1.00 42.17 ? 221 HOH A O   1 
HETATM 1390 O O   . HOH B 2 .   ? -10.380 -15.859 1.354   1.00 31.82 ? 222 HOH A O   1 
HETATM 1391 O O   . HOH B 2 .   ? 5.969   5.780   -13.781 1.00 31.78 ? 223 HOH A O   1 
HETATM 1392 O O   . HOH B 2 .   ? 4.548   -10.846 11.223  1.00 41.70 ? 224 HOH A O   1 
HETATM 1393 O O   . HOH B 2 .   ? -7.655  -20.143 2.984   1.00 25.78 ? 225 HOH A O   1 
HETATM 1394 O O   . HOH B 2 .   ? 5.595   18.628  -6.154  1.00 29.44 ? 226 HOH A O   1 
HETATM 1395 O O   . HOH B 2 .   ? 4.511   1.132   6.431   1.00 47.36 ? 227 HOH A O   1 
HETATM 1396 O O   . HOH B 2 .   ? -11.069 6.012   -12.639 1.00 61.40 ? 228 HOH A O   1 
HETATM 1397 O O   . HOH B 2 .   ? 2.028   16.223  10.787  1.00 43.77 ? 229 HOH A O   1 
HETATM 1398 O O   . HOH B 2 .   ? 6.073   -16.607 4.298   1.00 32.50 ? 230 HOH A O   1 
HETATM 1399 O O   . HOH B 2 .   ? 0.755   -8.780  -13.529 1.00 37.43 ? 231 HOH A O   1 
HETATM 1400 O O   . HOH B 2 .   ? -10.882 -14.202 10.870  1.00 34.34 ? 232 HOH A O   1 
HETATM 1401 O O   . HOH B 2 .   ? -6.637  -14.796 -0.935  1.00 38.00 ? 233 HOH A O   1 
HETATM 1402 O O   . HOH B 2 .   ? 2.014   -11.627 -5.110  1.00 34.20 ? 234 HOH A O   1 
HETATM 1403 O O   . HOH B 2 .   ? 4.860   -16.769 -15.808 1.00 60.83 ? 235 HOH A O   1 
HETATM 1404 O O   . HOH B 2 .   ? 5.234   -15.323 -5.252  1.00 38.91 ? 236 HOH A O   1 
HETATM 1405 O O   . HOH B 2 .   ? 7.208   -12.554 -8.959  1.00 46.07 ? 237 HOH A O   1 
HETATM 1406 O O   . HOH B 2 .   ? 5.269   -16.975 -1.078  1.00 47.08 ? 238 HOH A O   1 
HETATM 1407 O O   . HOH B 2 .   ? 4.350   -18.384 6.079   1.00 42.65 ? 239 HOH A O   1 
HETATM 1408 O O   . HOH B 2 .   ? -0.093  -18.804 4.804   1.00 31.35 ? 240 HOH A O   1 
HETATM 1409 O O   . HOH B 2 .   ? -1.571  -1.123  -15.941 1.00 36.43 ? 241 HOH A O   1 
HETATM 1410 O O   . HOH B 2 .   ? 7.570   -3.503  14.473  1.00 44.01 ? 242 HOH A O   1 
HETATM 1411 O O   . HOH B 2 .   ? -5.964  -8.456  -15.601 1.00 41.05 ? 243 HOH A O   1 
HETATM 1412 O O   . HOH B 2 .   ? -10.407 0.825   -10.433 1.00 37.14 ? 244 HOH A O   1 
HETATM 1413 O O   . HOH B 2 .   ? 3.635   18.482  -9.955  1.00 45.62 ? 245 HOH A O   1 
HETATM 1414 O O   . HOH B 2 .   ? 10.138  3.647   -13.465 1.00 41.74 ? 246 HOH A O   1 
HETATM 1415 O O   . HOH B 2 .   ? -13.563 -13.790 10.087  1.00 46.26 ? 247 HOH A O   1 
HETATM 1416 O O   . HOH B 2 .   ? 11.685  -2.030  -15.102 1.00 33.23 ? 248 HOH A O   1 
HETATM 1417 O O   . HOH B 2 .   ? 15.351  -9.104  -2.277  1.00 53.41 ? 249 HOH A O   1 
HETATM 1418 O O   . HOH B 2 .   ? -1.072  -17.675 -1.385  1.00 49.97 ? 250 HOH A O   1 
HETATM 1419 O O   . HOH B 2 .   ? 6.166   -18.061 1.630   1.00 48.09 ? 251 HOH A O   1 
HETATM 1420 O O   . HOH B 2 .   ? -2.080  -18.677 2.417   1.00 49.81 ? 252 HOH A O   1 
HETATM 1421 O O   . HOH B 2 .   ? -9.869  -18.484 16.191  1.00 34.49 ? 253 HOH A O   1 
HETATM 1422 O O   . HOH B 2 .   ? -11.466 -18.863 13.571  1.00 47.11 ? 254 HOH A O   1 
HETATM 1423 O O   . HOH B 2 .   ? 4.391   -0.553  12.704  1.00 39.47 ? 255 HOH A O   1 
HETATM 1424 O O   . HOH B 2 .   ? 9.158   -11.029 7.321   1.00 41.71 ? 256 HOH A O   1 
HETATM 1425 O O   . HOH B 2 .   ? 18.462  -3.863  7.251   1.00 49.92 ? 257 HOH A O   1 
HETATM 1426 O O   . HOH B 2 .   ? 15.102  -5.829  6.824   1.00 40.29 ? 258 HOH A O   1 
HETATM 1427 O O   . HOH B 2 .   ? -0.902  -0.781  7.226   1.00 33.75 ? 259 HOH A O   1 
HETATM 1428 O O   . HOH B 2 .   ? -5.052  -2.038  7.754   1.00 42.97 ? 260 HOH A O   1 
HETATM 1429 O O   . HOH B 2 .   ? -7.481  0.038   5.974   1.00 42.38 ? 261 HOH A O   1 
HETATM 1430 O O   . HOH B 2 .   ? -14.108 4.036   -1.561  1.00 32.26 ? 262 HOH A O   1 
HETATM 1431 O O   . HOH B 2 .   ? -1.343  16.972  8.321   1.00 47.98 ? 263 HOH A O   1 
HETATM 1432 O O   . HOH B 2 .   ? -0.879  20.400  0.646   1.00 31.56 ? 264 HOH A O   1 
HETATM 1433 O O   . HOH B 2 .   ? 4.344   17.924  10.015  1.00 43.57 ? 265 HOH A O   1 
HETATM 1434 O O   . HOH B 2 .   ? -4.269  10.110  12.901  1.00 34.89 ? 266 HOH A O   1 
HETATM 1435 O O   . HOH B 2 .   ? -5.854  12.176  10.468  1.00 43.43 ? 267 HOH A O   1 
HETATM 1436 O O   . HOH B 2 .   ? -3.916  4.748   8.171   1.00 38.45 ? 268 HOH A O   1 
HETATM 1437 O O   . HOH B 2 .   ? -0.751  4.427   9.576   1.00 46.74 ? 269 HOH A O   1 
HETATM 1438 O O   . HOH B 2 .   ? 10.122  8.861   -1.224  1.00 32.08 ? 270 HOH A O   1 
HETATM 1439 O O   . HOH B 2 .   ? 10.330  11.577  -0.794  1.00 29.72 ? 271 HOH A O   1 
HETATM 1440 O O   . HOH B 2 .   ? 12.405  8.454   -6.076  1.00 50.75 ? 272 HOH A O   1 
HETATM 1441 O O   . HOH B 2 .   ? 9.396   16.434  -6.582  1.00 50.97 ? 273 HOH A O   1 
HETATM 1442 O O   . HOH B 2 .   ? 14.526  6.580   -6.537  1.00 51.11 ? 274 HOH A O   1 
HETATM 1443 O O   . HOH B 2 .   ? -13.417 -17.148 11.745  1.00 40.52 ? 275 HOH A O   1 
HETATM 1444 O O   . HOH B 2 .   ? -0.905  8.139   -12.649 1.00 38.55 ? 276 HOH A O   1 
HETATM 1445 O O   . HOH B 2 .   ? -5.087  -22.338 3.670   1.00 52.88 ? 277 HOH A O   1 
HETATM 1446 O O   . HOH B 2 .   ? -7.638  -15.187 10.075  1.00 55.33 ? 278 HOH A O   1 
HETATM 1447 O O   . HOH B 2 .   ? 0.188   21.927  -3.741  1.00 51.33 ? 279 HOH A O   1 
HETATM 1448 O O   . HOH B 2 .   ? 4.872   22.406  4.778   1.00 45.58 ? 280 HOH A O   1 
HETATM 1449 O O   . HOH B 2 .   ? 7.184   21.483  -3.278  1.00 58.50 ? 281 HOH A O   1 
# 
